data_4R2D
# 
_entry.id   4R2D 
# 
_audit_conform.dict_name       mmcif_pdbx.dic 
_audit_conform.dict_version    5.379 
_audit_conform.dict_location   http://mmcif.pdb.org/dictionaries/ascii/mmcif_pdbx.dic 
# 
loop_
_database_2.database_id 
_database_2.database_code 
_database_2.pdbx_database_accession 
_database_2.pdbx_DOI 
PDB   4R2D         pdb_00004r2d 10.2210/pdb4r2d/pdb 
NDB   NA3131       ?            ?                   
RCSB  RCSB086811   ?            ?                   
WWPDB D_1000086811 ?            ?                   
# 
loop_
_pdbx_database_related.db_name 
_pdbx_database_related.db_id 
_pdbx_database_related.details 
_pdbx_database_related.content_type 
PDB 4R2A . unspecified 
PDB 4R2C . unspecified 
PDB 4R2E . unspecified 
PDB 4R2P . unspecified 
PDB 4R2Q . unspecified 
PDB 4R2R . unspecified 
PDB 4R2S . unspecified 
# 
_pdbx_database_status.status_code                     REL 
_pdbx_database_status.entry_id                        4R2D 
_pdbx_database_status.recvd_initial_deposition_date   2014-08-11 
_pdbx_database_status.deposit_site                    RCSB 
_pdbx_database_status.process_site                    RCSB 
_pdbx_database_status.methods_development_category    ? 
_pdbx_database_status.status_code_sf                  REL 
_pdbx_database_status.status_code_mr                  ? 
_pdbx_database_status.SG_entry                        ? 
_pdbx_database_status.status_code_cs                  ? 
_pdbx_database_status.pdb_format_compatible           Y 
_pdbx_database_status.status_code_nmr_data            ? 
# 
loop_
_audit_author.name 
_audit_author.pdbx_ordinal 
'Hashimoto, H.'    1 
'Olanrewaju, Y.O.' 2 
'Zheng, Y.'        3 
'Wilson, G.G.'     4 
'Zhang, X.'        5 
'Cheng, X.'        6 
# 
_citation.id                        primary 
_citation.title                     'Wilms tumor protein recognizes 5-carboxylcytosine within a specific DNA sequence.' 
_citation.journal_abbrev            'Genes Dev.' 
_citation.journal_volume            28 
_citation.page_first                2304 
_citation.page_last                 2313 
_citation.year                      2014 
_citation.journal_id_ASTM           GEDEEP 
_citation.country                   US 
_citation.journal_id_ISSN           0890-9369 
_citation.journal_id_CSD            2056 
_citation.book_publisher            ? 
_citation.pdbx_database_id_PubMed   25258363 
_citation.pdbx_database_id_DOI      10.1101/gad.250746.114 
# 
loop_
_citation_author.citation_id 
_citation_author.name 
_citation_author.ordinal 
_citation_author.identifier_ORCID 
primary 'Hashimoto, H.'    1 ? 
primary 'Olanrewaju, Y.O.' 2 ? 
primary 'Zheng, Y.'        3 ? 
primary 'Wilson, G.G.'     4 ? 
primary 'Zhang, X.'        5 ? 
primary 'Cheng, X.'        6 ? 
# 
_cell.entry_id           4R2D 
_cell.length_a           43.948 
_cell.length_b           55.912 
_cell.length_c           127.921 
_cell.angle_alpha        90.00 
_cell.angle_beta         90.00 
_cell.angle_gamma        90.00 
_cell.Z_PDB              8 
_cell.pdbx_unique_axis   ? 
_cell.length_a_esd       ? 
_cell.length_b_esd       ? 
_cell.length_c_esd       ? 
_cell.angle_alpha_esd    ? 
_cell.angle_beta_esd     ? 
_cell.angle_gamma_esd    ? 
# 
_symmetry.entry_id                         4R2D 
_symmetry.space_group_name_H-M             'C 2 2 21' 
_symmetry.pdbx_full_space_group_name_H-M   ? 
_symmetry.cell_setting                     ? 
_symmetry.Int_Tables_number                20 
_symmetry.space_group_name_Hall            ? 
# 
loop_
_entity.id 
_entity.type 
_entity.src_method 
_entity.pdbx_description 
_entity.formula_weight 
_entity.pdbx_number_of_molecules 
_entity.pdbx_ec 
_entity.pdbx_mutation 
_entity.pdbx_fragment 
_entity.details 
1 polymer     man 'Early growth response protein 1'                     11133.757 1  ? ? 'Zinc Finger 1-3' ? 
2 polymer     syn 
;DNA (5'-D(*AP*GP*CP*GP*TP*GP*GP*GP*(5FC)P*GP*T)-3')
;
3458.243  1  ? ? ?                 ? 
3 polymer     syn 
;DNA (5'-D(*TP*AP*(5FC)P*GP*CP*CP*CP*AP*CP*GP*C)-3')
;
3307.161  1  ? ? ?                 ? 
4 non-polymer syn 'ZINC ION'                                            65.409    3  ? ? ?                 ? 
5 water       nat water                                                 18.015    83 ? ? ?                 ? 
# 
_entity_name_com.entity_id   1 
_entity_name_com.name        
;EGR-1, AT225, Nerve growth factor-induced protein A, NGFI-A, Transcription factor ETR103, Transcription factor Zif268, Zinc finger protein 225, Zinc finger protein Krox-24
;
# 
loop_
_entity_poly.entity_id 
_entity_poly.type 
_entity_poly.nstd_linkage 
_entity_poly.nstd_monomer 
_entity_poly.pdbx_seq_one_letter_code 
_entity_poly.pdbx_seq_one_letter_code_can 
_entity_poly.pdbx_strand_id 
_entity_poly.pdbx_target_identifier 
1 'polypeptide(L)'        no no  
;GPLGSERPYACPVESCDRRFSRSDELTRHIRIHTGQKPFQCRICMRNFSRSDHLTTHIRTHTGEKPFACDICGRKFARSD
ERKRHTKIHLRQKD
;
;GPLGSERPYACPVESCDRRFSRSDELTRHIRIHTGQKPFQCRICMRNFSRSDHLTTHIRTHTGEKPFACDICGRKFARSD
ERKRHTKIHLRQKD
;
A ? 
2 polydeoxyribonucleotide no yes '(DA)(DG)(DC)(DG)(DT)(DG)(DG)(DG)(5FC)(DG)(DT)'                                                   
AGCGTGGGCGT                                                                                       B ? 
3 polydeoxyribonucleotide no yes '(DT)(DA)(5FC)(DG)(DC)(DC)(DC)(DA)(DC)(DG)(DC)'                                                   
TACGCCCACGC                                                                                       C ? 
# 
loop_
_entity_poly_seq.entity_id 
_entity_poly_seq.num 
_entity_poly_seq.mon_id 
_entity_poly_seq.hetero 
1 1  GLY n 
1 2  PRO n 
1 3  LEU n 
1 4  GLY n 
1 5  SER n 
1 6  GLU n 
1 7  ARG n 
1 8  PRO n 
1 9  TYR n 
1 10 ALA n 
1 11 CYS n 
1 12 PRO n 
1 13 VAL n 
1 14 GLU n 
1 15 SER n 
1 16 CYS n 
1 17 ASP n 
1 18 ARG n 
1 19 ARG n 
1 20 PHE n 
1 21 SER n 
1 22 ARG n 
1 23 SER n 
1 24 ASP n 
1 25 GLU n 
1 26 LEU n 
1 27 THR n 
1 28 ARG n 
1 29 HIS n 
1 30 ILE n 
1 31 ARG n 
1 32 ILE n 
1 33 HIS n 
1 34 THR n 
1 35 GLY n 
1 36 GLN n 
1 37 LYS n 
1 38 PRO n 
1 39 PHE n 
1 40 GLN n 
1 41 CYS n 
1 42 ARG n 
1 43 ILE n 
1 44 CYS n 
1 45 MET n 
1 46 ARG n 
1 47 ASN n 
1 48 PHE n 
1 49 SER n 
1 50 ARG n 
1 51 SER n 
1 52 ASP n 
1 53 HIS n 
1 54 LEU n 
1 55 THR n 
1 56 THR n 
1 57 HIS n 
1 58 ILE n 
1 59 ARG n 
1 60 THR n 
1 61 HIS n 
1 62 THR n 
1 63 GLY n 
1 64 GLU n 
1 65 LYS n 
1 66 PRO n 
1 67 PHE n 
1 68 ALA n 
1 69 CYS n 
1 70 ASP n 
1 71 ILE n 
1 72 CYS n 
1 73 GLY n 
1 74 ARG n 
1 75 LYS n 
1 76 PHE n 
1 77 ALA n 
1 78 ARG n 
1 79 SER n 
1 80 ASP n 
1 81 GLU n 
1 82 ARG n 
1 83 LYS n 
1 84 ARG n 
1 85 HIS n 
1 86 THR n 
1 87 LYS n 
1 88 ILE n 
1 89 HIS n 
1 90 LEU n 
1 91 ARG n 
1 92 GLN n 
1 93 LYS n 
1 94 ASP n 
2 1  DA  n 
2 2  DG  n 
2 3  DC  n 
2 4  DG  n 
2 5  DT  n 
2 6  DG  n 
2 7  DG  n 
2 8  DG  n 
2 9  5FC n 
2 10 DG  n 
2 11 DT  n 
3 1  DT  n 
3 2  DA  n 
3 3  5FC n 
3 4  DG  n 
3 5  DC  n 
3 6  DC  n 
3 7  DC  n 
3 8  DA  n 
3 9  DC  n 
3 10 DG  n 
3 11 DC  n 
# 
_entity_src_gen.entity_id                          1 
_entity_src_gen.pdbx_src_id                        1 
_entity_src_gen.pdbx_alt_source_flag               sample 
_entity_src_gen.pdbx_seq_type                      ? 
_entity_src_gen.pdbx_beg_seq_num                   ? 
_entity_src_gen.pdbx_end_seq_num                   ? 
_entity_src_gen.gene_src_common_name               human 
_entity_src_gen.gene_src_genus                     ? 
_entity_src_gen.pdbx_gene_src_gene                 'EGR1, KROX24, ZNF225' 
_entity_src_gen.gene_src_species                   ? 
_entity_src_gen.gene_src_strain                    ? 
_entity_src_gen.gene_src_tissue                    ? 
_entity_src_gen.gene_src_tissue_fraction           ? 
_entity_src_gen.gene_src_details                   ? 
_entity_src_gen.pdbx_gene_src_fragment             ? 
_entity_src_gen.pdbx_gene_src_scientific_name      'Homo sapiens' 
_entity_src_gen.pdbx_gene_src_ncbi_taxonomy_id     9606 
_entity_src_gen.pdbx_gene_src_variant              ? 
_entity_src_gen.pdbx_gene_src_cell_line            ? 
_entity_src_gen.pdbx_gene_src_atcc                 ? 
_entity_src_gen.pdbx_gene_src_organ                ? 
_entity_src_gen.pdbx_gene_src_organelle            ? 
_entity_src_gen.pdbx_gene_src_cell                 ? 
_entity_src_gen.pdbx_gene_src_cellular_location    ? 
_entity_src_gen.host_org_common_name               ? 
_entity_src_gen.pdbx_host_org_scientific_name      'Escherichia coli' 
_entity_src_gen.pdbx_host_org_ncbi_taxonomy_id     469008 
_entity_src_gen.host_org_genus                     ? 
_entity_src_gen.pdbx_host_org_gene                 ? 
_entity_src_gen.pdbx_host_org_organ                ? 
_entity_src_gen.host_org_species                   ? 
_entity_src_gen.pdbx_host_org_tissue               ? 
_entity_src_gen.pdbx_host_org_tissue_fraction      ? 
_entity_src_gen.pdbx_host_org_strain               'BL21(DE3) codon plus' 
_entity_src_gen.pdbx_host_org_variant              ? 
_entity_src_gen.pdbx_host_org_cell_line            ? 
_entity_src_gen.pdbx_host_org_atcc                 ? 
_entity_src_gen.pdbx_host_org_culture_collection   ? 
_entity_src_gen.pdbx_host_org_cell                 ? 
_entity_src_gen.pdbx_host_org_organelle            ? 
_entity_src_gen.pdbx_host_org_cellular_location    ? 
_entity_src_gen.pdbx_host_org_vector_type          plasmid 
_entity_src_gen.pdbx_host_org_vector               ? 
_entity_src_gen.host_org_details                   ? 
_entity_src_gen.expression_system_id               ? 
_entity_src_gen.plasmid_name                       'pGEX6p-1, pXC1272' 
_entity_src_gen.plasmid_details                    ? 
_entity_src_gen.pdbx_description                   ? 
# 
loop_
_pdbx_entity_src_syn.entity_id 
_pdbx_entity_src_syn.pdbx_src_id 
_pdbx_entity_src_syn.pdbx_alt_source_flag 
_pdbx_entity_src_syn.pdbx_beg_seq_num 
_pdbx_entity_src_syn.pdbx_end_seq_num 
_pdbx_entity_src_syn.organism_scientific 
_pdbx_entity_src_syn.organism_common_name 
_pdbx_entity_src_syn.ncbi_taxonomy_id 
_pdbx_entity_src_syn.details 
2 1 sample ? ? 'synthetic construct' ? 32630 'chemical synthesis' 
3 1 sample ? ? 'synthetic construct' ? 32630 'chemical synthesis' 
# 
loop_
_struct_ref.id 
_struct_ref.db_name 
_struct_ref.db_code 
_struct_ref.pdbx_db_accession 
_struct_ref.entity_id 
_struct_ref.pdbx_seq_one_letter_code 
_struct_ref.pdbx_align_begin 
_struct_ref.pdbx_db_isoform 
1 UNP EGR1_HUMAN P18146 1 
;ERPYACPVESCDRRFSRSDELTRHIRIHTGQKPFQCRICMRNFSRSDHLTTHIRTHTGEKPFACDICGRKFARSDERKRH
TKIHLRQKD
;
335 ? 
2 PDB 4R2D       4R2D   2 ?                                                                                            ?   ? 
3 PDB 4R2D       4R2D   3 ?                                                                                            ?   ? 
# 
loop_
_struct_ref_seq.align_id 
_struct_ref_seq.ref_id 
_struct_ref_seq.pdbx_PDB_id_code 
_struct_ref_seq.pdbx_strand_id 
_struct_ref_seq.seq_align_beg 
_struct_ref_seq.pdbx_seq_align_beg_ins_code 
_struct_ref_seq.seq_align_end 
_struct_ref_seq.pdbx_seq_align_end_ins_code 
_struct_ref_seq.pdbx_db_accession 
_struct_ref_seq.db_align_beg 
_struct_ref_seq.pdbx_db_align_beg_ins_code 
_struct_ref_seq.db_align_end 
_struct_ref_seq.pdbx_db_align_end_ins_code 
_struct_ref_seq.pdbx_auth_seq_align_beg 
_struct_ref_seq.pdbx_auth_seq_align_end 
1 1 4R2D A 6 ? 94 ? P18146 335 ? 423 ? 335 423 
2 2 4R2D B 1 ? 11 ? 4R2D   1   ? 11  ? 1   11  
3 3 4R2D C 1 ? 11 ? 4R2D   1   ? 11  ? 1   11  
# 
loop_
_struct_ref_seq_dif.align_id 
_struct_ref_seq_dif.pdbx_pdb_id_code 
_struct_ref_seq_dif.mon_id 
_struct_ref_seq_dif.pdbx_pdb_strand_id 
_struct_ref_seq_dif.seq_num 
_struct_ref_seq_dif.pdbx_pdb_ins_code 
_struct_ref_seq_dif.pdbx_seq_db_name 
_struct_ref_seq_dif.pdbx_seq_db_accession_code 
_struct_ref_seq_dif.db_mon_id 
_struct_ref_seq_dif.pdbx_seq_db_seq_num 
_struct_ref_seq_dif.details 
_struct_ref_seq_dif.pdbx_auth_seq_num 
_struct_ref_seq_dif.pdbx_ordinal 
1 4R2D GLY A 1 ? UNP P18146 ? ? 'expression tag' 330 1 
1 4R2D PRO A 2 ? UNP P18146 ? ? 'expression tag' 331 2 
1 4R2D LEU A 3 ? UNP P18146 ? ? 'expression tag' 332 3 
1 4R2D GLY A 4 ? UNP P18146 ? ? 'expression tag' 333 4 
1 4R2D SER A 5 ? UNP P18146 ? ? 'expression tag' 334 5 
# 
loop_
_chem_comp.id 
_chem_comp.type 
_chem_comp.mon_nstd_flag 
_chem_comp.name 
_chem_comp.pdbx_synonyms 
_chem_comp.formula 
_chem_comp.formula_weight 
5FC 'DNA linking'       n "5-FORMYL-2'-DEOXY-CYTIDINE-5'-MONOPHOSPHATE" "2'-DEOXY-5-FORMYLCYTIDINE-5'-MONOPHOSPHATE" 
'C10 H14 N3 O8 P' 335.207 
ALA 'L-peptide linking' y ALANINE                                       ?                                            'C3 H7 N O2' 
89.093  
ARG 'L-peptide linking' y ARGININE                                      ?                                            
'C6 H15 N4 O2 1'  175.209 
ASN 'L-peptide linking' y ASPARAGINE                                    ?                                            'C4 H8 N2 O3' 
132.118 
ASP 'L-peptide linking' y 'ASPARTIC ACID'                               ?                                            'C4 H7 N O4' 
133.103 
CYS 'L-peptide linking' y CYSTEINE                                      ?                                            
'C3 H7 N O2 S'    121.158 
DA  'DNA linking'       y "2'-DEOXYADENOSINE-5'-MONOPHOSPHATE"          ?                                            
'C10 H14 N5 O6 P' 331.222 
DC  'DNA linking'       y "2'-DEOXYCYTIDINE-5'-MONOPHOSPHATE"           ?                                            
'C9 H14 N3 O7 P'  307.197 
DG  'DNA linking'       y "2'-DEOXYGUANOSINE-5'-MONOPHOSPHATE"          ?                                            
'C10 H14 N5 O7 P' 347.221 
DT  'DNA linking'       y "THYMIDINE-5'-MONOPHOSPHATE"                  ?                                            
'C10 H15 N2 O8 P' 322.208 
GLN 'L-peptide linking' y GLUTAMINE                                     ?                                            
'C5 H10 N2 O3'    146.144 
GLU 'L-peptide linking' y 'GLUTAMIC ACID'                               ?                                            'C5 H9 N O4' 
147.129 
GLY 'peptide linking'   y GLYCINE                                       ?                                            'C2 H5 N O2' 
75.067  
HIS 'L-peptide linking' y HISTIDINE                                     ?                                            
'C6 H10 N3 O2 1'  156.162 
HOH non-polymer         . WATER                                         ?                                            'H2 O' 18.015 
ILE 'L-peptide linking' y ISOLEUCINE                                    ?                                            'C6 H13 N O2' 
131.173 
LEU 'L-peptide linking' y LEUCINE                                       ?                                            'C6 H13 N O2' 
131.173 
LYS 'L-peptide linking' y LYSINE                                        ?                                            
'C6 H15 N2 O2 1'  147.195 
MET 'L-peptide linking' y METHIONINE                                    ?                                            
'C5 H11 N O2 S'   149.211 
PHE 'L-peptide linking' y PHENYLALANINE                                 ?                                            'C9 H11 N O2' 
165.189 
PRO 'L-peptide linking' y PROLINE                                       ?                                            'C5 H9 N O2' 
115.130 
SER 'L-peptide linking' y SERINE                                        ?                                            'C3 H7 N O3' 
105.093 
THR 'L-peptide linking' y THREONINE                                     ?                                            'C4 H9 N O3' 
119.119 
TYR 'L-peptide linking' y TYROSINE                                      ?                                            'C9 H11 N O3' 
181.189 
VAL 'L-peptide linking' y VALINE                                        ?                                            'C5 H11 N O2' 
117.146 
ZN  non-polymer         . 'ZINC ION'                                    ?                                            'Zn 2' 65.409 
# 
_exptl.entry_id          4R2D 
_exptl.method            'X-RAY DIFFRACTION' 
_exptl.crystals_number   1 
# 
_exptl_crystal.id                    1 
_exptl_crystal.density_meas          ? 
_exptl_crystal.density_Matthews      2.20 
_exptl_crystal.density_percent_sol   43.97 
_exptl_crystal.description           ? 
_exptl_crystal.F_000                 ? 
_exptl_crystal.preparation           ? 
# 
_exptl_crystal_grow.crystal_id      1 
_exptl_crystal_grow.method          'VAPOR DIFFUSION, SITTING DROP' 
_exptl_crystal_grow.temp            289 
_exptl_crystal_grow.temp_details    ? 
_exptl_crystal_grow.pH              10.5 
_exptl_crystal_grow.pdbx_details    '30% (v/v) PEG 400, 0.1 M CHES pH 10.5, VAPOR DIFFUSION, SITTING DROP, temperature 289K' 
_exptl_crystal_grow.pdbx_pH_range   ? 
# 
_diffrn.id                     1 
_diffrn.ambient_temp           100 
_diffrn.ambient_temp_details   ? 
_diffrn.crystal_id             1 
# 
_diffrn_detector.diffrn_id              1 
_diffrn_detector.detector               CCD 
_diffrn_detector.details                ? 
_diffrn_detector.type                   'MARMOSAIC 225 mm CCD' 
_diffrn_detector.pdbx_collection_date   2013-10-07 
# 
_diffrn_radiation.diffrn_id                        1 
_diffrn_radiation.wavelength_id                    1 
_diffrn_radiation.pdbx_monochromatic_or_laue_m_l   M 
_diffrn_radiation.monochromator                    'Si (111)' 
_diffrn_radiation.pdbx_diffrn_protocol             'SINGLE WAVELENGTH' 
_diffrn_radiation.pdbx_scattering_type             x-ray 
# 
_diffrn_radiation_wavelength.id           1 
_diffrn_radiation_wavelength.wavelength   1.0000 
_diffrn_radiation_wavelength.wt           1.0 
# 
_diffrn_source.diffrn_id                   1 
_diffrn_source.source                      SYNCHROTRON 
_diffrn_source.type                        'APS BEAMLINE 22-BM' 
_diffrn_source.pdbx_synchrotron_site       APS 
_diffrn_source.pdbx_synchrotron_beamline   22-BM 
_diffrn_source.pdbx_wavelength             ? 
_diffrn_source.pdbx_wavelength_list        1.0000 
# 
_reflns.pdbx_chi_squared             ? 
_reflns.pdbx_scaling_rejects         ? 
_reflns.limit_k_max                  ? 
_reflns.d_resolution_high            2.088 
_reflns.observed_criterion_F_min     ? 
_reflns.pdbx_netI_over_sigmaI        38.3 
_reflns.observed_criterion_F_max     ? 
_reflns.pdbx_Rmerge_I_obs            0.057 
_reflns.limit_l_max                  ? 
_reflns.limit_k_min                  ? 
_reflns.entry_id                     4R2D 
_reflns.B_iso_Wilson_estimate        35.21 
_reflns.percent_possible_obs         98.1 
_reflns.pdbx_Rsym_value              ? 
_reflns.observed_criterion_sigma_I   -3 
_reflns.observed_criterion_sigma_F   0 
_reflns.limit_l_min                  ? 
_reflns.limit_h_min                  ? 
_reflns.R_free_details               ? 
_reflns.number_all                   ? 
_reflns.d_resolution_low             34.5567 
_reflns.pdbx_redundancy              12.8 
_reflns.number_obs                   9534 
_reflns.limit_h_max                  ? 
_reflns.pdbx_ordinal                 1 
_reflns.pdbx_diffrn_id               1 
# 
_reflns_shell.d_res_high                  2.09 
_reflns_shell.d_res_low                   2.16 
_reflns_shell.percent_possible_all        96.7 
_reflns_shell.Rmerge_I_obs                0.347 
_reflns_shell.pdbx_Rsym_value             ? 
_reflns_shell.meanI_over_sigI_obs         7.4 
_reflns_shell.pdbx_redundancy             12.3 
_reflns_shell.percent_possible_obs        ? 
_reflns_shell.number_unique_all           893 
_reflns_shell.number_measured_all         ? 
_reflns_shell.number_measured_obs         ? 
_reflns_shell.number_unique_obs           ? 
_reflns_shell.pdbx_chi_squared            ? 
_reflns_shell.pdbx_rejects                ? 
_reflns_shell.pdbx_netI_over_sigmaI_obs   ? 
_reflns_shell.number_possible             ? 
_reflns_shell.Rmerge_F_all                ? 
_reflns_shell.Rmerge_F_obs                ? 
_reflns_shell.Rmerge_I_all                ? 
_reflns_shell.meanI_over_sigI_all         ? 
_reflns_shell.pdbx_Rrim_I_all             ? 
_reflns_shell.pdbx_Rpim_I_all             ? 
_reflns_shell.pdbx_ordinal                1 
_reflns_shell.pdbx_diffrn_id              1 
# 
_refine.ls_percent_reflns_R_free                 4.95 
_refine.overall_SU_B                             ? 
_refine.pdbx_solvent_vdw_probe_radii             1.11 
_refine.pdbx_R_Free_selection_details            RANDOM 
_refine.overall_FOM_free_R_set                   ? 
_refine.pdbx_data_cutoff_low_absF                ? 
_refine.entry_id                                 4R2D 
_refine.aniso_B[2][3]                            ? 
_refine.overall_SU_R_Cruickshank_DPI             ? 
_refine.overall_SU_ML                            0.26 
_refine.aniso_B[1][3]                            ? 
_refine.pdbx_stereochemistry_target_values       ML 
_refine.aniso_B[3][3]                            ? 
_refine.solvent_model_param_ksol                 ? 
_refine.ls_number_restraints                     ? 
_refine.aniso_B[1][1]                            ? 
_refine.pdbx_overall_ESU_R                       ? 
_refine.ls_R_factor_obs                          0.1996 
_refine.occupancy_min                            ? 
_refine.pdbx_solvent_ion_probe_radii             ? 
_refine.pdbx_starting_model                      'PDB ENTRY 4R2A' 
_refine.ls_wR_factor_R_free                      ? 
_refine.ls_wR_factor_R_work                      ? 
_refine.pdbx_isotropic_thermal_model             ? 
_refine.pdbx_method_to_determine_struct          'MOLECULAR REPLACEMENT' 
_refine.occupancy_max                            ? 
_refine.pdbx_solvent_shrinkage_radii             0.90 
_refine.correlation_coeff_Fo_to_Fc               ? 
_refine.ls_number_reflns_R_free                  470 
_refine.correlation_coeff_Fo_to_Fc_free          ? 
_refine.pdbx_ls_sigma_F                          1.36 
_refine.ls_percent_reflns_obs                    98.04 
_refine.ls_R_factor_R_work                       0.1975 
_refine.overall_SU_R_free                        ? 
_refine.ls_d_res_high                            2.088 
_refine.pdbx_overall_ESU_R_Free                  ? 
_refine.B_iso_min                                ? 
_refine.pdbx_ls_cross_valid_method               ? 
_refine.B_iso_mean                               ? 
_refine.pdbx_stereochem_target_val_spec_case     ? 
_refine.ls_R_factor_all                          0.1996 
_refine.aniso_B[2][2]                            ? 
_refine.B_iso_max                                ? 
_refine.pdbx_ls_sigma_I                          ? 
_refine.ls_d_res_low                             34.552 
_refine.pdbx_overall_phase_error                 25.44 
_refine.solvent_model_details                    'FLAT BULK SOLVENT MODEL' 
_refine.aniso_B[1][2]                            ? 
_refine.ls_R_factor_R_free                       0.2391 
_refine.ls_R_factor_R_free_error                 ? 
_refine.ls_number_reflns_obs                     9496 
_refine.overall_FOM_work_R_set                   ? 
_refine.ls_number_parameters                     ? 
_refine.details                                  ? 
_refine.ls_number_reflns_all                     9496 
_refine.ls_redundancy_reflns_obs                 ? 
_refine.pdbx_data_cutoff_high_absF               ? 
_refine.solvent_model_param_bsol                 ? 
_refine.ls_R_factor_R_free_error_details         ? 
_refine.pdbx_data_cutoff_high_rms_absF           ? 
_refine.pdbx_diffrn_id                           1 
_refine.pdbx_refine_id                           'X-RAY DIFFRACTION' 
_refine.pdbx_TLS_residual_ADP_flag               ? 
_refine.pdbx_overall_SU_R_free_Cruickshank_DPI   ? 
_refine.pdbx_overall_SU_R_Blow_DPI               ? 
_refine.pdbx_overall_SU_R_free_Blow_DPI          ? 
# 
_refine_hist.pdbx_refine_id                   'X-RAY DIFFRACTION' 
_refine_hist.cycle_id                         LAST 
_refine_hist.pdbx_number_atoms_protein        709 
_refine_hist.pdbx_number_atoms_nucleic_acid   449 
_refine_hist.pdbx_number_atoms_ligand         3 
_refine_hist.number_atoms_solvent             83 
_refine_hist.number_atoms_total               1244 
_refine_hist.d_res_high                       2.088 
_refine_hist.d_res_low                        34.552 
# 
loop_
_refine_ls_restr.type 
_refine_ls_restr.dev_ideal 
_refine_ls_restr.dev_ideal_target 
_refine_ls_restr.weight 
_refine_ls_restr.number 
_refine_ls_restr.pdbx_restraint_function 
_refine_ls_restr.pdbx_refine_id 
f_bond_d           0.004  ? ? 1339 ? 'X-RAY DIFFRACTION' 
f_angle_d          0.635  ? ? 1915 ? 'X-RAY DIFFRACTION' 
f_dihedral_angle_d 22.672 ? ? 585  ? 'X-RAY DIFFRACTION' 
f_chiral_restr     0.027  ? ? 215  ? 'X-RAY DIFFRACTION' 
f_plane_restr      0.002  ? ? 157  ? 'X-RAY DIFFRACTION' 
# 
loop_
_refine_ls_shell.pdbx_refine_id 
_refine_ls_shell.pdbx_total_number_of_bins_used 
_refine_ls_shell.d_res_high 
_refine_ls_shell.d_res_low 
_refine_ls_shell.number_reflns_R_work 
_refine_ls_shell.R_factor_R_work 
_refine_ls_shell.percent_reflns_obs 
_refine_ls_shell.R_factor_R_free 
_refine_ls_shell.R_factor_R_free_error 
_refine_ls_shell.percent_reflns_R_free 
_refine_ls_shell.number_reflns_R_free 
_refine_ls_shell.number_reflns_all 
_refine_ls_shell.R_factor_all 
_refine_ls_shell.number_reflns_obs 
_refine_ls_shell.redundancy_reflns_obs 
'X-RAY DIFFRACTION' . 2.0882 2.3904  2909 0.2411 97.00 0.2816 . . 141 . . 3050 . 
'X-RAY DIFFRACTION' . 2.3904 3.0113  2967 0.2530 98.00 0.3158 . . 170 . . 3137 . 
'X-RAY DIFFRACTION' . 3.0113 34.5567 3150 0.1684 99.00 0.2005 . . 159 . . 3309 . 
# 
_struct.entry_id                  4R2D 
_struct.title                     'Egr1/Zif268 zinc fingers in complex with formylated DNA' 
_struct.pdbx_model_details        ? 
_struct.pdbx_CASP_flag            ? 
_struct.pdbx_model_type_details   ? 
# 
_struct_keywords.entry_id        4R2D 
_struct_keywords.pdbx_keywords   'DNA Binding Protein/DNA' 
_struct_keywords.text            'Zinc Finger, Transcription, DNA Binding Protein-DNA complex' 
# 
loop_
_struct_asym.id 
_struct_asym.pdbx_blank_PDB_chainid_flag 
_struct_asym.pdbx_modified 
_struct_asym.entity_id 
_struct_asym.details 
A N N 1 ? 
B N N 2 ? 
C N N 3 ? 
D N N 4 ? 
E N N 4 ? 
F N N 4 ? 
G N N 5 ? 
H N N 5 ? 
I N N 5 ? 
# 
_struct_biol.id   1 
# 
loop_
_struct_conf.conf_type_id 
_struct_conf.id 
_struct_conf.pdbx_PDB_helix_id 
_struct_conf.beg_label_comp_id 
_struct_conf.beg_label_asym_id 
_struct_conf.beg_label_seq_id 
_struct_conf.pdbx_beg_PDB_ins_code 
_struct_conf.end_label_comp_id 
_struct_conf.end_label_asym_id 
_struct_conf.end_label_seq_id 
_struct_conf.pdbx_end_PDB_ins_code 
_struct_conf.beg_auth_comp_id 
_struct_conf.beg_auth_asym_id 
_struct_conf.beg_auth_seq_id 
_struct_conf.end_auth_comp_id 
_struct_conf.end_auth_asym_id 
_struct_conf.end_auth_seq_id 
_struct_conf.pdbx_PDB_helix_class 
_struct_conf.details 
_struct_conf.pdbx_PDB_helix_length 
HELX_P HELX_P1 1 ARG A 22 ? GLY A 35 ? ARG A 351 GLY A 364 1 ? 14 
HELX_P HELX_P2 2 ARG A 50 ? GLY A 63 ? ARG A 379 GLY A 392 1 ? 14 
HELX_P HELX_P3 3 ARG A 78 ? LYS A 87 ? ARG A 407 LYS A 416 1 ? 10 
HELX_P HELX_P4 4 ILE A 88 ? LEU A 90 ? ILE A 417 LEU A 419 5 ? 3  
# 
_struct_conf_type.id          HELX_P 
_struct_conf_type.criteria    ? 
_struct_conf_type.reference   ? 
# 
loop_
_struct_conn.id 
_struct_conn.conn_type_id 
_struct_conn.pdbx_leaving_atom_flag 
_struct_conn.pdbx_PDB_id 
_struct_conn.ptnr1_label_asym_id 
_struct_conn.ptnr1_label_comp_id 
_struct_conn.ptnr1_label_seq_id 
_struct_conn.ptnr1_label_atom_id 
_struct_conn.pdbx_ptnr1_label_alt_id 
_struct_conn.pdbx_ptnr1_PDB_ins_code 
_struct_conn.pdbx_ptnr1_standard_comp_id 
_struct_conn.ptnr1_symmetry 
_struct_conn.ptnr2_label_asym_id 
_struct_conn.ptnr2_label_comp_id 
_struct_conn.ptnr2_label_seq_id 
_struct_conn.ptnr2_label_atom_id 
_struct_conn.pdbx_ptnr2_label_alt_id 
_struct_conn.pdbx_ptnr2_PDB_ins_code 
_struct_conn.ptnr1_auth_asym_id 
_struct_conn.ptnr1_auth_comp_id 
_struct_conn.ptnr1_auth_seq_id 
_struct_conn.ptnr2_auth_asym_id 
_struct_conn.ptnr2_auth_comp_id 
_struct_conn.ptnr2_auth_seq_id 
_struct_conn.ptnr2_symmetry 
_struct_conn.pdbx_ptnr3_label_atom_id 
_struct_conn.pdbx_ptnr3_label_seq_id 
_struct_conn.pdbx_ptnr3_label_comp_id 
_struct_conn.pdbx_ptnr3_label_asym_id 
_struct_conn.pdbx_ptnr3_label_alt_id 
_struct_conn.pdbx_ptnr3_PDB_ins_code 
_struct_conn.details 
_struct_conn.pdbx_dist_value 
_struct_conn.pdbx_value_order 
_struct_conn.pdbx_role 
covale1  covale both ? B DG  8  "O3'" A ? ? 1_555 B 5FC 9  P  ? ? B DG  8   B 5FC 9   1_555 ? ? ? ? ? ? ?            1.608 ? ? 
covale2  covale both ? B DG  8  "O3'" B ? ? 1_555 B 5FC 9  P  ? ? B DG  8   B 5FC 9   1_555 ? ? ? ? ? ? ?            1.606 ? ? 
covale3  covale both ? B 5FC 9  "O3'" ? ? ? 1_555 B DG  10 P  ? ? B 5FC 9   B DG  10  1_555 ? ? ? ? ? ? ?            1.607 ? ? 
covale4  covale both ? C DA  2  "O3'" ? ? ? 1_555 C 5FC 3  P  ? ? C DA  2   C 5FC 3   1_555 ? ? ? ? ? ? ?            1.606 ? ? 
covale5  covale both ? C 5FC 3  "O3'" ? ? ? 1_555 C DG  4  P  ? ? C 5FC 3   C DG  4   1_555 ? ? ? ? ? ? ?            1.606 ? ? 
metalc1  metalc ?    ? A CYS 11 SG    ? ? ? 1_555 D ZN  .  ZN ? ? A CYS 340 A ZN  501 1_555 ? ? ? ? ? ? ?            2.315 ? ? 
metalc2  metalc ?    ? A CYS 16 SG    ? ? ? 1_555 D ZN  .  ZN ? ? A CYS 345 A ZN  501 1_555 ? ? ? ? ? ? ?            2.328 ? ? 
metalc3  metalc ?    ? A HIS 29 NE2   ? ? ? 1_555 D ZN  .  ZN ? ? A HIS 358 A ZN  501 1_555 ? ? ? ? ? ? ?            2.035 ? ? 
metalc4  metalc ?    ? A HIS 33 NE2   ? ? ? 1_555 D ZN  .  ZN ? ? A HIS 362 A ZN  501 1_555 ? ? ? ? ? ? ?            2.023 ? ? 
metalc5  metalc ?    ? A CYS 41 SG    ? ? ? 1_555 E ZN  .  ZN ? ? A CYS 370 A ZN  502 1_555 ? ? ? ? ? ? ?            2.334 ? ? 
metalc6  metalc ?    ? A CYS 44 SG    ? ? ? 1_555 E ZN  .  ZN ? ? A CYS 373 A ZN  502 1_555 ? ? ? ? ? ? ?            2.290 ? ? 
metalc7  metalc ?    ? A HIS 57 NE2   ? ? ? 1_555 E ZN  .  ZN ? ? A HIS 386 A ZN  502 1_555 ? ? ? ? ? ? ?            2.040 ? ? 
metalc8  metalc ?    ? A HIS 61 NE2   ? ? ? 1_555 E ZN  .  ZN ? ? A HIS 390 A ZN  502 1_555 ? ? ? ? ? ? ?            2.046 ? ? 
metalc9  metalc ?    ? A CYS 69 SG    ? ? ? 1_555 F ZN  .  ZN ? ? A CYS 398 A ZN  503 1_555 ? ? ? ? ? ? ?            2.343 ? ? 
metalc10 metalc ?    ? A CYS 72 SG    ? ? ? 1_555 F ZN  .  ZN ? ? A CYS 401 A ZN  503 1_555 ? ? ? ? ? ? ?            2.275 ? ? 
metalc11 metalc ?    ? A HIS 85 NE2   ? ? ? 1_555 F ZN  .  ZN ? ? A HIS 414 A ZN  503 1_555 ? ? ? ? ? ? ?            2.044 ? ? 
metalc12 metalc ?    ? A HIS 89 NE2   ? ? ? 1_555 F ZN  .  ZN ? ? A HIS 418 A ZN  503 1_555 ? ? ? ? ? ? ?            2.032 ? ? 
hydrog1  hydrog ?    ? B DG  2  N1    ? ? ? 1_555 C DC  11 N3 ? ? B DG  2   C DC  11  1_555 ? ? ? ? ? ? WATSON-CRICK ?     ? ? 
hydrog2  hydrog ?    ? B DG  2  N2    ? ? ? 1_555 C DC  11 O2 ? ? B DG  2   C DC  11  1_555 ? ? ? ? ? ? WATSON-CRICK ?     ? ? 
hydrog3  hydrog ?    ? B DG  2  O6    ? ? ? 1_555 C DC  11 N4 ? ? B DG  2   C DC  11  1_555 ? ? ? ? ? ? WATSON-CRICK ?     ? ? 
hydrog4  hydrog ?    ? B DC  3  N3    ? ? ? 1_555 C DG  10 N1 ? ? B DC  3   C DG  10  1_555 ? ? ? ? ? ? WATSON-CRICK ?     ? ? 
hydrog5  hydrog ?    ? B DC  3  N4    ? ? ? 1_555 C DG  10 O6 ? ? B DC  3   C DG  10  1_555 ? ? ? ? ? ? WATSON-CRICK ?     ? ? 
hydrog6  hydrog ?    ? B DC  3  O2    ? ? ? 1_555 C DG  10 N2 ? ? B DC  3   C DG  10  1_555 ? ? ? ? ? ? WATSON-CRICK ?     ? ? 
hydrog7  hydrog ?    ? B DG  4  N1    ? ? ? 1_555 C DC  9  N3 ? ? B DG  4   C DC  9   1_555 ? ? ? ? ? ? WATSON-CRICK ?     ? ? 
hydrog8  hydrog ?    ? B DG  4  N2    ? ? ? 1_555 C DC  9  O2 ? ? B DG  4   C DC  9   1_555 ? ? ? ? ? ? WATSON-CRICK ?     ? ? 
hydrog9  hydrog ?    ? B DG  4  O6    ? ? ? 1_555 C DC  9  N4 ? ? B DG  4   C DC  9   1_555 ? ? ? ? ? ? WATSON-CRICK ?     ? ? 
hydrog10 hydrog ?    ? B DT  5  N3    ? ? ? 1_555 C DA  8  N1 ? ? B DT  5   C DA  8   1_555 ? ? ? ? ? ? WATSON-CRICK ?     ? ? 
hydrog11 hydrog ?    ? B DT  5  O4    ? ? ? 1_555 C DA  8  N6 ? ? B DT  5   C DA  8   1_555 ? ? ? ? ? ? WATSON-CRICK ?     ? ? 
hydrog12 hydrog ?    ? B DG  6  N1    ? ? ? 1_555 C DC  7  N3 ? ? B DG  6   C DC  7   1_555 ? ? ? ? ? ? WATSON-CRICK ?     ? ? 
hydrog13 hydrog ?    ? B DG  6  N2    ? ? ? 1_555 C DC  7  O2 ? ? B DG  6   C DC  7   1_555 ? ? ? ? ? ? WATSON-CRICK ?     ? ? 
hydrog14 hydrog ?    ? B DG  6  O6    ? ? ? 1_555 C DC  7  N4 ? ? B DG  6   C DC  7   1_555 ? ? ? ? ? ? WATSON-CRICK ?     ? ? 
hydrog15 hydrog ?    ? B DG  7  N1    ? ? ? 1_555 C DC  6  N3 ? ? B DG  7   C DC  6   1_555 ? ? ? ? ? ? WATSON-CRICK ?     ? ? 
hydrog16 hydrog ?    ? B DG  7  N2    ? ? ? 1_555 C DC  6  O2 ? ? B DG  7   C DC  6   1_555 ? ? ? ? ? ? WATSON-CRICK ?     ? ? 
hydrog17 hydrog ?    ? B DG  7  O6    ? ? ? 1_555 C DC  6  N4 ? ? B DG  7   C DC  6   1_555 ? ? ? ? ? ? WATSON-CRICK ?     ? ? 
hydrog18 hydrog ?    ? B DG  8  N1    ? ? ? 1_555 C DC  5  N3 ? ? B DG  8   C DC  5   1_555 ? ? ? ? ? ? WATSON-CRICK ?     ? ? 
hydrog19 hydrog ?    ? B DG  8  N2    ? ? ? 1_555 C DC  5  O2 ? ? B DG  8   C DC  5   1_555 ? ? ? ? ? ? WATSON-CRICK ?     ? ? 
hydrog20 hydrog ?    ? B DG  8  O6    ? ? ? 1_555 C DC  5  N4 ? ? B DG  8   C DC  5   1_555 ? ? ? ? ? ? WATSON-CRICK ?     ? ? 
hydrog21 hydrog ?    ? B 5FC 9  N3    ? ? ? 1_555 C DG  4  N1 ? ? B 5FC 9   C DG  4   1_555 ? ? ? ? ? ? WATSON-CRICK ?     ? ? 
hydrog22 hydrog ?    ? B 5FC 9  N4    ? ? ? 1_555 C DG  4  O6 ? ? B 5FC 9   C DG  4   1_555 ? ? ? ? ? ? WATSON-CRICK ?     ? ? 
hydrog23 hydrog ?    ? B 5FC 9  O2    ? ? ? 1_555 C DG  4  N2 ? ? B 5FC 9   C DG  4   1_555 ? ? ? ? ? ? WATSON-CRICK ?     ? ? 
hydrog24 hydrog ?    ? B DG  10 N1    ? ? ? 1_555 C 5FC 3  N3 ? ? B DG  10  C 5FC 3   1_555 ? ? ? ? ? ? WATSON-CRICK ?     ? ? 
hydrog25 hydrog ?    ? B DG  10 N2    ? ? ? 1_555 C 5FC 3  O2 ? ? B DG  10  C 5FC 3   1_555 ? ? ? ? ? ? WATSON-CRICK ?     ? ? 
hydrog26 hydrog ?    ? B DG  10 O6    ? ? ? 1_555 C 5FC 3  N4 ? ? B DG  10  C 5FC 3   1_555 ? ? ? ? ? ? WATSON-CRICK ?     ? ? 
hydrog27 hydrog ?    ? B DT  11 N3    ? ? ? 1_555 C DA  2  N1 ? ? B DT  11  C DA  2   1_555 ? ? ? ? ? ? WATSON-CRICK ?     ? ? 
hydrog28 hydrog ?    ? B DT  11 O4    ? ? ? 1_555 C DA  2  N6 ? ? B DT  11  C DA  2   1_555 ? ? ? ? ? ? WATSON-CRICK ?     ? ? 
# 
loop_
_struct_conn_type.id 
_struct_conn_type.criteria 
_struct_conn_type.reference 
covale ? ? 
metalc ? ? 
hydrog ? ? 
# 
loop_
_struct_sheet.id 
_struct_sheet.type 
_struct_sheet.number_strands 
_struct_sheet.details 
A ? 2 ? 
B ? 2 ? 
C ? 2 ? 
# 
loop_
_struct_sheet_order.sheet_id 
_struct_sheet_order.range_id_1 
_struct_sheet_order.range_id_2 
_struct_sheet_order.offset 
_struct_sheet_order.sense 
A 1 2 ? anti-parallel 
B 1 2 ? anti-parallel 
C 1 2 ? anti-parallel 
# 
loop_
_struct_sheet_range.sheet_id 
_struct_sheet_range.id 
_struct_sheet_range.beg_label_comp_id 
_struct_sheet_range.beg_label_asym_id 
_struct_sheet_range.beg_label_seq_id 
_struct_sheet_range.pdbx_beg_PDB_ins_code 
_struct_sheet_range.end_label_comp_id 
_struct_sheet_range.end_label_asym_id 
_struct_sheet_range.end_label_seq_id 
_struct_sheet_range.pdbx_end_PDB_ins_code 
_struct_sheet_range.beg_auth_comp_id 
_struct_sheet_range.beg_auth_asym_id 
_struct_sheet_range.beg_auth_seq_id 
_struct_sheet_range.end_auth_comp_id 
_struct_sheet_range.end_auth_asym_id 
_struct_sheet_range.end_auth_seq_id 
A 1 TYR A 9  ? ALA A 10 ? TYR A 338 ALA A 339 
A 2 ARG A 19 ? PHE A 20 ? ARG A 348 PHE A 349 
B 1 PHE A 39 ? GLN A 40 ? PHE A 368 GLN A 369 
B 2 ASN A 47 ? PHE A 48 ? ASN A 376 PHE A 377 
C 1 PHE A 67 ? ALA A 68 ? PHE A 396 ALA A 397 
C 2 LYS A 75 ? PHE A 76 ? LYS A 404 PHE A 405 
# 
loop_
_pdbx_struct_sheet_hbond.sheet_id 
_pdbx_struct_sheet_hbond.range_id_1 
_pdbx_struct_sheet_hbond.range_id_2 
_pdbx_struct_sheet_hbond.range_1_label_atom_id 
_pdbx_struct_sheet_hbond.range_1_label_comp_id 
_pdbx_struct_sheet_hbond.range_1_label_asym_id 
_pdbx_struct_sheet_hbond.range_1_label_seq_id 
_pdbx_struct_sheet_hbond.range_1_PDB_ins_code 
_pdbx_struct_sheet_hbond.range_1_auth_atom_id 
_pdbx_struct_sheet_hbond.range_1_auth_comp_id 
_pdbx_struct_sheet_hbond.range_1_auth_asym_id 
_pdbx_struct_sheet_hbond.range_1_auth_seq_id 
_pdbx_struct_sheet_hbond.range_2_label_atom_id 
_pdbx_struct_sheet_hbond.range_2_label_comp_id 
_pdbx_struct_sheet_hbond.range_2_label_asym_id 
_pdbx_struct_sheet_hbond.range_2_label_seq_id 
_pdbx_struct_sheet_hbond.range_2_PDB_ins_code 
_pdbx_struct_sheet_hbond.range_2_auth_atom_id 
_pdbx_struct_sheet_hbond.range_2_auth_comp_id 
_pdbx_struct_sheet_hbond.range_2_auth_asym_id 
_pdbx_struct_sheet_hbond.range_2_auth_seq_id 
A 1 2 N TYR A 9  ? N TYR A 338 O PHE A 20 ? O PHE A 349 
B 1 2 N PHE A 39 ? N PHE A 368 O PHE A 48 ? O PHE A 377 
C 1 2 N PHE A 67 ? N PHE A 396 O PHE A 76 ? O PHE A 405 
# 
loop_
_struct_site.id 
_struct_site.pdbx_evidence_code 
_struct_site.pdbx_auth_asym_id 
_struct_site.pdbx_auth_comp_id 
_struct_site.pdbx_auth_seq_id 
_struct_site.pdbx_auth_ins_code 
_struct_site.pdbx_num_residues 
_struct_site.details 
AC1 Software A ZN 501 ? 4 'BINDING SITE FOR RESIDUE ZN A 501' 
AC2 Software A ZN 502 ? 4 'BINDING SITE FOR RESIDUE ZN A 502' 
AC3 Software A ZN 503 ? 4 'BINDING SITE FOR RESIDUE ZN A 503' 
# 
loop_
_struct_site_gen.id 
_struct_site_gen.site_id 
_struct_site_gen.pdbx_num_res 
_struct_site_gen.label_comp_id 
_struct_site_gen.label_asym_id 
_struct_site_gen.label_seq_id 
_struct_site_gen.pdbx_auth_ins_code 
_struct_site_gen.auth_comp_id 
_struct_site_gen.auth_asym_id 
_struct_site_gen.auth_seq_id 
_struct_site_gen.label_atom_id 
_struct_site_gen.label_alt_id 
_struct_site_gen.symmetry 
_struct_site_gen.details 
1  AC1 4 CYS A 11 ? CYS A 340 . ? 1_555 ? 
2  AC1 4 CYS A 16 ? CYS A 345 . ? 1_555 ? 
3  AC1 4 HIS A 29 ? HIS A 358 . ? 1_555 ? 
4  AC1 4 HIS A 33 ? HIS A 362 . ? 1_555 ? 
5  AC2 4 CYS A 41 ? CYS A 370 . ? 1_555 ? 
6  AC2 4 CYS A 44 ? CYS A 373 . ? 1_555 ? 
7  AC2 4 HIS A 57 ? HIS A 386 . ? 1_555 ? 
8  AC2 4 HIS A 61 ? HIS A 390 . ? 1_555 ? 
9  AC3 4 CYS A 69 ? CYS A 398 . ? 1_555 ? 
10 AC3 4 CYS A 72 ? CYS A 401 . ? 1_555 ? 
11 AC3 4 HIS A 85 ? HIS A 414 . ? 1_555 ? 
12 AC3 4 HIS A 89 ? HIS A 418 . ? 1_555 ? 
# 
_atom_sites.entry_id                    4R2D 
_atom_sites.fract_transf_matrix[1][1]   -0.00184330 
_atom_sites.fract_transf_matrix[1][2]   0.00010788 
_atom_sites.fract_transf_matrix[1][3]   -0.02267896 
_atom_sites.fract_transf_matrix[2][1]   0.01765000 
_atom_sites.fract_transf_matrix[2][2]   0.00251536 
_atom_sites.fract_transf_matrix[2][3]   -0.00142259 
_atom_sites.fract_transf_matrix[3][1]   0.00109282 
_atom_sites.fract_transf_matrix[3][2]   -0.00773922 
_atom_sites.fract_transf_matrix[3][3]   -0.00012563 
_atom_sites.fract_transf_vector[1]      -0.104750 
_atom_sites.fract_transf_vector[2]      -0.201653 
_atom_sites.fract_transf_vector[3]      -0.133787 
# 
loop_
_atom_type.symbol 
C  
N  
O  
P  
S  
ZN 
# 
loop_
_atom_site.group_PDB 
_atom_site.id 
_atom_site.type_symbol 
_atom_site.label_atom_id 
_atom_site.label_alt_id 
_atom_site.label_comp_id 
_atom_site.label_asym_id 
_atom_site.label_entity_id 
_atom_site.label_seq_id 
_atom_site.pdbx_PDB_ins_code 
_atom_site.Cartn_x 
_atom_site.Cartn_y 
_atom_site.Cartn_z 
_atom_site.occupancy 
_atom_site.B_iso_or_equiv 
_atom_site.pdbx_formal_charge 
_atom_site.auth_seq_id 
_atom_site.auth_comp_id 
_atom_site.auth_asym_id 
_atom_site.auth_atom_id 
_atom_site.pdbx_PDB_model_num 
ATOM   1    N  N     . GLU A 1 6  ? 1.077   -12.021 -23.413 1.00   79.16 ? 335 GLU A N     1 
ATOM   2    C  CA    . GLU A 1 6  ? 0.933   -12.746 -22.157 1.00   80.06 ? 335 GLU A CA    1 
ATOM   3    C  C     . GLU A 1 6  ? 1.882   -12.200 -21.096 1.00   76.19 ? 335 GLU A C     1 
ATOM   4    O  O     . GLU A 1 6  ? 2.485   -11.141 -21.276 1.00   75.93 ? 335 GLU A O     1 
ATOM   5    C  CB    . GLU A 1 6  ? 1.182   -14.241 -22.368 1.00   81.87 ? 335 GLU A CB    1 
ATOM   6    N  N     . ARG A 1 7  ? 2.010   -12.927 -19.991 1.00   74.77 ? 336 ARG A N     1 
ATOM   7    C  CA    . ARG A 1 7  ? 2.897   -12.526 -18.905 1.00   61.83 ? 336 ARG A CA    1 
ATOM   8    C  C     . ARG A 1 7  ? 4.102   -13.458 -18.837 1.00   64.76 ? 336 ARG A C     1 
ATOM   9    O  O     . ARG A 1 7  ? 4.014   -14.555 -18.286 1.00   59.32 ? 336 ARG A O     1 
ATOM   10   C  CB    . ARG A 1 7  ? 2.143   -12.520 -17.576 1.00   57.22 ? 336 ARG A CB    1 
ATOM   11   C  CG    . ARG A 1 7  ? 0.799   -11.814 -17.642 1.00   65.35 ? 336 ARG A CG    1 
ATOM   12   C  CD    . ARG A 1 7  ? 0.071   -11.871 -16.309 1.00   56.82 ? 336 ARG A CD    1 
ATOM   13   N  NE    . ARG A 1 7  ? 0.651   -10.957 -15.330 1.00   61.63 ? 336 ARG A NE    1 
ATOM   14   C  CZ    . ARG A 1 7  ? 0.232   -9.711  -15.133 1.00   64.62 ? 336 ARG A CZ    1 
ATOM   15   N  NH1   . ARG A 1 7  ? -0.775  -9.228  -15.849 1.00   60.63 ? 336 ARG A NH1   1 
ATOM   16   N  NH2   . ARG A 1 7  ? 0.817   -8.946  -14.220 1.00   59.57 ? 336 ARG A NH2   1 
ATOM   17   N  N     . PRO A 1 8  ? 5.237   -13.018 -19.402 1.00   62.59 ? 337 PRO A N     1 
ATOM   18   C  CA    . PRO A 1 8  ? 6.439   -13.849 -19.540 1.00   62.36 ? 337 PRO A CA    1 
ATOM   19   C  C     . PRO A 1 8  ? 7.184   -14.088 -18.227 1.00   62.00 ? 337 PRO A C     1 
ATOM   20   O  O     . PRO A 1 8  ? 7.738   -15.169 -18.033 1.00   56.10 ? 337 PRO A O     1 
ATOM   21   C  CB    . PRO A 1 8  ? 7.304   -13.042 -20.511 1.00   67.14 ? 337 PRO A CB    1 
ATOM   22   C  CG    . PRO A 1 8  ? 6.900   -11.631 -20.275 1.00   57.20 ? 337 PRO A CG    1 
ATOM   23   C  CD    . PRO A 1 8  ? 5.430   -11.671 -19.967 1.00   56.50 ? 337 PRO A CD    1 
ATOM   24   N  N     . TYR A 1 9  ? 7.197   -13.096 -17.342 1.00   59.36 ? 338 TYR A N     1 
ATOM   25   C  CA    . TYR A 1 9  ? 7.947   -13.206 -16.095 1.00   55.88 ? 338 TYR A CA    1 
ATOM   26   C  C     . TYR A 1 9  ? 7.206   -14.048 -15.062 1.00   56.66 ? 338 TYR A C     1 
ATOM   27   O  O     . TYR A 1 9  ? 6.233   -13.597 -14.458 1.00   56.09 ? 338 TYR A O     1 
ATOM   28   C  CB    . TYR A 1 9  ? 8.242   -11.817 -15.528 1.00   50.70 ? 338 TYR A CB    1 
ATOM   29   C  CG    . TYR A 1 9  ? 8.991   -10.915 -16.483 1.00   47.65 ? 338 TYR A CG    1 
ATOM   30   C  CD1   . TYR A 1 9  ? 10.377  -10.961 -16.572 1.00   48.05 ? 338 TYR A CD1   1 
ATOM   31   C  CD2   . TYR A 1 9  ? 8.313   -10.016 -17.297 1.00   51.30 ? 338 TYR A CD2   1 
ATOM   32   C  CE1   . TYR A 1 9  ? 11.065  -10.136 -17.444 1.00   56.37 ? 338 TYR A CE1   1 
ATOM   33   C  CE2   . TYR A 1 9  ? 8.992   -9.189  -18.172 1.00   54.21 ? 338 TYR A CE2   1 
ATOM   34   C  CZ    . TYR A 1 9  ? 10.368  -9.253  -18.240 1.00   55.09 ? 338 TYR A CZ    1 
ATOM   35   O  OH    . TYR A 1 9  ? 11.046  -8.430  -19.110 1.00   59.30 ? 338 TYR A OH    1 
ATOM   36   N  N     . ALA A 1 10 ? 7.678   -15.275 -14.862 1.00   55.12 ? 339 ALA A N     1 
ATOM   37   C  CA    . ALA A 1 10 ? 7.063   -16.185 -13.904 1.00   52.07 ? 339 ALA A CA    1 
ATOM   38   C  C     . ALA A 1 10 ? 7.920   -16.318 -12.652 1.00   45.20 ? 339 ALA A C     1 
ATOM   39   O  O     . ALA A 1 10 ? 9.146   -16.232 -12.717 1.00   56.01 ? 339 ALA A O     1 
ATOM   40   C  CB    . ALA A 1 10 ? 6.837   -17.549 -14.540 1.00   53.53 ? 339 ALA A CB    1 
ATOM   41   N  N     . CYS A 1 11 ? 7.267   -16.526 -11.513 1.00   46.35 ? 340 CYS A N     1 
ATOM   42   C  CA    . CYS A 1 11 ? 7.973   -16.686 -10.247 1.00   46.32 ? 340 CYS A CA    1 
ATOM   43   C  C     . CYS A 1 11 ? 8.702   -18.027 -10.195 1.00   45.29 ? 340 CYS A C     1 
ATOM   44   O  O     . CYS A 1 11 ? 8.083   -19.083 -10.333 1.00   51.42 ? 340 CYS A O     1 
ATOM   45   C  CB    . CYS A 1 11 ? 7.003   -16.566 -9.073  1.00   44.20 ? 340 CYS A CB    1 
ATOM   46   S  SG    . CYS A 1 11 ? 7.801   -16.549 -7.452  1.00   37.15 ? 340 CYS A SG    1 
ATOM   47   N  N     . PRO A 1 12 ? 10.027  -17.985 -9.989  1.00   45.00 ? 341 PRO A N     1 
ATOM   48   C  CA    . PRO A 1 12 ? 10.878  -19.179 -9.985  1.00   44.68 ? 341 PRO A CA    1 
ATOM   49   C  C     . PRO A 1 12 ? 10.664  -20.076 -8.766  1.00   45.46 ? 341 PRO A C     1 
ATOM   50   O  O     . PRO A 1 12 ? 11.167  -21.198 -8.744  1.00   43.64 ? 341 PRO A O     1 
ATOM   51   C  CB    . PRO A 1 12 ? 12.293  -18.596 -9.989  1.00   48.31 ? 341 PRO A CB    1 
ATOM   52   C  CG    . PRO A 1 12 ? 12.145  -17.262 -9.347  1.00   48.35 ? 341 PRO A CG    1 
ATOM   53   C  CD    . PRO A 1 12 ? 10.806  -16.751 -9.785  1.00   40.76 ? 341 PRO A CD    1 
ATOM   54   N  N     . VAL A 1 13 ? 9.936   -19.585 -7.767  1.00   43.21 ? 342 VAL A N     1 
ATOM   55   C  CA    . VAL A 1 13 ? 9.627   -20.384 -6.586  1.00   43.24 ? 342 VAL A CA    1 
ATOM   56   C  C     . VAL A 1 13 ? 8.689   -21.531 -6.956  1.00   49.15 ? 342 VAL A C     1 
ATOM   57   O  O     . VAL A 1 13 ? 7.663   -21.318 -7.602  1.00   50.84 ? 342 VAL A O     1 
ATOM   58   C  CB    . VAL A 1 13 ? 8.992   -19.528 -5.473  1.00   46.10 ? 342 VAL A CB    1 
ATOM   59   C  CG1   . VAL A 1 13 ? 8.555   -20.403 -4.309  1.00   46.25 ? 342 VAL A CG1   1 
ATOM   60   C  CG2   . VAL A 1 13 ? 9.968   -18.459 -5.004  1.00   50.69 ? 342 VAL A CG2   1 
ATOM   61   N  N     . GLU A 1 14 ? 9.048   -22.745 -6.548  1.00   53.06 ? 343 GLU A N     1 
ATOM   62   C  CA    . GLU A 1 14 ? 8.306   -23.944 -6.932  1.00   55.29 ? 343 GLU A CA    1 
ATOM   63   C  C     . GLU A 1 14 ? 6.869   -23.955 -6.412  1.00   55.60 ? 343 GLU A C     1 
ATOM   64   O  O     . GLU A 1 14 ? 5.986   -24.549 -7.031  1.00   62.06 ? 343 GLU A O     1 
ATOM   65   C  CB    . GLU A 1 14 ? 9.033   -25.201 -6.443  1.00   46.97 ? 343 GLU A CB    1 
ATOM   66   C  CG    . GLU A 1 14 ? 9.350   -25.211 -4.955  1.00   51.25 ? 343 GLU A CG    1 
ATOM   67   C  CD    . GLU A 1 14 ? 10.696  -24.586 -4.642  1.00   55.79 ? 343 GLU A CD    1 
ATOM   68   O  OE1   . GLU A 1 14 ? 11.725  -25.142 -5.079  1.00   61.60 ? 343 GLU A OE1   1 
ATOM   69   O  OE2   . GLU A 1 14 ? 10.724  -23.538 -3.962  1.00   51.68 ? 343 GLU A OE2   1 
ATOM   70   N  N     . SER A 1 15 ? 6.637   -23.300 -5.279  1.00   51.59 ? 344 SER A N     1 
ATOM   71   C  CA    . SER A 1 15 ? 5.311   -23.281 -4.673  1.00   54.44 ? 344 SER A CA    1 
ATOM   72   C  C     . SER A 1 15 ? 4.438   -22.175 -5.258  1.00   64.00 ? 344 SER A C     1 
ATOM   73   O  O     . SER A 1 15 ? 3.236   -22.119 -4.998  1.00   57.57 ? 344 SER A O     1 
ATOM   74   C  CB    . SER A 1 15 ? 5.420   -23.110 -3.156  1.00   62.92 ? 344 SER A CB    1 
ATOM   75   O  OG    . SER A 1 15 ? 5.999   -21.860 -2.823  1.00   63.54 ? 344 SER A OG    1 
ATOM   76   N  N     . CYS A 1 16 ? 5.048   -21.299 -6.049  1.00   57.18 ? 345 CYS A N     1 
ATOM   77   C  CA    . CYS A 1 16 ? 4.334   -20.166 -6.628  1.00   56.60 ? 345 CYS A CA    1 
ATOM   78   C  C     . CYS A 1 16 ? 4.224   -20.292 -8.144  1.00   51.75 ? 345 CYS A C     1 
ATOM   79   O  O     . CYS A 1 16 ? 5.163   -20.726 -8.811  1.00   60.40 ? 345 CYS A O     1 
ATOM   80   C  CB    . CYS A 1 16 ? 5.028   -18.854 -6.258  1.00   48.10 ? 345 CYS A CB    1 
ATOM   81   S  SG    . CYS A 1 16 ? 4.169   -17.365 -6.813  1.00   46.11 ? 345 CYS A SG    1 
ATOM   82   N  N     . ASP A 1 17 ? 3.072   -19.908 -8.683  1.00   48.92 ? 346 ASP A N     1 
ATOM   83   C  CA    . ASP A 1 17 ? 2.837   -19.997 -10.119 1.00   53.75 ? 346 ASP A CA    1 
ATOM   84   C  C     . ASP A 1 17 ? 2.312   -18.684 -10.694 1.00   61.07 ? 346 ASP A C     1 
ATOM   85   O  O     . ASP A 1 17 ? 1.766   -18.657 -11.796 1.00   57.32 ? 346 ASP A O     1 
ATOM   86   C  CB    . ASP A 1 17 ? 1.855   -21.129 -10.429 1.00   59.57 ? 346 ASP A CB    1 
ATOM   87   N  N     . ARG A 1 18 ? 2.479   -17.596 -9.946  1.00   55.62 ? 347 ARG A N     1 
ATOM   88   C  CA    . ARG A 1 18 ? 2.052   -16.284 -10.414 1.00   50.95 ? 347 ARG A CA    1 
ATOM   89   C  C     . ARG A 1 18 ? 2.980   -15.761 -11.505 1.00   57.14 ? 347 ARG A C     1 
ATOM   90   O  O     . ARG A 1 18 ? 4.186   -16.002 -11.474 1.00   46.54 ? 347 ARG A O     1 
ATOM   91   C  CB    . ARG A 1 18 ? 1.991   -15.286 -9.257  1.00   47.91 ? 347 ARG A CB    1 
ATOM   92   C  CG    . ARG A 1 18 ? 0.814   -15.491 -8.317  1.00   53.31 ? 347 ARG A CG    1 
ATOM   93   C  CD    . ARG A 1 18 ? 0.726   -14.371 -7.294  1.00   53.34 ? 347 ARG A CD    1 
ATOM   94   N  N     . ARG A 1 19 ? 2.407   -15.044 -12.466 1.00   50.78 ? 348 ARG A N     1 
ATOM   95   C  CA    . ARG A 1 19 ? 3.176   -14.491 -13.573 1.00   47.26 ? 348 ARG A CA    1 
ATOM   96   C  C     . ARG A 1 19 ? 3.036   -12.973 -13.620 1.00   49.24 ? 348 ARG A C     1 
ATOM   97   O  O     . ARG A 1 19 ? 2.105   -12.410 -13.046 1.00   48.70 ? 348 ARG A O     1 
ATOM   98   C  CB    . ARG A 1 19 ? 2.725   -15.108 -14.898 1.00   56.63 ? 348 ARG A CB    1 
ATOM   99   C  CG    . ARG A 1 19 ? 2.662   -16.626 -14.878 1.00   60.95 ? 348 ARG A CG    1 
ATOM   100  C  CD    . ARG A 1 19 ? 2.283   -17.180 -16.240 1.00   53.68 ? 348 ARG A CD    1 
ATOM   101  N  NE    . ARG A 1 19 ? 3.276   -16.843 -17.255 1.00   62.15 ? 348 ARG A NE    1 
ATOM   102  C  CZ    . ARG A 1 19 ? 4.357   -17.573 -17.511 1.00   63.05 ? 348 ARG A CZ    1 
ATOM   103  N  NH1   . ARG A 1 19 ? 4.587   -18.684 -16.823 1.00   58.65 ? 348 ARG A NH1   1 
ATOM   104  N  NH2   . ARG A 1 19 ? 5.209   -17.194 -18.454 1.00   51.59 ? 348 ARG A NH2   1 
ATOM   105  N  N     . PHE A 1 20 ? 3.967   -12.313 -14.302 1.00   46.53 ? 349 PHE A N     1 
ATOM   106  C  CA    . PHE A 1 20 ? 3.953   -10.857 -14.393 1.00   48.48 ? 349 PHE A CA    1 
ATOM   107  C  C     . PHE A 1 20 ? 4.363   -10.375 -15.780 1.00   46.75 ? 349 PHE A C     1 
ATOM   108  O  O     . PHE A 1 20 ? 5.067   -11.073 -16.509 1.00   46.36 ? 349 PHE A O     1 
ATOM   109  C  CB    . PHE A 1 20 ? 4.870   -10.246 -13.331 1.00   42.87 ? 349 PHE A CB    1 
ATOM   110  C  CG    . PHE A 1 20 ? 4.465   -10.574 -11.922 1.00   46.69 ? 349 PHE A CG    1 
ATOM   111  C  CD1   . PHE A 1 20 ? 3.436   -9.882  -11.304 1.00   41.54 ? 349 PHE A CD1   1 
ATOM   112  C  CD2   . PHE A 1 20 ? 5.107   -11.581 -11.217 1.00   45.35 ? 349 PHE A CD2   1 
ATOM   113  C  CE1   . PHE A 1 20 ? 3.057   -10.183 -10.010 1.00   42.43 ? 349 PHE A CE1   1 
ATOM   114  C  CE2   . PHE A 1 20 ? 4.732   -11.887 -9.923  1.00   45.63 ? 349 PHE A CE2   1 
ATOM   115  C  CZ    . PHE A 1 20 ? 3.706   -11.187 -9.320  1.00   40.61 ? 349 PHE A CZ    1 
ATOM   116  N  N     . SER A 1 21 ? 3.913   -9.177  -16.137 1.00   46.67 ? 350 SER A N     1 
ATOM   117  C  CA    . SER A 1 21 ? 4.191   -8.606  -17.450 1.00   53.20 ? 350 SER A CA    1 
ATOM   118  C  C     . SER A 1 21 ? 5.430   -7.717  -17.424 1.00   47.39 ? 350 SER A C     1 
ATOM   119  O  O     . SER A 1 21 ? 6.024   -7.435  -18.464 1.00   43.48 ? 350 SER A O     1 
ATOM   120  C  CB    . SER A 1 21 ? 2.984   -7.810  -17.952 1.00   54.22 ? 350 SER A CB    1 
ATOM   121  O  OG    . SER A 1 21 ? 2.634   -6.787  -17.035 1.00   59.24 ? 350 SER A OG    1 
ATOM   122  N  N     . ARG A 1 22 ? 5.815   -7.275  -16.232 1.00   40.60 ? 351 ARG A N     1 
ATOM   123  C  CA    . ARG A 1 22 ? 6.982   -6.415  -16.080 1.00   40.37 ? 351 ARG A CA    1 
ATOM   124  C  C     . ARG A 1 22 ? 8.027   -7.042  -15.163 1.00   43.28 ? 351 ARG A C     1 
ATOM   125  O  O     . ARG A 1 22 ? 7.699   -7.811  -14.259 1.00   41.78 ? 351 ARG A O     1 
ATOM   126  C  CB    . ARG A 1 22 ? 6.568   -5.042  -15.549 1.00   35.09 ? 351 ARG A CB    1 
ATOM   127  C  CG    . ARG A 1 22 ? 6.124   -4.076  -16.632 1.00   39.11 ? 351 ARG A CG    1 
ATOM   128  C  CD    . ARG A 1 22 ? 5.491   -2.827  -16.044 1.00   33.72 ? 351 ARG A CD    1 
ATOM   129  N  NE    . ARG A 1 22 ? 6.317   -2.224  -15.001 1.00   32.18 ? 351 ARG A NE    1 
ATOM   130  C  CZ    . ARG A 1 22 ? 6.023   -1.083  -14.386 1.00   32.61 ? 351 ARG A CZ    1 
ATOM   131  N  NH1   . ARG A 1 22 ? 4.926   -0.416  -14.714 1.00   30.13 ? 351 ARG A NH1   1 
ATOM   132  N  NH2   . ARG A 1 22 ? 6.827   -0.606  -13.446 1.00   33.87 ? 351 ARG A NH2   1 
ATOM   133  N  N     . SER A 1 23 ? 9.288   -6.701  -15.407 1.00   46.20 ? 352 SER A N     1 
ATOM   134  C  CA    . SER A 1 23 ? 10.405  -7.253  -14.647 1.00   43.63 ? 352 SER A CA    1 
ATOM   135  C  C     . SER A 1 23 ? 10.367  -6.843  -13.179 1.00   34.93 ? 352 SER A C     1 
ATOM   136  O  O     . SER A 1 23 ? 10.465  -7.688  -12.288 1.00   32.80 ? 352 SER A O     1 
ATOM   137  C  CB    . SER A 1 23 ? 11.733  -6.816  -15.270 1.00   49.98 ? 352 SER A CB    1 
ATOM   138  O  OG    . SER A 1 23 ? 12.827  -7.187  -14.449 1.00   61.99 ? 352 SER A OG    1 
ATOM   139  N  N     . ASP A 1 24 ? 10.226  -5.543  -12.935 1.00   33.46 ? 353 ASP A N     1 
ATOM   140  C  CA    . ASP A 1 24 ? 10.290  -5.005  -11.581 1.00   37.25 ? 353 ASP A CA    1 
ATOM   141  C  C     . ASP A 1 24 ? 9.117   -5.449  -10.715 1.00   32.07 ? 353 ASP A C     1 
ATOM   142  O  O     . ASP A 1 24 ? 9.216   -5.459  -9.487  1.00   30.40 ? 353 ASP A O     1 
ATOM   143  C  CB    . ASP A 1 24 ? 10.358  -3.476  -11.618 1.00   34.19 ? 353 ASP A CB    1 
ATOM   144  C  CG    . ASP A 1 24 ? 9.276   -2.864  -12.487 1.00   40.54 ? 353 ASP A CG    1 
ATOM   145  O  OD1   . ASP A 1 24 ? 8.822   -3.536  -13.437 1.00   35.20 ? 353 ASP A OD1   1 
ATOM   146  O  OD2   . ASP A 1 24 ? 8.885   -1.708  -12.219 1.00   33.98 ? 353 ASP A OD2   1 
ATOM   147  N  N     . GLU A 1 25 ? 8.007   -5.816  -11.349 1.00   33.62 ? 354 GLU A N     1 
ATOM   148  C  CA    . GLU A 1 25 ? 6.848   -6.285  -10.602 1.00   47.94 ? 354 GLU A CA    1 
ATOM   149  C  C     . GLU A 1 25 ? 7.116   -7.672  -10.033 1.00   38.93 ? 354 GLU A C     1 
ATOM   150  O  O     . GLU A 1 25 ? 6.686   -7.992  -8.927  1.00   32.99 ? 354 GLU A O     1 
ATOM   151  C  CB    . GLU A 1 25 ? 5.597   -6.301  -11.480 1.00   37.07 ? 354 GLU A CB    1 
ATOM   152  C  CG    . GLU A 1 25 ? 4.314   -6.552  -10.702 1.00   45.95 ? 354 GLU A CG    1 
ATOM   153  C  CD    . GLU A 1 25 ? 3.069   -6.406  -11.554 1.00   56.49 ? 354 GLU A CD    1 
ATOM   154  O  OE1   . GLU A 1 25 ? 1.999   -6.888  -11.127 1.00   48.69 ? 354 GLU A OE1   1 
ATOM   155  O  OE2   . GLU A 1 25 ? 3.159   -5.807  -12.647 1.00   55.31 ? 354 GLU A OE2   1 
ATOM   156  N  N     . LEU A 1 26 ? 7.835   -8.493  -10.793 1.00   42.29 ? 355 LEU A N     1 
ATOM   157  C  CA    . LEU A 1 26 ? 8.270   -9.795  -10.304 1.00   33.67 ? 355 LEU A CA    1 
ATOM   158  C  C     . LEU A 1 26 ? 9.284   -9.611  -9.183  1.00   31.88 ? 355 LEU A C     1 
ATOM   159  O  O     . LEU A 1 26 ? 9.240   -10.311 -8.173  1.00   37.30 ? 355 LEU A O     1 
ATOM   160  C  CB    . LEU A 1 26 ? 8.870   -10.634 -11.435 1.00   40.84 ? 355 LEU A CB    1 
ATOM   161  C  CG    . LEU A 1 26 ? 9.491   -11.973 -11.027 1.00   36.09 ? 355 LEU A CG    1 
ATOM   162  C  CD1   . LEU A 1 26 ? 8.469   -12.847 -10.317 1.00   43.39 ? 355 LEU A CD1   1 
ATOM   163  C  CD2   . LEU A 1 26 ? 10.069  -12.691 -12.237 1.00   42.59 ? 355 LEU A CD2   1 
ATOM   164  N  N     . THR A 1 27 ? 10.190  -8.657  -9.372  1.00   30.58 ? 356 THR A N     1 
ATOM   165  C  CA    . THR A 1 27 ? 11.211  -8.338  -8.381  1.00   33.18 ? 356 THR A CA    1 
ATOM   166  C  C     . THR A 1 27 ? 10.580  -7.961  -7.046  1.00   32.48 ? 356 THR A C     1 
ATOM   167  O  O     . THR A 1 27 ? 11.033  -8.394  -5.985  1.00   32.86 ? 356 THR A O     1 
ATOM   168  C  CB    . THR A 1 27 ? 12.116  -7.187  -8.864  1.00   39.08 ? 356 THR A CB    1 
ATOM   169  O  OG1   . THR A 1 27 ? 12.798  -7.585  -10.060 1.00   44.47 ? 356 THR A OG1   1 
ATOM   170  C  CG2   . THR A 1 27 ? 13.140  -6.820  -7.801  1.00   36.56 ? 356 THR A CG2   1 
ATOM   171  N  N     . ARG A 1 28 ? 9.523   -7.160  -7.109  1.00   32.32 ? 357 ARG A N     1 
ATOM   172  C  CA    . ARG A 1 28 ? 8.797   -6.758  -5.914  1.00   35.12 ? 357 ARG A CA    1 
ATOM   173  C  C     . ARG A 1 28 ? 8.091   -7.954  -5.283  1.00   31.71 ? 357 ARG A C     1 
ATOM   174  O  O     . ARG A 1 28 ? 8.033   -8.080  -4.061  1.00   33.31 ? 357 ARG A O     1 
ATOM   175  C  CB    . ARG A 1 28 ? 7.786   -5.660  -6.247  1.00   33.69 ? 357 ARG A CB    1 
ATOM   176  C  CG    . ARG A 1 28 ? 7.068   -5.092  -5.037  1.00   46.51 ? 357 ARG A CG    1 
ATOM   177  C  CD    . ARG A 1 28 ? 6.136   -3.963  -5.432  1.00   39.65 ? 357 ARG A CD    1 
ATOM   178  N  NE    . ARG A 1 28 ? 5.015   -4.434  -6.239  1.00   40.42 ? 357 ARG A NE    1 
ATOM   179  C  CZ    . ARG A 1 28 ? 4.072   -3.641  -6.741  1.00   39.29 ? 357 ARG A CZ    1 
ATOM   180  N  NH1   . ARG A 1 28 ? 4.117   -2.335  -6.522  1.00   31.21 ? 357 ARG A NH1   1 
ATOM   181  N  NH2   . ARG A 1 28 ? 3.086   -4.155  -7.462  1.00   31.31 ? 357 ARG A NH2   1 
ATOM   182  N  N     . HIS A 1 29 ? 7.565   -8.834  -6.131  1.00   31.80 ? 358 HIS A N     1 
ATOM   183  C  CA    . HIS A 1 29 ? 6.837   -10.014 -5.676  1.00   34.96 ? 358 HIS A CA    1 
ATOM   184  C  C     . HIS A 1 29 ? 7.735   -11.008 -4.946  1.00   31.90 ? 358 HIS A C     1 
ATOM   185  O  O     . HIS A 1 29 ? 7.295   -11.682 -4.017  1.00   37.22 ? 358 HIS A O     1 
ATOM   186  C  CB    . HIS A 1 29 ? 6.161   -10.709 -6.859  1.00   35.64 ? 358 HIS A CB    1 
ATOM   187  C  CG    . HIS A 1 29 ? 5.669   -12.088 -6.549  1.00   42.48 ? 358 HIS A CG    1 
ATOM   188  N  ND1   . HIS A 1 29 ? 4.505   -12.326 -5.850  1.00   41.18 ? 358 HIS A ND1   1 
ATOM   189  C  CD2   . HIS A 1 29 ? 6.188   -13.305 -6.839  1.00   36.57 ? 358 HIS A CD2   1 
ATOM   190  C  CE1   . HIS A 1 29 ? 4.325   -13.628 -5.726  1.00   48.91 ? 358 HIS A CE1   1 
ATOM   191  N  NE2   . HIS A 1 29 ? 5.332   -14.246 -6.318  1.00   42.66 ? 358 HIS A NE2   1 
ATOM   192  N  N     . ILE A 1 30 ? 8.992   -11.097 -5.371  1.00   31.20 ? 359 ILE A N     1 
ATOM   193  C  CA    . ILE A 1 30 ? 9.941   -12.038 -4.784  1.00   32.88 ? 359 ILE A CA    1 
ATOM   194  C  C     . ILE A 1 30 ? 10.162  -11.751 -3.297  1.00   44.89 ? 359 ILE A C     1 
ATOM   195  O  O     . ILE A 1 30 ? 10.378  -12.671 -2.506  1.00   39.74 ? 359 ILE A O     1 
ATOM   196  C  CB    . ILE A 1 30 ? 11.294  -12.006 -5.534  1.00   32.58 ? 359 ILE A CB    1 
ATOM   197  C  CG1   . ILE A 1 30 ? 11.108  -12.500 -6.968  1.00   46.91 ? 359 ILE A CG1   1 
ATOM   198  C  CG2   . ILE A 1 30 ? 12.329  -12.871 -4.840  1.00   39.96 ? 359 ILE A CG2   1 
ATOM   199  C  CD1   . ILE A 1 30 ? 10.507  -13.886 -7.066  1.00   39.54 ? 359 ILE A CD1   1 
ATOM   200  N  N     . ARG A 1 31 ? 10.072  -10.478 -2.919  1.00   33.12 ? 360 ARG A N     1 
ATOM   201  C  CA    . ARG A 1 31 ? 10.274  -10.070 -1.529  1.00   35.76 ? 360 ARG A CA    1 
ATOM   202  C  C     . ARG A 1 31 ? 9.289   -10.747 -0.577  1.00   36.97 ? 360 ARG A C     1 
ATOM   203  O  O     . ARG A 1 31 ? 9.550   -10.858 0.619   1.00   47.02 ? 360 ARG A O     1 
ATOM   204  C  CB    . ARG A 1 31 ? 10.160  -8.551  -1.393  1.00   40.38 ? 360 ARG A CB    1 
ATOM   205  C  CG    . ARG A 1 31 ? 11.185  -7.773  -2.199  1.00   48.49 ? 360 ARG A CG    1 
ATOM   206  C  CD    . ARG A 1 31 ? 11.278  -6.335  -1.716  1.00   50.64 ? 360 ARG A CD    1 
ATOM   207  N  NE    . ARG A 1 31 ? 12.099  -5.509  -2.595  1.00   61.08 ? 360 ARG A NE    1 
ATOM   208  C  CZ    . ARG A 1 31 ? 11.611  -4.710  -3.537  1.00   52.73 ? 360 ARG A CZ    1 
ATOM   209  N  NH1   . ARG A 1 31 ? 10.300  -4.622  -3.720  1.00   63.53 ? 360 ARG A NH1   1 
ATOM   210  N  NH2   . ARG A 1 31 ? 12.431  -3.994  -4.295  1.00   56.35 ? 360 ARG A NH2   1 
ATOM   211  N  N     . ILE A 1 32 ? 8.156   -11.191 -1.113  1.00   35.81 ? 361 ILE A N     1 
ATOM   212  C  CA    . ILE A 1 32 ? 7.186   -11.958 -0.343  1.00   38.16 ? 361 ILE A CA    1 
ATOM   213  C  C     . ILE A 1 32 ? 7.800   -13.277 0.116   1.00   45.03 ? 361 ILE A C     1 
ATOM   214  O  O     . ILE A 1 32 ? 7.597   -13.711 1.250   1.00   44.34 ? 361 ILE A O     1 
ATOM   215  C  CB    . ILE A 1 32 ? 5.911   -12.245 -1.162  1.00   38.46 ? 361 ILE A CB    1 
ATOM   216  C  CG1   . ILE A 1 32 ? 5.262   -10.936 -1.615  1.00   46.96 ? 361 ILE A CG1   1 
ATOM   217  C  CG2   . ILE A 1 32 ? 4.927   -13.081 -0.361  1.00   55.14 ? 361 ILE A CG2   1 
ATOM   218  C  CD1   . ILE A 1 32 ? 4.046   -11.137 -2.491  1.00   54.52 ? 361 ILE A CD1   1 
ATOM   219  N  N     . HIS A 1 33 ? 8.562   -13.902 -0.777  1.00   36.53 ? 362 HIS A N     1 
ATOM   220  C  CA    . HIS A 1 33 ? 9.191   -15.185 -0.492  1.00   40.20 ? 362 HIS A CA    1 
ATOM   221  C  C     . HIS A 1 33 ? 10.474  -15.019 0.320   1.00   38.61 ? 362 HIS A C     1 
ATOM   222  O  O     . HIS A 1 33 ? 10.741  -15.799 1.233   1.00   34.81 ? 362 HIS A O     1 
ATOM   223  C  CB    . HIS A 1 33 ? 9.491   -15.936 -1.793  1.00   40.04 ? 362 HIS A CB    1 
ATOM   224  C  CG    . HIS A 1 33 ? 8.280   -16.208 -2.631  1.00   34.42 ? 362 HIS A CG    1 
ATOM   225  N  ND1   . HIS A 1 33 ? 7.250   -17.022 -2.210  1.00   40.69 ? 362 HIS A ND1   1 
ATOM   226  C  CD2   . HIS A 1 33 ? 7.940   -15.783 -3.870  1.00   38.72 ? 362 HIS A CD2   1 
ATOM   227  C  CE1   . HIS A 1 33 ? 6.326   -17.082 -3.150  1.00   47.56 ? 362 HIS A CE1   1 
ATOM   228  N  NE2   . HIS A 1 33 ? 6.720   -16.339 -4.169  1.00   36.50 ? 362 HIS A NE2   1 
ATOM   229  N  N     . THR A 1 34 ? 11.267  -14.006 -0.017  1.00   36.41 ? 363 THR A N     1 
ATOM   230  C  CA    . THR A 1 34 ? 12.523  -13.759 0.686   1.00   37.07 ? 363 THR A CA    1 
ATOM   231  C  C     . THR A 1 34 ? 12.283  -13.079 2.030   1.00   46.26 ? 363 THR A C     1 
ATOM   232  O  O     . THR A 1 34 ? 13.147  -13.091 2.904   1.00   41.72 ? 363 THR A O     1 
ATOM   233  C  CB    . THR A 1 34 ? 13.484  -12.887 -0.146  1.00   39.76 ? 363 THR A CB    1 
ATOM   234  O  OG1   . THR A 1 34 ? 12.923  -11.580 -0.322  1.00   40.59 ? 363 THR A OG1   1 
ATOM   235  C  CG2   . THR A 1 34 ? 13.742  -13.516 -1.507  1.00   38.84 ? 363 THR A CG2   1 
ATOM   236  N  N     . GLY A 1 35 ? 11.105  -12.486 2.187   1.00   48.87 ? 364 GLY A N     1 
ATOM   237  C  CA    . GLY A 1 35 ? 10.750  -11.797 3.415   1.00   39.48 ? 364 GLY A CA    1 
ATOM   238  C  C     . GLY A 1 35 ? 11.526  -10.508 3.596   1.00   44.18 ? 364 GLY A C     1 
ATOM   239  O  O     . GLY A 1 35 ? 11.639  -9.989  4.708   1.00   54.57 ? 364 GLY A O     1 
ATOM   240  N  N     . GLN A 1 36 ? 12.063  -9.990  2.496   1.00   43.12 ? 365 GLN A N     1 
ATOM   241  C  CA    . GLN A 1 36 ? 12.854  -8.768  2.530   1.00   44.42 ? 365 GLN A CA    1 
ATOM   242  C  C     . GLN A 1 36 ? 11.992  -7.551  2.844   1.00   47.35 ? 365 GLN A C     1 
ATOM   243  O  O     . GLN A 1 36 ? 10.972  -7.316  2.196   1.00   44.39 ? 365 GLN A O     1 
ATOM   244  C  CB    . GLN A 1 36 ? 13.577  -8.563  1.198   1.00   52.47 ? 365 GLN A CB    1 
ATOM   245  C  CG    . GLN A 1 36 ? 14.402  -7.291  1.135   1.00   50.11 ? 365 GLN A CG    1 
ATOM   246  C  CD    . GLN A 1 36 ? 14.957  -7.023  -0.249  1.00   60.51 ? 365 GLN A CD    1 
ATOM   247  O  OE1   . GLN A 1 36 ? 14.685  -7.762  -1.195  1.00   56.41 ? 365 GLN A OE1   1 
ATOM   248  N  NE2   . GLN A 1 36 ? 15.742  -5.958  -0.375  1.00   61.55 ? 365 GLN A NE2   1 
ATOM   249  N  N     . LYS A 1 37 ? 12.409  -6.783  3.845   1.00   51.15 ? 366 LYS A N     1 
ATOM   250  C  CA    . LYS A 1 37 ? 11.721  -5.551  4.212   1.00   42.37 ? 366 LYS A CA    1 
ATOM   251  C  C     . LYS A 1 37 ? 12.733  -4.430  4.439   1.00   38.85 ? 366 LYS A C     1 
ATOM   252  O  O     . LYS A 1 37 ? 13.137  -4.171  5.572   1.00   42.80 ? 366 LYS A O     1 
ATOM   253  C  CB    . LYS A 1 37 ? 10.861  -5.764  5.462   1.00   39.69 ? 366 LYS A CB    1 
ATOM   254  C  CG    . LYS A 1 37 ? 9.699   -6.729  5.256   1.00   38.23 ? 366 LYS A CG    1 
ATOM   255  C  CD    . LYS A 1 37 ? 8.837   -6.847  6.503   1.00   42.21 ? 366 LYS A CD    1 
ATOM   256  C  CE    . LYS A 1 37 ? 7.667   -7.790  6.277   1.00   36.26 ? 366 LYS A CE    1 
ATOM   257  N  NZ    . LYS A 1 37 ? 6.788   -7.886  7.476   1.00   53.94 ? 366 LYS A NZ    1 
ATOM   258  N  N     . PRO A 1 38 ? 13.146  -3.762  3.350   1.00   38.76 ? 367 PRO A N     1 
ATOM   259  C  CA    . PRO A 1 38 ? 14.218  -2.758  3.345   1.00   41.05 ? 367 PRO A CA    1 
ATOM   260  C  C     . PRO A 1 38 ? 13.828  -1.426  3.981   1.00   40.70 ? 367 PRO A C     1 
ATOM   261  O  O     . PRO A 1 38 ? 14.708  -0.644  4.339   1.00   43.56 ? 367 PRO A O     1 
ATOM   262  C  CB    . PRO A 1 38 ? 14.510  -2.560  1.848   1.00   50.11 ? 367 PRO A CB    1 
ATOM   263  C  CG    . PRO A 1 38 ? 13.792  -3.673  1.137   1.00   48.98 ? 367 PRO A CG    1 
ATOM   264  C  CD    . PRO A 1 38 ? 12.620  -3.996  1.996   1.00   44.59 ? 367 PRO A CD    1 
ATOM   265  N  N     . PHE A 1 39 ? 12.531  -1.170  4.109   1.00   39.90 ? 368 PHE A N     1 
ATOM   266  C  CA    . PHE A 1 39 ? 12.056  0.129   4.576   1.00   41.11 ? 368 PHE A CA    1 
ATOM   267  C  C     . PHE A 1 39 ? 11.570  0.071   6.020   1.00   40.28 ? 368 PHE A C     1 
ATOM   268  O  O     . PHE A 1 39 ? 10.628  -0.654  6.338   1.00   45.09 ? 368 PHE A O     1 
ATOM   269  C  CB    . PHE A 1 39 ? 10.944  0.640   3.659   1.00   32.85 ? 368 PHE A CB    1 
ATOM   270  C  CG    . PHE A 1 39 ? 11.274  0.535   2.196   1.00   42.07 ? 368 PHE A CG    1 
ATOM   271  C  CD1   . PHE A 1 39 ? 12.059  1.496   1.580   1.00   34.22 ? 368 PHE A CD1   1 
ATOM   272  C  CD2   . PHE A 1 39 ? 10.808  -0.527  1.440   1.00   33.64 ? 368 PHE A CD2   1 
ATOM   273  C  CE1   . PHE A 1 39 ? 12.367  1.401   0.236   1.00   39.46 ? 368 PHE A CE1   1 
ATOM   274  C  CE2   . PHE A 1 39 ? 11.111  -0.629  0.098   1.00   45.16 ? 368 PHE A CE2   1 
ATOM   275  C  CZ    . PHE A 1 39 ? 11.892  0.337   -0.507  1.00   33.91 ? 368 PHE A CZ    1 
ATOM   276  N  N     . GLN A 1 40 ? 12.214  0.844   6.888   1.00   39.51 ? 369 GLN A N     1 
ATOM   277  C  CA    . GLN A 1 40 ? 11.899  0.821   8.312   1.00   33.07 ? 369 GLN A CA    1 
ATOM   278  C  C     . GLN A 1 40 ? 11.346  2.155   8.803   1.00   37.09 ? 369 GLN A C     1 
ATOM   279  O  O     . GLN A 1 40 ? 11.802  3.220   8.387   1.00   36.17 ? 369 GLN A O     1 
ATOM   280  C  CB    . GLN A 1 40 ? 13.142  0.449   9.124   1.00   39.00 ? 369 GLN A CB    1 
ATOM   281  C  CG    . GLN A 1 40 ? 12.869  0.196   10.599  1.00   39.39 ? 369 GLN A CG    1 
ATOM   282  C  CD    . GLN A 1 40 ? 14.125  -0.134  11.378  1.00   39.64 ? 369 GLN A CD    1 
ATOM   283  O  OE1   . GLN A 1 40 ? 15.158  0.517   11.220  1.00   44.35 ? 369 GLN A OE1   1 
ATOM   284  N  NE2   . GLN A 1 40 ? 14.046  -1.155  12.223  1.00   40.88 ? 369 GLN A NE2   1 
ATOM   285  N  N     . CYS A 1 41 ? 10.359  2.083   9.688   1.00   32.18 ? 370 CYS A N     1 
ATOM   286  C  CA    . CYS A 1 41 ? 9.807   3.268   10.336  1.00   30.16 ? 370 CYS A CA    1 
ATOM   287  C  C     . CYS A 1 41 ? 10.762  3.771   11.412  1.00   25.48 ? 370 CYS A C     1 
ATOM   288  O  O     . CYS A 1 41 ? 11.161  3.018   12.297  1.00   29.52 ? 370 CYS A O     1 
ATOM   289  C  CB    . CYS A 1 41 ? 8.434   2.956   10.937  1.00   24.29 ? 370 CYS A CB    1 
ATOM   290  S  SG    . CYS A 1 41 ? 7.725   4.274   11.945  1.00   23.43 ? 370 CYS A SG    1 
ATOM   291  N  N     . ARG A 1 42 ? 11.127  5.046   11.333  1.00   25.54 ? 371 ARG A N     1 
ATOM   292  C  CA    . ARG A 1 42 ? 12.075  5.630   12.276  1.00   34.45 ? 371 ARG A CA    1 
ATOM   293  C  C     . ARG A 1 42 ? 11.480  5.767   13.675  1.00   35.42 ? 371 ARG A C     1 
ATOM   294  O  O     . ARG A 1 42 ? 12.202  5.973   14.650  1.00   30.21 ? 371 ARG A O     1 
ATOM   295  C  CB    . ARG A 1 42 ? 12.540  7.000   11.782  1.00   33.16 ? 371 ARG A CB    1 
ATOM   296  C  CG    . ARG A 1 42 ? 13.180  6.987   10.406  1.00   29.91 ? 371 ARG A CG    1 
ATOM   297  C  CD    . ARG A 1 42 ? 13.448  8.403   9.925   1.00   37.01 ? 371 ARG A CD    1 
ATOM   298  N  NE    . ARG A 1 42 ? 14.285  9.150   10.861  1.00   28.62 ? 371 ARG A NE    1 
ATOM   299  C  CZ    . ARG A 1 42 ? 15.603  9.272   10.752  1.00   36.20 ? 371 ARG A CZ    1 
ATOM   300  N  NH1   . ARG A 1 42 ? 16.285  9.970   11.650  1.00   40.60 ? 371 ARG A NH1   1 
ATOM   301  N  NH2   . ARG A 1 42 ? 16.241  8.697   9.741   1.00   38.77 ? 371 ARG A NH2   1 
ATOM   302  N  N     . ILE A 1 43 ? 10.161  5.645   13.766  1.00   32.83 ? 372 ILE A N     1 
ATOM   303  C  CA    . ILE A 1 43 ? 9.455   5.889   15.018  1.00   34.30 ? 372 ILE A CA    1 
ATOM   304  C  C     . ILE A 1 43 ? 9.256   4.620   15.848  1.00   30.45 ? 372 ILE A C     1 
ATOM   305  O  O     . ILE A 1 43 ? 9.621   4.582   17.023  1.00   37.55 ? 372 ILE A O     1 
ATOM   306  C  CB    . ILE A 1 43 ? 8.086   6.541   14.753  1.00   23.48 ? 372 ILE A CB    1 
ATOM   307  C  CG1   . ILE A 1 43 ? 8.274   7.837   13.962  1.00   25.28 ? 372 ILE A CG1   1 
ATOM   308  C  CG2   . ILE A 1 43 ? 7.359   6.802   16.062  1.00   23.56 ? 372 ILE A CG2   1 
ATOM   309  C  CD1   . ILE A 1 43 ? 6.990   8.447   13.458  1.00   26.17 ? 372 ILE A CD1   1 
ATOM   310  N  N     . CYS A 1 44 ? 8.684   3.584   15.241  1.00   25.67 ? 373 CYS A N     1 
ATOM   311  C  CA    . CYS A 1 44 ? 8.391   2.354   15.974  1.00   30.10 ? 373 CYS A CA    1 
ATOM   312  C  C     . CYS A 1 44 ? 9.282   1.191   15.541  1.00   37.24 ? 373 CYS A C     1 
ATOM   313  O  O     . CYS A 1 44 ? 9.109   0.065   16.011  1.00   35.62 ? 373 CYS A O     1 
ATOM   314  C  CB    . CYS A 1 44 ? 6.920   1.969   15.806  1.00   23.39 ? 373 CYS A CB    1 
ATOM   315  S  SG    . CYS A 1 44 ? 6.492   1.335   14.175  1.00   28.42 ? 373 CYS A SG    1 
ATOM   316  N  N     . MET A 1 45 ? 10.221  1.473   14.641  1.00   32.37 ? 374 MET A N     1 
ATOM   317  C  CA    . MET A 1 45 ? 11.216  0.499   14.186  1.00   33.34 ? 374 MET A CA    1 
ATOM   318  C  C     . MET A 1 45 ? 10.618  -0.729  13.498  1.00   35.17 ? 374 MET A C     1 
ATOM   319  O  O     . MET A 1 45 ? 11.276  -1.763  13.390  1.00   38.67 ? 374 MET A O     1 
ATOM   320  C  CB    . MET A 1 45 ? 12.095  0.054   15.361  1.00   39.38 ? 374 MET A CB    1 
ATOM   321  C  CG    . MET A 1 45 ? 12.941  1.173   15.954  1.00   42.91 ? 374 MET A CG    1 
ATOM   322  S  SD    . MET A 1 45 ? 14.075  1.889   14.754  1.00   71.32 ? 374 MET A SD    1 
ATOM   323  C  CE    . MET A 1 45 ? 14.860  3.160   15.743  1.00   48.69 ? 374 MET A CE    1 
ATOM   324  N  N     . ARG A 1 46 ? 9.379   -0.617  13.028  1.00   27.59 ? 375 ARG A N     1 
ATOM   325  C  CA    . ARG A 1 46 ? 8.771   -1.702  12.265  1.00   29.04 ? 375 ARG A CA    1 
ATOM   326  C  C     . ARG A 1 46 ? 9.247   -1.658  10.816  1.00   35.16 ? 375 ARG A C     1 
ATOM   327  O  O     . ARG A 1 46 ? 9.395   -0.585  10.233  1.00   33.93 ? 375 ARG A O     1 
ATOM   328  C  CB    . ARG A 1 46 ? 7.241   -1.633  12.329  1.00   27.43 ? 375 ARG A CB    1 
ATOM   329  C  CG    . ARG A 1 46 ? 6.540   -2.722  11.524  1.00   28.25 ? 375 ARG A CG    1 
ATOM   330  C  CD    . ARG A 1 46 ? 5.039   -2.746  11.778  1.00   34.36 ? 375 ARG A CD    1 
ATOM   331  N  NE    . ARG A 1 46 ? 4.370   -3.771  10.981  1.00   39.11 ? 375 ARG A NE    1 
ATOM   332  C  CZ    . ARG A 1 46 ? 3.094   -4.115  11.119  1.00   30.41 ? 375 ARG A CZ    1 
ATOM   333  N  NH1   . ARG A 1 46 ? 2.337   -3.518  12.031  1.00   31.58 ? 375 ARG A NH1   1 
ATOM   334  N  NH2   . ARG A 1 46 ? 2.572   -5.060  10.347  1.00   35.59 ? 375 ARG A NH2   1 
ATOM   335  N  N     . ASN A 1 47 ? 9.493   -2.832  10.242  1.00   38.24 ? 376 ASN A N     1 
ATOM   336  C  CA    . ASN A 1 47 ? 9.981   -2.931  8.872   1.00   39.07 ? 376 ASN A CA    1 
ATOM   337  C  C     . ASN A 1 47 ? 8.853   -3.146  7.866   1.00   39.62 ? 376 ASN A C     1 
ATOM   338  O  O     . ASN A 1 47 ? 7.841   -3.772  8.178   1.00   35.40 ? 376 ASN A O     1 
ATOM   339  C  CB    . ASN A 1 47 ? 11.003  -4.064  8.760   1.00   47.57 ? 376 ASN A CB    1 
ATOM   340  C  CG    . ASN A 1 47 ? 12.235  -3.822  9.608   1.00   44.07 ? 376 ASN A CG    1 
ATOM   341  O  OD1   . ASN A 1 47 ? 12.460  -4.503  10.608  1.00   53.83 ? 376 ASN A OD1   1 
ATOM   342  N  ND2   . ASN A 1 47 ? 13.045  -2.848  9.208   1.00   44.04 ? 376 ASN A ND2   1 
ATOM   343  N  N     . PHE A 1 48 ? 9.033   -2.616  6.660   1.00   32.29 ? 377 PHE A N     1 
ATOM   344  C  CA    . PHE A 1 48 ? 8.040   -2.757  5.602   1.00   33.27 ? 377 PHE A CA    1 
ATOM   345  C  C     . PHE A 1 48 ? 8.686   -3.168  4.281   1.00   35.66 ? 377 PHE A C     1 
ATOM   346  O  O     . PHE A 1 48 ? 9.857   -2.879  4.033   1.00   34.57 ? 377 PHE A O     1 
ATOM   347  C  CB    . PHE A 1 48 ? 7.259   -1.455  5.419   1.00   32.46 ? 377 PHE A CB    1 
ATOM   348  C  CG    . PHE A 1 48 ? 6.383   -1.104  6.589   1.00   38.87 ? 377 PHE A CG    1 
ATOM   349  C  CD1   . PHE A 1 48 ? 5.066   -1.532  6.635   1.00   31.38 ? 377 PHE A CD1   1 
ATOM   350  C  CD2   . PHE A 1 48 ? 6.878   -0.350  7.641   1.00   37.48 ? 377 PHE A CD2   1 
ATOM   351  C  CE1   . PHE A 1 48 ? 4.256   -1.213  7.706   1.00   31.03 ? 377 PHE A CE1   1 
ATOM   352  C  CE2   . PHE A 1 48 ? 6.075   -0.027  8.718   1.00   32.09 ? 377 PHE A CE2   1 
ATOM   353  C  CZ    . PHE A 1 48 ? 4.761   -0.460  8.750   1.00   32.25 ? 377 PHE A CZ    1 
ATOM   354  N  N     . SER A 1 49 ? 7.910   -3.838  3.437   1.00   34.45 ? 378 SER A N     1 
ATOM   355  C  CA    . SER A 1 49 ? 8.408   -4.331  2.158   1.00   36.20 ? 378 SER A CA    1 
ATOM   356  C  C     . SER A 1 49 ? 8.349   -3.263  1.070   1.00   45.40 ? 378 SER A C     1 
ATOM   357  O  O     . SER A 1 49 ? 9.043   -3.358  0.058   1.00   41.89 ? 378 SER A O     1 
ATOM   358  C  CB    . SER A 1 49 ? 7.612   -5.561  1.719   1.00   32.47 ? 378 SER A CB    1 
ATOM   359  O  OG    . SER A 1 49 ? 6.241   -5.243  1.544   1.00   40.87 ? 378 SER A OG    1 
ATOM   360  N  N     . ARG A 1 50 ? 7.514   -2.251  1.280   1.00   34.37 ? 379 ARG A N     1 
ATOM   361  C  CA    . ARG A 1 50 ? 7.309   -1.214  0.276   1.00   35.60 ? 379 ARG A CA    1 
ATOM   362  C  C     . ARG A 1 50 ? 7.440   0.188   0.866   1.00   37.11 ? 379 ARG A C     1 
ATOM   363  O  O     . ARG A 1 50 ? 6.979   0.454   1.977   1.00   39.80 ? 379 ARG A O     1 
ATOM   364  C  CB    . ARG A 1 50 ? 5.939   -1.388  -0.385  1.00   36.61 ? 379 ARG A CB    1 
ATOM   365  C  CG    . ARG A 1 50 ? 5.833   -2.642  -1.239  1.00   40.52 ? 379 ARG A CG    1 
ATOM   366  C  CD    . ARG A 1 50 ? 4.409   -2.901  -1.705  1.00   39.03 ? 379 ARG A CD    1 
ATOM   367  N  NE    . ARG A 1 50 ? 3.843   -1.764  -2.422  1.00   41.24 ? 379 ARG A NE    1 
ATOM   368  C  CZ    . ARG A 1 50 ? 2.878   -1.862  -3.331  1.00   34.62 ? 379 ARG A CZ    1 
ATOM   369  N  NH1   . ARG A 1 50 ? 2.379   -3.050  -3.646  1.00   29.54 ? 379 ARG A NH1   1 
ATOM   370  N  NH2   . ARG A 1 50 ? 2.418   -0.773  -3.931  1.00   33.73 ? 379 ARG A NH2   1 
ATOM   371  N  N     . SER A 1 51 ? 8.075   1.080   0.112   1.00   27.82 ? 380 SER A N     1 
ATOM   372  C  CA    . SER A 1 51 ? 8.346   2.437   0.571   1.00   28.58 ? 380 SER A CA    1 
ATOM   373  C  C     . SER A 1 51 ? 7.076   3.268   0.723   1.00   22.92 ? 380 SER A C     1 
ATOM   374  O  O     . SER A 1 51 ? 6.956   4.061   1.656   1.00   27.95 ? 380 SER A O     1 
ATOM   375  C  CB    . SER A 1 51 ? 9.305   3.140   -0.393  1.00   35.87 ? 380 SER A CB    1 
ATOM   376  O  OG    . SER A 1 51 ? 8.734   3.244   -1.686  1.00   30.29 ? 380 SER A OG    1 
ATOM   377  N  N     . ASP A 1 52 ? 6.136   3.091   -0.200  1.00   26.71 ? 381 ASP A N     1 
ATOM   378  C  CA    . ASP A 1 52 ? 4.891   3.852   -0.172  1.00   27.53 ? 381 ASP A CA    1 
ATOM   379  C  C     . ASP A 1 52 ? 4.024   3.454   1.018   1.00   24.67 ? 381 ASP A C     1 
ATOM   380  O  O     . ASP A 1 52 ? 3.364   4.296   1.624   1.00   28.55 ? 381 ASP A O     1 
ATOM   381  C  CB    . ASP A 1 52 ? 4.115   3.665   -1.479  1.00   23.12 ? 381 ASP A CB    1 
ATOM   382  C  CG    . ASP A 1 52 ? 3.842   2.207   -1.792  1.00   30.64 ? 381 ASP A CG    1 
ATOM   383  O  OD1   . ASP A 1 52 ? 4.654   1.350   -1.391  1.00   34.41 ? 381 ASP A OD1   1 
ATOM   384  O  OD2   . ASP A 1 52 ? 2.814   1.919   -2.440  1.00   28.61 ? 381 ASP A OD2   1 
ATOM   385  N  N     . HIS A 1 53 ? 4.033   2.167   1.351   1.00   30.03 ? 382 HIS A N     1 
ATOM   386  C  CA    . HIS A 1 53 ? 3.276   1.670   2.493   1.00   29.30 ? 382 HIS A CA    1 
ATOM   387  C  C     . HIS A 1 53 ? 3.877   2.170   3.801   1.00   31.37 ? 382 HIS A C     1 
ATOM   388  O  O     . HIS A 1 53 ? 3.172   2.344   4.794   1.00   29.25 ? 382 HIS A O     1 
ATOM   389  C  CB    . HIS A 1 53 ? 3.221   0.141   2.480   1.00   27.54 ? 382 HIS A CB    1 
ATOM   390  C  CG    . HIS A 1 53 ? 2.343   -0.420  1.406   1.00   23.55 ? 382 HIS A CG    1 
ATOM   391  N  ND1   . HIS A 1 53 ? 1.398   0.336   0.745   1.00   27.62 ? 382 HIS A ND1   1 
ATOM   392  C  CD2   . HIS A 1 53 ? 2.265   -1.665  0.877   1.00   26.47 ? 382 HIS A CD2   1 
ATOM   393  C  CE1   . HIS A 1 53 ? 0.777   -0.418  -0.144  1.00   26.27 ? 382 HIS A CE1   1 
ATOM   394  N  NE2   . HIS A 1 53 ? 1.284   -1.636  -0.084  1.00   28.26 ? 382 HIS A NE2   1 
ATOM   395  N  N     . LEU A 1 54 ? 5.186   2.400   3.793   1.00   28.20 ? 383 LEU A N     1 
ATOM   396  C  CA    . LEU A 1 54 ? 5.865   2.986   4.943   1.00   31.09 ? 383 LEU A CA    1 
ATOM   397  C  C     . LEU A 1 54 ? 5.387   4.416   5.170   1.00   31.62 ? 383 LEU A C     1 
ATOM   398  O  O     . LEU A 1 54 ? 5.177   4.839   6.307   1.00   23.80 ? 383 LEU A O     1 
ATOM   399  C  CB    . LEU A 1 54 ? 7.383   2.961   4.745   1.00   28.40 ? 383 LEU A CB    1 
ATOM   400  C  CG    . LEU A 1 54 ? 8.214   3.808   5.713   1.00   23.50 ? 383 LEU A CG    1 
ATOM   401  C  CD1   . LEU A 1 54 ? 8.035   3.323   7.142   1.00   33.95 ? 383 LEU A CD1   1 
ATOM   402  C  CD2   . LEU A 1 54 ? 9.684   3.800   5.316   1.00   33.39 ? 383 LEU A CD2   1 
ATOM   403  N  N     . THR A 1 55 ? 5.207   5.149   4.076   1.00   19.07 ? 384 THR A N     1 
ATOM   404  C  CA    . THR A 1 55 ? 4.775   6.540   4.132   1.00   17.05 ? 384 THR A CA    1 
ATOM   405  C  C     . THR A 1 55 ? 3.401   6.681   4.785   1.00   28.45 ? 384 THR A C     1 
ATOM   406  O  O     . THR A 1 55 ? 3.201   7.533   5.651   1.00   19.55 ? 384 THR A O     1 
ATOM   407  C  CB    . THR A 1 55 ? 4.733   7.162   2.724   1.00   28.52 ? 384 THR A CB    1 
ATOM   408  O  OG1   . THR A 1 55 ? 6.022   7.039   2.108   1.00   27.18 ? 384 THR A OG1   1 
ATOM   409  C  CG2   . THR A 1 55 ? 4.345   8.630   2.796   1.00   21.42 ? 384 THR A CG2   1 
ATOM   410  N  N     . THR A 1 56 ? 2.459   5.839   4.372   1.00   25.48 ? 385 THR A N     1 
ATOM   411  C  CA    . THR A 1 56 ? 1.109   5.875   4.925   1.00   23.24 ? 385 THR A CA    1 
ATOM   412  C  C     . THR A 1 56 ? 1.082   5.377   6.367   1.00   22.26 ? 385 THR A C     1 
ATOM   413  O  O     . THR A 1 56 ? 0.240   5.795   7.162   1.00   22.77 ? 385 THR A O     1 
ATOM   414  C  CB    . THR A 1 56 ? 0.129   5.037   4.081   1.00   25.35 ? 385 THR A CB    1 
ATOM   415  O  OG1   . THR A 1 56 ? 0.681   3.736   3.847   1.00   24.87 ? 385 THR A OG1   1 
ATOM   416  C  CG2   . THR A 1 56 ? -0.131  5.715   2.746   1.00   29.16 ? 385 THR A CG2   1 
ATOM   417  N  N     . HIS A 1 57 ? 2.009   4.483   6.700   1.00   24.47 ? 386 HIS A N     1 
ATOM   418  C  CA    . HIS A 1 57 ? 2.113   3.966   8.061   1.00   22.63 ? 386 HIS A CA    1 
ATOM   419  C  C     . HIS A 1 57 ? 2.546   5.048   9.045   1.00   25.75 ? 386 HIS A C     1 
ATOM   420  O  O     . HIS A 1 57 ? 2.050   5.112   10.169  1.00   26.71 ? 386 HIS A O     1 
ATOM   421  C  CB    . HIS A 1 57 ? 3.098   2.800   8.126   1.00   22.91 ? 386 HIS A CB    1 
ATOM   422  C  CG    . HIS A 1 57 ? 3.617   2.532   9.506   1.00   22.46 ? 386 HIS A CG    1 
ATOM   423  N  ND1   . HIS A 1 57 ? 2.869   1.898   10.474  1.00   21.32 ? 386 HIS A ND1   1 
ATOM   424  C  CD2   . HIS A 1 57 ? 4.804   2.830   10.085  1.00   25.33 ? 386 HIS A CD2   1 
ATOM   425  C  CE1   . HIS A 1 57 ? 3.575   1.808   11.587  1.00   32.78 ? 386 HIS A CE1   1 
ATOM   426  N  NE2   . HIS A 1 57 ? 4.755   2.367   11.377  1.00   27.99 ? 386 HIS A NE2   1 
ATOM   427  N  N     . ILE A 1 58 ? 3.480   5.890   8.616   1.00   24.03 ? 387 ILE A N     1 
ATOM   428  C  CA    . ILE A 1 58 ? 4.001   6.967   9.452   1.00   24.70 ? 387 ILE A CA    1 
ATOM   429  C  C     . ILE A 1 58 ? 2.883   7.921   9.876   1.00   25.68 ? 387 ILE A C     1 
ATOM   430  O  O     . ILE A 1 58 ? 2.917   8.490   10.969  1.00   25.36 ? 387 ILE A O     1 
ATOM   431  C  CB    . ILE A 1 58 ? 5.119   7.747   8.717   1.00   23.57 ? 387 ILE A CB    1 
ATOM   432  C  CG1   . ILE A 1 58 ? 6.322   6.835   8.470   1.00   23.64 ? 387 ILE A CG1   1 
ATOM   433  C  CG2   . ILE A 1 58 ? 5.562   8.962   9.515   1.00   22.80 ? 387 ILE A CG2   1 
ATOM   434  C  CD1   . ILE A 1 58 ? 7.477   7.518   7.768   1.00   31.54 ? 387 ILE A CD1   1 
ATOM   435  N  N     . ARG A 1 59 ? 1.877   8.068   9.018   1.00   22.80 ? 388 ARG A N     1 
ATOM   436  C  CA    . ARG A 1 59 ? 0.745   8.943   9.306   1.00   23.02 ? 388 ARG A CA    1 
ATOM   437  C  C     . ARG A 1 59 ? -0.072  8.450   10.501  1.00   27.71 ? 388 ARG A C     1 
ATOM   438  O  O     . ARG A 1 59 ? -0.826  9.217   11.100  1.00   24.31 ? 388 ARG A O     1 
ATOM   439  C  CB    . ARG A 1 59 ? -0.154  9.078   8.075   1.00   29.77 ? 388 ARG A CB    1 
ATOM   440  C  CG    . ARG A 1 59 ? 0.560   9.638   6.849   1.00   25.04 ? 388 ARG A CG    1 
ATOM   441  C  CD    . ARG A 1 59 ? -0.426  10.151  5.811   1.00   26.03 ? 388 ARG A CD    1 
ATOM   442  N  NE    . ARG A 1 59 ? 0.255   10.710  4.647   1.00   27.90 ? 388 ARG A NE    1 
ATOM   443  C  CZ    . ARG A 1 59 ? 0.138   10.237  3.410   1.00   34.93 ? 388 ARG A CZ    1 
ATOM   444  N  NH1   . ARG A 1 59 ? -0.648  9.198   3.164   1.00   27.21 ? 388 ARG A NH1   1 
ATOM   445  N  NH2   . ARG A 1 59 ? 0.803   10.809  2.417   1.00   29.05 ? 388 ARG A NH2   1 
ATOM   446  N  N     . THR A 1 60 ? 0.079   7.175   10.850  1.00   22.48 ? 389 THR A N     1 
ATOM   447  C  CA    . THR A 1 60 ? -0.584  6.631   12.031  1.00   19.58 ? 389 THR A CA    1 
ATOM   448  C  C     . THR A 1 60 ? 0.060   7.192   13.294  1.00   27.15 ? 389 THR A C     1 
ATOM   449  O  O     . THR A 1 60 ? -0.586  7.297   14.337  1.00   25.37 ? 389 THR A O     1 
ATOM   450  C  CB    . THR A 1 60 ? -0.529  5.091   12.069  1.00   25.04 ? 389 THR A CB    1 
ATOM   451  O  OG1   . THR A 1 60 ? 0.825   4.661   12.256  1.00   24.42 ? 389 THR A OG1   1 
ATOM   452  C  CG2   . THR A 1 60 ? -1.078  4.505   10.777  1.00   28.83 ? 389 THR A CG2   1 
ATOM   453  N  N     . HIS A 1 61 ? 1.335   7.555   13.189  1.00   24.24 ? 390 HIS A N     1 
ATOM   454  C  CA    . HIS A 1 61 ? 2.058   8.147   14.305  1.00   22.79 ? 390 HIS A CA    1 
ATOM   455  C  C     . HIS A 1 61 ? 1.879   9.661   14.321  1.00   28.54 ? 390 HIS A C     1 
ATOM   456  O  O     . HIS A 1 61 ? 1.584   10.254  15.357  1.00   29.24 ? 390 HIS A O     1 
ATOM   457  C  CB    . HIS A 1 61 ? 3.549   7.805   14.235  1.00   21.30 ? 390 HIS A CB    1 
ATOM   458  C  CG    . HIS A 1 61 ? 3.840   6.337   14.208  1.00   22.77 ? 390 HIS A CG    1 
ATOM   459  N  ND1   . HIS A 1 61 ? 3.481   5.487   15.232  1.00   25.27 ? 390 HIS A ND1   1 
ATOM   460  C  CD2   . HIS A 1 61 ? 4.478   5.572   13.291  1.00   22.87 ? 390 HIS A CD2   1 
ATOM   461  C  CE1   . HIS A 1 61 ? 3.874   4.259   14.940  1.00   34.41 ? 390 HIS A CE1   1 
ATOM   462  N  NE2   . HIS A 1 61 ? 4.484   4.283   13.769  1.00   23.72 ? 390 HIS A NE2   1 
ATOM   463  N  N     . THR A 1 62 ? 2.066   10.282  13.160  1.00   28.62 ? 391 THR A N     1 
ATOM   464  C  CA    . THR A 1 62 ? 2.038   11.735  13.053  1.00   27.48 ? 391 THR A CA    1 
ATOM   465  C  C     . THR A 1 62 ? 0.621   12.285  13.120  1.00   27.22 ? 391 THR A C     1 
ATOM   466  O  O     . THR A 1 62 ? 0.399   13.376  13.641  1.00   34.91 ? 391 THR A O     1 
ATOM   467  C  CB    . THR A 1 62 ? 2.693   12.214  11.745  1.00   26.95 ? 391 THR A CB    1 
ATOM   468  O  OG1   . THR A 1 62 ? 1.928   11.751  10.626  1.00   26.64 ? 391 THR A OG1   1 
ATOM   469  C  CG2   . THR A 1 62 ? 4.114   11.686  11.637  1.00   34.17 ? 391 THR A CG2   1 
ATOM   470  N  N     . GLY A 1 63 ? -0.335  11.531  12.588  1.00   24.43 ? 392 GLY A N     1 
ATOM   471  C  CA    . GLY A 1 63 ? -1.714  11.974  12.561  1.00   26.49 ? 392 GLY A CA    1 
ATOM   472  C  C     . GLY A 1 63 ? -2.001  12.836  11.348  1.00   24.80 ? 392 GLY A C     1 
ATOM   473  O  O     . GLY A 1 63 ? -2.984  13.575  11.320  1.00   28.52 ? 392 GLY A O     1 
ATOM   474  N  N     . GLU A 1 64 ? -1.135  12.742  10.344  1.00   24.95 ? 393 GLU A N     1 
ATOM   475  C  CA    . GLU A 1 64 ? -1.307  13.498  9.107   1.00   30.80 ? 393 GLU A CA    1 
ATOM   476  C  C     . GLU A 1 64 ? -2.442  12.921  8.267   1.00   35.88 ? 393 GLU A C     1 
ATOM   477  O  O     . GLU A 1 64 ? -2.520  11.710  8.062   1.00   33.27 ? 393 GLU A O     1 
ATOM   478  C  CB    . GLU A 1 64 ? -0.010  13.510  8.298   1.00   25.22 ? 393 GLU A CB    1 
ATOM   479  C  CG    . GLU A 1 64 ? -0.076  14.347  7.032   1.00   26.97 ? 393 GLU A CG    1 
ATOM   480  C  CD    . GLU A 1 64 ? 1.124   14.138  6.128   1.00   36.75 ? 393 GLU A CD    1 
ATOM   481  O  OE1   . GLU A 1 64 ? 1.870   13.161  6.345   1.00   36.44 ? 393 GLU A OE1   1 
ATOM   482  O  OE2   . GLU A 1 64 ? 1.319   14.951  5.199   1.00   41.41 ? 393 GLU A OE2   1 
ATOM   483  N  N     . LYS A 1 65 ? -3.323  13.794  7.789   1.00   24.02 ? 394 LYS A N     1 
ATOM   484  C  CA    . LYS A 1 65 ? -4.469  13.373  6.986   1.00   27.80 ? 394 LYS A CA    1 
ATOM   485  C  C     . LYS A 1 65 ? -4.677  14.321  5.806   1.00   25.41 ? 394 LYS A C     1 
ATOM   486  O  O     . LYS A 1 65 ? -5.462  15.265  5.891   1.00   26.98 ? 394 LYS A O     1 
ATOM   487  C  CB    . LYS A 1 65 ? -5.733  13.309  7.847   1.00   18.73 ? 394 LYS A CB    1 
ATOM   488  C  CG    . LYS A 1 65 ? -5.653  12.309  8.989   1.00   22.46 ? 394 LYS A CG    1 
ATOM   489  C  CD    . LYS A 1 65 ? -6.920  12.317  9.827   1.00   27.47 ? 394 LYS A CD    1 
ATOM   490  C  CE    . LYS A 1 65 ? -6.831  11.307  10.959  1.00   35.50 ? 394 LYS A CE    1 
ATOM   491  N  NZ    . LYS A 1 65 ? -8.084  11.270  11.762  1.00   37.12 ? 394 LYS A NZ    1 
ATOM   492  N  N     . PRO A 1 66 ? -3.967  14.066  4.698   1.00   27.90 ? 395 PRO A N     1 
ATOM   493  C  CA    . PRO A 1 66 ? -3.931  14.959  3.532   1.00   25.74 ? 395 PRO A CA    1 
ATOM   494  C  C     . PRO A 1 66 ? -5.214  14.972  2.700   1.00   31.09 ? 395 PRO A C     1 
ATOM   495  O  O     . PRO A 1 66 ? -5.424  15.915  1.938   1.00   31.33 ? 395 PRO A O     1 
ATOM   496  C  CB    . PRO A 1 66 ? -2.768  14.398  2.699   1.00   33.05 ? 395 PRO A CB    1 
ATOM   497  C  CG    . PRO A 1 66 ? -2.004  13.501  3.628   1.00   33.27 ? 395 PRO A CG    1 
ATOM   498  C  CD    . PRO A 1 66 ? -3.029  12.942  4.551   1.00   29.81 ? 395 PRO A CD    1 
ATOM   499  N  N     . PHE A 1 67 ? -6.056  13.952  2.840   1.00   29.14 ? 396 PHE A N     1 
ATOM   500  C  CA    . PHE A 1 67 ? -7.205  13.797  1.950   1.00   26.47 ? 396 PHE A CA    1 
ATOM   501  C  C     . PHE A 1 67 ? -8.532  14.134  2.627   1.00   24.28 ? 396 PHE A C     1 
ATOM   502  O  O     . PHE A 1 67 ? -8.956  13.450  3.558   1.00   25.71 ? 396 PHE A O     1 
ATOM   503  C  CB    . PHE A 1 67 ? -7.243  12.370  1.397   1.00   24.04 ? 396 PHE A CB    1 
ATOM   504  C  CG    . PHE A 1 67 ? -5.934  11.917  0.812   1.00   29.43 ? 396 PHE A CG    1 
ATOM   505  C  CD1   . PHE A 1 67 ? -5.597  12.234  -0.493  1.00   24.56 ? 396 PHE A CD1   1 
ATOM   506  C  CD2   . PHE A 1 67 ? -5.038  11.183  1.573   1.00   25.49 ? 396 PHE A CD2   1 
ATOM   507  C  CE1   . PHE A 1 67 ? -4.391  11.822  -1.031  1.00   28.74 ? 396 PHE A CE1   1 
ATOM   508  C  CE2   . PHE A 1 67 ? -3.832  10.768  1.041   1.00   22.67 ? 396 PHE A CE2   1 
ATOM   509  C  CZ    . PHE A 1 67 ? -3.508  11.088  -0.263  1.00   27.44 ? 396 PHE A CZ    1 
ATOM   510  N  N     . ALA A 1 68 ? -9.190  15.184  2.143   1.00   26.97 ? 397 ALA A N     1 
ATOM   511  C  CA    . ALA A 1 68 ? -10.446 15.640  2.730   1.00   21.91 ? 397 ALA A CA    1 
ATOM   512  C  C     . ALA A 1 68 ? -11.640 15.337  1.826   1.00   25.92 ? 397 ALA A C     1 
ATOM   513  O  O     . ALA A 1 68 ? -11.564 15.497  0.609   1.00   24.75 ? 397 ALA A O     1 
ATOM   514  C  CB    . ALA A 1 68 ? -10.375 17.126  3.028   1.00   22.15 ? 397 ALA A CB    1 
ATOM   515  N  N     . CYS A 1 69 ? -12.739 14.902  2.437   1.00   20.85 ? 398 CYS A N     1 
ATOM   516  C  CA    . CYS A 1 69 ? -13.979 14.626  1.717   1.00   23.90 ? 398 CYS A CA    1 
ATOM   517  C  C     . CYS A 1 69 ? -14.537 15.892  1.074   1.00   28.28 ? 398 CYS A C     1 
ATOM   518  O  O     . CYS A 1 69 ? -14.640 16.932  1.719   1.00   22.89 ? 398 CYS A O     1 
ATOM   519  C  CB    . CYS A 1 69 ? -15.021 14.013  2.660   1.00   26.33 ? 398 CYS A CB    1 
ATOM   520  S  SG    . CYS A 1 69 ? -16.662 13.754  1.934   1.00   19.58 ? 398 CYS A SG    1 
ATOM   521  N  N     . ASP A 1 70 ? -14.890 15.795  -0.203  1.00   25.38 ? 399 ASP A N     1 
ATOM   522  C  CA    . ASP A 1 70 ? -15.441 16.929  -0.936  1.00   28.58 ? 399 ASP A CA    1 
ATOM   523  C  C     . ASP A 1 70 ? -16.777 17.384  -0.362  1.00   21.31 ? 399 ASP A C     1 
ATOM   524  O  O     . ASP A 1 70 ? -17.124 18.562  -0.436  1.00   30.22 ? 399 ASP A O     1 
ATOM   525  C  CB    . ASP A 1 70 ? -15.608 16.578  -2.416  1.00   19.12 ? 399 ASP A CB    1 
ATOM   526  C  CG    . ASP A 1 70 ? -14.285 16.501  -3.151  1.00   20.08 ? 399 ASP A CG    1 
ATOM   527  O  OD1   . ASP A 1 70 ? -13.334 17.201  -2.745  1.00   24.19 ? 399 ASP A OD1   1 
ATOM   528  O  OD2   . ASP A 1 70 ? -14.198 15.743  -4.139  1.00   28.91 ? 399 ASP A OD2   1 
ATOM   529  N  N     . ILE A 1 71 ? -17.521 16.446  0.215   1.00   23.26 ? 400 ILE A N     1 
ATOM   530  C  CA    . ILE A 1 71 ? -18.863 16.734  0.703   1.00   23.07 ? 400 ILE A CA    1 
ATOM   531  C  C     . ILE A 1 71 ? -18.869 17.377  2.090   1.00   25.73 ? 400 ILE A C     1 
ATOM   532  O  O     . ILE A 1 71 ? -19.493 18.417  2.292   1.00   25.57 ? 400 ILE A O     1 
ATOM   533  C  CB    . ILE A 1 71 ? -19.727 15.458  0.745   1.00   18.86 ? 400 ILE A CB    1 
ATOM   534  C  CG1   . ILE A 1 71 ? -19.708 14.754  -0.613  1.00   23.34 ? 400 ILE A CG1   1 
ATOM   535  C  CG2   . ILE A 1 71 ? -21.155 15.790  1.158   1.00   21.36 ? 400 ILE A CG2   1 
ATOM   536  C  CD1   . ILE A 1 71 ? -20.221 15.609  -1.750  1.00   22.85 ? 400 ILE A CD1   1 
ATOM   537  N  N     . CYS A 1 72 ? -18.174 16.763  3.045   1.00   26.23 ? 401 CYS A N     1 
ATOM   538  C  CA    . CYS A 1 72 ? -18.239 17.229  4.429   1.00   18.76 ? 401 CYS A CA    1 
ATOM   539  C  C     . CYS A 1 72 ? -16.909 17.760  4.963   1.00   23.98 ? 401 CYS A C     1 
ATOM   540  O  O     . CYS A 1 72 ? -16.876 18.409  6.010   1.00   21.99 ? 401 CYS A O     1 
ATOM   541  C  CB    . CYS A 1 72 ? -18.741 16.104  5.338   1.00   20.30 ? 401 CYS A CB    1 
ATOM   542  S  SG    . CYS A 1 72 ? -17.564 14.756  5.579   1.00   20.53 ? 401 CYS A SG    1 
ATOM   543  N  N     . GLY A 1 73 ? -15.816 17.479  4.260   1.00   19.06 ? 402 GLY A N     1 
ATOM   544  C  CA    . GLY A 1 73 ? -14.525 18.029  4.634   1.00   20.02 ? 402 GLY A CA    1 
ATOM   545  C  C     . GLY A 1 73 ? -13.712 17.179  5.596   1.00   23.21 ? 402 GLY A C     1 
ATOM   546  O  O     . GLY A 1 73 ? -12.601 17.556  5.970   1.00   24.04 ? 402 GLY A O     1 
ATOM   547  N  N     . ARG A 1 74 ? -14.261 16.036  5.998   1.00   20.99 ? 403 ARG A N     1 
ATOM   548  C  CA    . ARG A 1 74 ? -13.563 15.126  6.905   1.00   21.56 ? 403 ARG A CA    1 
ATOM   549  C  C     . ARG A 1 74 ? -12.267 14.614  6.277   1.00   16.65 ? 403 ARG A C     1 
ATOM   550  O  O     . ARG A 1 74 ? -12.251 14.209  5.114   1.00   23.01 ? 403 ARG A O     1 
ATOM   551  C  CB    . ARG A 1 74 ? -14.469 13.954  7.286   1.00   24.06 ? 403 ARG A CB    1 
ATOM   552  C  CG    . ARG A 1 74 ? -13.835 12.955  8.242   1.00   31.76 ? 403 ARG A CG    1 
ATOM   553  C  CD    . ARG A 1 74 ? -14.864 11.950  8.739   1.00   29.28 ? 403 ARG A CD    1 
ATOM   554  N  NE    . ARG A 1 74 ? -14.264 10.924  9.586   1.00   37.06 ? 403 ARG A NE    1 
ATOM   555  C  CZ    . ARG A 1 74 ? -14.953 9.982   10.222  1.00   40.29 ? 403 ARG A CZ    1 
ATOM   556  N  NH1   . ARG A 1 74 ? -16.274 9.939   10.109  1.00   30.64 ? 403 ARG A NH1   1 
ATOM   557  N  NH2   . ARG A 1 74 ? -14.324 9.087   10.971  1.00   46.72 ? 403 ARG A NH2   1 
ATOM   558  N  N     . LYS A 1 75 ? -11.187 14.637  7.050   1.00   18.76 ? 404 LYS A N     1 
ATOM   559  C  CA    . LYS A 1 75 ? -9.862  14.312  6.530   1.00   21.31 ? 404 LYS A CA    1 
ATOM   560  C  C     . LYS A 1 75 ? -9.465  12.860  6.778   1.00   28.09 ? 404 LYS A C     1 
ATOM   561  O  O     . LYS A 1 75 ? -9.872  12.252  7.768   1.00   23.75 ? 404 LYS A O     1 
ATOM   562  C  CB    . LYS A 1 75 ? -8.815  15.245  7.138   1.00   18.40 ? 404 LYS A CB    1 
ATOM   563  C  CG    . LYS A 1 75 ? -8.944  16.690  6.693   1.00   30.03 ? 404 LYS A CG    1 
ATOM   564  C  CD    . LYS A 1 75 ? -7.848  17.555  7.291   1.00   41.21 ? 404 LYS A CD    1 
ATOM   565  C  CE    . LYS A 1 75 ? -7.865  18.951  6.693   1.00   45.71 ? 404 LYS A CE    1 
ATOM   566  N  NZ    . LYS A 1 75 ? -9.174  19.628  6.905   1.00   54.59 ? 404 LYS A NZ    1 
ATOM   567  N  N     . PHE A 1 76 ? -8.656  12.317  5.871   1.00   20.45 ? 405 PHE A N     1 
ATOM   568  C  CA    . PHE A 1 76 ? -8.205  10.933  5.965   1.00   18.32 ? 405 PHE A CA    1 
ATOM   569  C  C     . PHE A 1 76 ? -6.723  10.794  5.622   1.00   21.12 ? 405 PHE A C     1 
ATOM   570  O  O     . PHE A 1 76 ? -6.177  11.580  4.848   1.00   22.52 ? 405 PHE A O     1 
ATOM   571  C  CB    . PHE A 1 76 ? -9.042  10.042  5.046   1.00   21.75 ? 405 PHE A CB    1 
ATOM   572  C  CG    . PHE A 1 76 ? -10.495 9.988   5.419   1.00   22.77 ? 405 PHE A CG    1 
ATOM   573  C  CD1   . PHE A 1 76 ? -10.953 9.057   6.336   1.00   20.97 ? 405 PHE A CD1   1 
ATOM   574  C  CD2   . PHE A 1 76 ? -11.402 10.872  4.857   1.00   20.88 ? 405 PHE A CD2   1 
ATOM   575  C  CE1   . PHE A 1 76 ? -12.290 9.006   6.683   1.00   25.04 ? 405 PHE A CE1   1 
ATOM   576  C  CE2   . PHE A 1 76 ? -12.739 10.826  5.200   1.00   17.29 ? 405 PHE A CE2   1 
ATOM   577  C  CZ    . PHE A 1 76 ? -13.182 9.893   6.115   1.00   21.72 ? 405 PHE A CZ    1 
ATOM   578  N  N     . ALA A 1 77 ? -6.081  9.786   6.203   1.00   20.29 ? 406 ALA A N     1 
ATOM   579  C  CA    . ALA A 1 77 ? -4.655  9.558   6.000   1.00   20.19 ? 406 ALA A CA    1 
ATOM   580  C  C     . ALA A 1 77 ? -4.360  9.027   4.601   1.00   20.31 ? 406 ALA A C     1 
ATOM   581  O  O     . ALA A 1 77 ? -3.299  9.300   4.037   1.00   25.59 ? 406 ALA A O     1 
ATOM   582  C  CB    . ALA A 1 77 ? -4.121  8.596   7.051   1.00   25.77 ? 406 ALA A CB    1 
ATOM   583  N  N     . ARG A 1 78 ? -5.296  8.266   4.045   1.00   21.00 ? 407 ARG A N     1 
ATOM   584  C  CA    . ARG A 1 78 ? -5.109  7.679   2.724   1.00   20.12 ? 407 ARG A CA    1 
ATOM   585  C  C     . ARG A 1 78 ? -6.257  8.028   1.782   1.00   20.69 ? 407 ARG A C     1 
ATOM   586  O  O     . ARG A 1 78 ? -7.375  8.302   2.222   1.00   22.09 ? 407 ARG A O     1 
ATOM   587  C  CB    . ARG A 1 78 ? -4.966  6.160   2.828   1.00   19.47 ? 407 ARG A CB    1 
ATOM   588  C  CG    . ARG A 1 78 ? -3.951  5.693   3.856   1.00   21.61 ? 407 ARG A CG    1 
ATOM   589  C  CD    . ARG A 1 78 ? -3.516  4.261   3.588   1.00   23.51 ? 407 ARG A CD    1 
ATOM   590  N  NE    . ARG A 1 78 ? -4.641  3.393   3.251   1.00   24.26 ? 407 ARG A NE    1 
ATOM   591  C  CZ    . ARG A 1 78 ? -4.751  2.128   3.642   1.00   21.47 ? 407 ARG A CZ    1 
ATOM   592  N  NH1   . ARG A 1 78 ? -3.806  1.583   4.397   1.00   20.20 ? 407 ARG A NH1   1 
ATOM   593  N  NH2   . ARG A 1 78 ? -5.807  1.409   3.286   1.00   19.92 ? 407 ARG A NH2   1 
ATOM   594  N  N     . SER A 1 79 ? -5.973  8.007   0.484   1.00   20.42 ? 408 SER A N     1 
ATOM   595  C  CA    . SER A 1 79 ? -6.964  8.358   -0.526  1.00   23.11 ? 408 SER A CA    1 
ATOM   596  C  C     . SER A 1 79 ? -8.099  7.340   -0.590  1.00   19.08 ? 408 SER A C     1 
ATOM   597  O  O     . SER A 1 79 ? -9.255  7.708   -0.800  1.00   24.10 ? 408 SER A O     1 
ATOM   598  C  CB    . SER A 1 79 ? -6.302  8.486   -1.899  1.00   23.70 ? 408 SER A CB    1 
ATOM   599  O  OG    . SER A 1 79 ? -5.725  7.257   -2.301  1.00   32.70 ? 408 SER A OG    1 
ATOM   600  N  N     . ASP A 1 80 ? -7.768  6.065   -0.412  1.00   18.20 ? 409 ASP A N     1 
ATOM   601  C  CA    . ASP A 1 80 ? -8.776  5.012   -0.476  1.00   19.54 ? 409 ASP A CA    1 
ATOM   602  C  C     . ASP A 1 80 ? -9.704  5.068   0.734   1.00   21.61 ? 409 ASP A C     1 
ATOM   603  O  O     . ASP A 1 80 ? -10.844 4.607   0.672   1.00   22.58 ? 409 ASP A O     1 
ATOM   604  C  CB    . ASP A 1 80 ? -8.121  3.632   -0.582  1.00   21.60 ? 409 ASP A CB    1 
ATOM   605  C  CG    . ASP A 1 80 ? -7.217  3.321   0.593   1.00   26.31 ? 409 ASP A CG    1 
ATOM   606  O  OD1   . ASP A 1 80 ? -7.442  2.290   1.262   1.00   27.90 ? 409 ASP A OD1   1 
ATOM   607  O  OD2   . ASP A 1 80 ? -6.276  4.100   0.843   1.00   33.32 ? 409 ASP A OD2   1 
ATOM   608  N  N     . GLU A 1 81 ? -9.212  5.632   1.833   1.00   21.56 ? 410 GLU A N     1 
ATOM   609  C  CA    . GLU A 1 81 ? -10.049 5.861   3.006   1.00   17.76 ? 410 GLU A CA    1 
ATOM   610  C  C     . GLU A 1 81 ? -11.111 6.905   2.692   1.00   21.66 ? 410 GLU A C     1 
ATOM   611  O  O     . GLU A 1 81 ? -12.273 6.759   3.074   1.00   20.73 ? 410 GLU A O     1 
ATOM   612  C  CB    . GLU A 1 81 ? -9.208  6.307   4.204   1.00   24.59 ? 410 GLU A CB    1 
ATOM   613  C  CG    . GLU A 1 81 ? -8.384  5.197   4.837   1.00   24.09 ? 410 GLU A CG    1 
ATOM   614  C  CD    . GLU A 1 81 ? -7.661  5.650   6.092   1.00   32.74 ? 410 GLU A CD    1 
ATOM   615  O  OE1   . GLU A 1 81 ? -7.868  5.027   7.154   1.00   37.20 ? 410 GLU A OE1   1 
ATOM   616  O  OE2   . GLU A 1 81 ? -6.883  6.624   6.014   1.00   31.09 ? 410 GLU A OE2   1 
ATOM   617  N  N     . ARG A 1 82 ? -10.702 7.960   1.994   1.00   18.85 ? 411 ARG A N     1 
ATOM   618  C  CA    A ARG A 1 82 ? -11.622 9.018   1.605   0.61   20.67 ? 411 ARG A CA    1 
ATOM   619  C  CA    B ARG A 1 82 ? -11.613 9.025   1.589   0.39   20.66 ? 411 ARG A CA    1 
ATOM   620  C  C     . ARG A 1 82 ? -12.681 8.497   0.639   1.00   16.81 ? 411 ARG A C     1 
ATOM   621  O  O     . ARG A 1 82 ? -13.862 8.819   0.771   1.00   16.33 ? 411 ARG A O     1 
ATOM   622  C  CB    A ARG A 1 82 ? -10.863 10.185  0.973   0.61   18.55 ? 411 ARG A CB    1 
ATOM   623  C  CB    B ARG A 1 82 ? -10.848 10.168  0.918   0.39   18.59 ? 411 ARG A CB    1 
ATOM   624  C  CG    A ARG A 1 82 ? -11.760 11.311  0.494   0.61   19.34 ? 411 ARG A CG    1 
ATOM   625  C  CG    B ARG A 1 82 ? -11.737 11.313  0.453   0.39   19.41 ? 411 ARG A CG    1 
ATOM   626  C  CD    A ARG A 1 82 ? -10.944 12.451  -0.083  0.61   22.99 ? 411 ARG A CD    1 
ATOM   627  C  CD    B ARG A 1 82 ? -11.089 12.123  -0.663  0.39   23.47 ? 411 ARG A CD    1 
ATOM   628  N  NE    A ARG A 1 82 ? -10.190 12.046  -1.265  0.61   22.96 ? 411 ARG A NE    1 
ATOM   629  N  NE    B ARG A 1 82 ? -10.919 11.339  -1.884  0.39   22.44 ? 411 ARG A NE    1 
ATOM   630  C  CZ    A ARG A 1 82 ? -9.339  12.835  -1.912  0.61   20.27 ? 411 ARG A CZ    1 
ATOM   631  C  CZ    B ARG A 1 82 ? -9.752  10.883  -2.326  0.39   18.82 ? 411 ARG A CZ    1 
ATOM   632  N  NH1   A ARG A 1 82 ? -9.130  14.074  -1.489  0.61   18.80 ? 411 ARG A NH1   1 
ATOM   633  N  NH1   B ARG A 1 82 ? -8.639  11.139  -1.650  0.39   30.90 ? 411 ARG A NH1   1 
ATOM   634  N  NH2   A ARG A 1 82 ? -8.696  12.385  -2.980  0.61   17.25 ? 411 ARG A NH2   1 
ATOM   635  N  NH2   B ARG A 1 82 ? -9.692  10.175  -3.446  0.39   18.63 ? 411 ARG A NH2   1 
ATOM   636  N  N     . LYS A 1 83 ? -12.248 7.692   -0.326  1.00   18.66 ? 412 LYS A N     1 
ATOM   637  C  CA    . LYS A 1 83 ? -13.149 7.123   -1.322  1.00   19.26 ? 412 LYS A CA    1 
ATOM   638  C  C     . LYS A 1 83 ? -14.209 6.246   -0.671  1.00   21.63 ? 412 LYS A C     1 
ATOM   639  O  O     . LYS A 1 83 ? -15.384 6.306   -1.029  1.00   24.72 ? 412 LYS A O     1 
ATOM   640  C  CB    . LYS A 1 83 ? -12.369 6.309   -2.356  1.00   21.73 ? 412 LYS A CB    1 
ATOM   641  C  CG    . LYS A 1 83 ? -13.253 5.691   -3.432  1.00   25.62 ? 412 LYS A CG    1 
ATOM   642  C  CD    . LYS A 1 83 ? -12.541 4.572   -4.173  1.00   28.96 ? 412 LYS A CD    1 
ATOM   643  C  CE    . LYS A 1 83 ? -11.313 5.080   -4.902  1.00   46.40 ? 412 LYS A CE    1 
ATOM   644  N  NZ    . LYS A 1 83 ? -10.633 3.986   -5.651  1.00   52.02 ? 412 LYS A NZ    1 
ATOM   645  N  N     . ARG A 1 84 ? -13.784 5.429   0.287   1.00   21.64 ? 413 ARG A N     1 
ATOM   646  C  CA    . ARG A 1 84 ? -14.696 4.550   1.007   1.00   17.39 ? 413 ARG A CA    1 
ATOM   647  C  C     . ARG A 1 84 ? -15.708 5.364   1.808   1.00   21.65 ? 413 ARG A C     1 
ATOM   648  O  O     . ARG A 1 84 ? -16.846 4.940   2.007   1.00   26.58 ? 413 ARG A O     1 
ATOM   649  C  CB    . ARG A 1 84 ? -13.918 3.609   1.932   1.00   21.11 ? 413 ARG A CB    1 
ATOM   650  C  CG    . ARG A 1 84 ? -14.779 2.550   2.603   1.00   22.05 ? 413 ARG A CG    1 
ATOM   651  C  CD    . ARG A 1 84 ? -13.947 1.635   3.490   1.00   24.84 ? 413 ARG A CD    1 
ATOM   652  N  NE    . ARG A 1 84 ? -13.346 2.351   4.612   1.00   24.17 ? 413 ARG A NE    1 
ATOM   653  C  CZ    . ARG A 1 84 ? -12.612 1.773   5.558   1.00   28.78 ? 413 ARG A CZ    1 
ATOM   654  N  NH1   . ARG A 1 84 ? -12.388 0.467   5.516   1.00   27.38 ? 413 ARG A NH1   1 
ATOM   655  N  NH2   . ARG A 1 84 ? -12.102 2.499   6.543   1.00   25.34 ? 413 ARG A NH2   1 
ATOM   656  N  N     . HIS A 1 85 ? -15.284 6.541   2.254   1.00   16.48 ? 414 HIS A N     1 
ATOM   657  C  CA    . HIS A 1 85 ? -16.128 7.409   3.066   1.00   18.34 ? 414 HIS A CA    1 
ATOM   658  C  C     . HIS A 1 85 ? -17.146 8.198   2.251   1.00   17.93 ? 414 HIS A C     1 
ATOM   659  O  O     . HIS A 1 85 ? -18.303 8.312   2.643   1.00   21.88 ? 414 HIS A O     1 
ATOM   660  C  CB    . HIS A 1 85 ? -15.266 8.387   3.861   1.00   16.31 ? 414 HIS A CB    1 
ATOM   661  C  CG    . HIS A 1 85 ? -16.013 9.596   4.331   1.00   19.46 ? 414 HIS A CG    1 
ATOM   662  N  ND1   . HIS A 1 85 ? -16.816 9.586   5.451   1.00   16.76 ? 414 HIS A ND1   1 
ATOM   663  C  CD2   . HIS A 1 85 ? -16.088 10.851  3.826   1.00   23.22 ? 414 HIS A CD2   1 
ATOM   664  C  CE1   . HIS A 1 85 ? -17.349 10.784  5.618   1.00   22.56 ? 414 HIS A CE1   1 
ATOM   665  N  NE2   . HIS A 1 85 ? -16.925 11.570  4.645   1.00   17.92 ? 414 HIS A NE2   1 
ATOM   666  N  N     . THR A 1 86 ? -16.701 8.755   1.128   1.00   25.12 ? 415 THR A N     1 
ATOM   667  C  CA    . THR A 1 86 ? -17.514 9.674   0.332   1.00   18.36 ? 415 THR A CA    1 
ATOM   668  C  C     . THR A 1 86 ? -18.886 9.102   -0.028  1.00   26.38 ? 415 THR A C     1 
ATOM   669  O  O     . THR A 1 86 ? -19.877 9.831   -0.078  1.00   25.48 ? 415 THR A O     1 
ATOM   670  C  CB    . THR A 1 86 ? -16.779 10.067  -0.965  1.00   20.21 ? 415 THR A CB    1 
ATOM   671  O  OG1   . THR A 1 86 ? -15.464 10.540  -0.648  1.00   25.66 ? 415 THR A OG1   1 
ATOM   672  C  CG2   . THR A 1 86 ? -17.537 11.160  -1.706  1.00   20.38 ? 415 THR A CG2   1 
ATOM   673  N  N     . LYS A 1 87 ? -18.943 7.792   -0.247  1.00   22.47 ? 416 LYS A N     1 
ATOM   674  C  CA    . LYS A 1 87 ? -20.169 7.147   -0.709  1.00   19.40 ? 416 LYS A CA    1 
ATOM   675  C  C     . LYS A 1 87 ? -21.285 7.138   0.334   1.00   26.16 ? 416 LYS A C     1 
ATOM   676  O  O     . LYS A 1 87 ? -22.449 6.929   -0.006  1.00   40.40 ? 416 LYS A O     1 
ATOM   677  C  CB    . LYS A 1 87 ? -19.877 5.710   -1.147  1.00   35.86 ? 416 LYS A CB    1 
ATOM   678  C  CG    . LYS A 1 87 ? -19.670 4.743   0.005   1.00   29.31 ? 416 LYS A CG    1 
ATOM   679  C  CD    . LYS A 1 87 ? -19.514 3.315   -0.489  1.00   46.61 ? 416 LYS A CD    1 
ATOM   680  C  CE    . LYS A 1 87 ? -19.447 2.343   0.677   1.00   46.62 ? 416 LYS A CE    1 
ATOM   681  N  NZ    . LYS A 1 87 ? -18.398 2.734   1.655   1.00   27.36 ? 416 LYS A NZ    1 
ATOM   682  N  N     . ILE A 1 88 ? -20.941 7.369   1.598   1.00   24.10 ? 417 ILE A N     1 
ATOM   683  C  CA    . ILE A 1 88 ? -21.940 7.314   2.663   1.00   27.85 ? 417 ILE A CA    1 
ATOM   684  C  C     . ILE A 1 88 ? -22.883 8.512   2.620   1.00   26.82 ? 417 ILE A C     1 
ATOM   685  O  O     . ILE A 1 88 ? -23.899 8.536   3.315   1.00   32.25 ? 417 ILE A O     1 
ATOM   686  C  CB    . ILE A 1 88 ? -21.293 7.244   4.064   1.00   27.83 ? 417 ILE A CB    1 
ATOM   687  C  CG1   . ILE A 1 88 ? -20.765 8.618   4.490   1.00   23.03 ? 417 ILE A CG1   1 
ATOM   688  C  CG2   . ILE A 1 88 ? -20.209 6.177   4.103   1.00   26.07 ? 417 ILE A CG2   1 
ATOM   689  C  CD1   . ILE A 1 88 ? -20.169 8.640   5.884   1.00   27.31 ? 417 ILE A CD1   1 
ATOM   690  N  N     . HIS A 1 89 ? -22.547 9.503   1.801   1.00   26.83 ? 418 HIS A N     1 
ATOM   691  C  CA    . HIS A 1 89 ? -23.397 10.675  1.643   1.00   27.23 ? 418 HIS A CA    1 
ATOM   692  C  C     . HIS A 1 89 ? -24.507 10.407  0.630   1.00   26.18 ? 418 HIS A C     1 
ATOM   693  O  O     . HIS A 1 89 ? -25.392 11.236  0.429   1.00   31.80 ? 418 HIS A O     1 
ATOM   694  C  CB    . HIS A 1 89 ? -22.566 11.887  1.221   1.00   21.30 ? 418 HIS A CB    1 
ATOM   695  C  CG    . HIS A 1 89 ? -21.539 12.291  2.232   1.00   23.81 ? 418 HIS A CG    1 
ATOM   696  N  ND1   . HIS A 1 89 ? -21.872 12.832  3.456   1.00   26.63 ? 418 HIS A ND1   1 
ATOM   697  C  CD2   . HIS A 1 89 ? -20.186 12.232  2.203   1.00   20.20 ? 418 HIS A CD2   1 
ATOM   698  C  CE1   . HIS A 1 89 ? -20.770 13.088  4.136   1.00   26.68 ? 418 HIS A CE1   1 
ATOM   699  N  NE2   . HIS A 1 89 ? -19.733 12.735  3.399   1.00   21.51 ? 418 HIS A NE2   1 
ATOM   700  N  N     . LEU A 1 90 ? -24.450 9.239   -0.003  1.00   26.57 ? 419 LEU A N     1 
ATOM   701  C  CA    . LEU A 1 90 ? -25.505 8.801   -0.909  1.00   39.55 ? 419 LEU A CA    1 
ATOM   702  C  C     . LEU A 1 90 ? -26.634 8.140   -0.125  1.00   51.07 ? 419 LEU A C     1 
ATOM   703  O  O     . LEU A 1 90 ? -26.441 7.098   0.499   1.00   63.09 ? 419 LEU A O     1 
ATOM   704  C  CB    . LEU A 1 90 ? -24.952 7.832   -1.957  1.00   28.29 ? 419 LEU A CB    1 
ATOM   705  C  CG    . LEU A 1 90 ? -23.771 8.311   -2.804  1.00   34.77 ? 419 LEU A CG    1 
ATOM   706  C  CD1   . LEU A 1 90 ? -23.318 7.203   -3.738  1.00   31.43 ? 419 LEU A CD1   1 
ATOM   707  C  CD2   . LEU A 1 90 ? -24.127 9.565   -3.590  1.00   33.14 ? 419 LEU A CD2   1 
ATOM   708  N  N     . ARG A 1 91 ? -27.814 8.747   -0.160  1.00   59.86 ? 420 ARG A N     1 
ATOM   709  C  CA    . ARG A 1 91 ? -28.953 8.236   0.595   1.00   60.35 ? 420 ARG A CA    1 
ATOM   710  C  C     . ARG A 1 91 ? -29.951 7.508   -0.298  1.00   64.81 ? 420 ARG A C     1 
ATOM   711  O  O     . ARG A 1 91 ? -31.152 7.511   -0.022  1.00   80.30 ? 420 ARG A O     1 
ATOM   712  C  CB    . ARG A 1 91 ? -29.657 9.372   1.337   1.00   47.85 ? 420 ARG A CB    1 
ATOM   713  N  N     . GLN A 1 92 ? -29.443 6.891   -1.361  1.00   66.25 ? 421 GLN A N     1 
ATOM   714  C  CA    . GLN A 1 92 ? -30.263 6.134   -2.306  1.00   62.77 ? 421 GLN A CA    1 
ATOM   715  C  C     . GLN A 1 92 ? -31.403 6.975   -2.876  1.00   59.29 ? 421 GLN A C     1 
ATOM   716  O  O     . GLN A 1 92 ? -32.016 6.609   -3.879  1.00   47.46 ? 421 GLN A O     1 
ATOM   717  C  CB    . GLN A 1 92 ? -30.810 4.874   -1.643  1.00   66.54 ? 421 GLN A CB    1 
ATOM   718  O  "O5'" . DA  B 2 1  ? -15.096 4.780   9.549   1.00   28.96 ? 1   DA  B "O5'" 1 
ATOM   719  C  "C5'" . DA  B 2 1  ? -15.373 5.193   10.881  1.00   21.91 ? 1   DA  B "C5'" 1 
ATOM   720  C  "C4'" . DA  B 2 1  ? -14.278 4.734   11.832  1.00   27.50 ? 1   DA  B "C4'" 1 
ATOM   721  O  "O4'" . DA  B 2 1  ? -14.281 3.284   11.915  1.00   30.51 ? 1   DA  B "O4'" 1 
ATOM   722  C  "C3'" . DA  B 2 1  ? -12.861 5.138   11.430  1.00   35.75 ? 1   DA  B "C3'" 1 
ATOM   723  O  "O3'" . DA  B 2 1  ? -12.114 5.497   12.584  1.00   34.00 ? 1   DA  B "O3'" 1 
ATOM   724  C  "C2'" . DA  B 2 1  ? -12.310 3.873   10.777  1.00   30.72 ? 1   DA  B "C2'" 1 
ATOM   725  C  "C1'" . DA  B 2 1  ? -13.009 2.776   11.570  1.00   27.17 ? 1   DA  B "C1'" 1 
ATOM   726  N  N9    . DA  B 2 1  ? -13.201 1.541   10.813  1.00   25.27 ? 1   DA  B N9    1 
ATOM   727  C  C8    . DA  B 2 1  ? -12.654 0.317   11.079  1.00   21.89 ? 1   DA  B C8    1 
ATOM   728  N  N7    . DA  B 2 1  ? -13.004 -0.617  10.225  1.00   22.55 ? 1   DA  B N7    1 
ATOM   729  C  C5    . DA  B 2 1  ? -13.837 0.040   9.335   1.00   20.22 ? 1   DA  B C5    1 
ATOM   730  C  C6    . DA  B 2 1  ? -14.540 -0.395  8.194   1.00   26.54 ? 1   DA  B C6    1 
ATOM   731  N  N6    . DA  B 2 1  ? -14.504 -1.653  7.742   1.00   25.08 ? 1   DA  B N6    1 
ATOM   732  N  N1    . DA  B 2 1  ? -15.282 0.518   7.532   1.00   28.98 ? 1   DA  B N1    1 
ATOM   733  C  C2    . DA  B 2 1  ? -15.316 1.777   7.988   1.00   23.79 ? 1   DA  B C2    1 
ATOM   734  N  N3    . DA  B 2 1  ? -14.699 2.302   9.046   1.00   25.45 ? 1   DA  B N3    1 
ATOM   735  C  C4    . DA  B 2 1  ? -13.969 1.372   9.683   1.00   23.01 ? 1   DA  B C4    1 
ATOM   736  P  P     . DG  B 2 2  ? -10.751 6.330   12.434  1.00   44.08 ? 2   DG  B P     1 
ATOM   737  O  OP1   . DG  B 2 2  ? -10.535 7.066   13.698  1.00   40.66 ? 2   DG  B OP1   1 
ATOM   738  O  OP2   . DG  B 2 2  ? -10.799 7.061   11.150  1.00   36.36 ? 2   DG  B OP2   1 
ATOM   739  O  "O5'" . DG  B 2 2  ? -9.628  5.203   12.303  1.00   32.62 ? 2   DG  B "O5'" 1 
ATOM   740  C  "C5'" . DG  B 2 2  ? -9.359  4.344   13.396  1.00   25.37 ? 2   DG  B "C5'" 1 
ATOM   741  C  "C4'" A DG  B 2 2  ? -8.244  3.376   13.049  0.68   37.91 ? 2   DG  B "C4'" 1 
ATOM   742  C  "C4'" B DG  B 2 2  ? -8.250  3.363   13.058  0.32   37.75 ? 2   DG  B "C4'" 1 
ATOM   743  O  "O4'" A DG  B 2 2  ? -8.786  2.258   12.298  0.68   31.61 ? 2   DG  B "O4'" 1 
ATOM   744  O  "O4'" B DG  B 2 2  ? -8.790  2.253   12.298  0.32   31.60 ? 2   DG  B "O4'" 1 
ATOM   745  C  "C3'" A DG  B 2 2  ? -7.121  3.968   12.194  0.68   34.37 ? 2   DG  B "C3'" 1 
ATOM   746  C  "C3'" B DG  B 2 2  ? -7.104  3.940   12.225  0.32   34.38 ? 2   DG  B "C3'" 1 
ATOM   747  O  "O3'" A DG  B 2 2  ? -5.857  3.615   12.735  0.68   38.73 ? 2   DG  B "O3'" 1 
ATOM   748  O  "O3'" B DG  B 2 2  ? -5.860  3.529   12.775  0.32   38.64 ? 2   DG  B "O3'" 1 
ATOM   749  C  "C2'" A DG  B 2 2  ? -7.341  3.338   10.819  0.68   33.65 ? 2   DG  B "C2'" 1 
ATOM   750  C  "C2'" B DG  B 2 2  ? -7.335  3.340   10.836  0.32   33.60 ? 2   DG  B "C2'" 1 
ATOM   751  C  "C1'" . DG  B 2 2  ? -7.969  2.003   11.182  1.00   29.69 ? 2   DG  B "C1'" 1 
ATOM   752  N  N9    . DG  B 2 2  ? -8.801  1.451   10.120  1.00   27.96 ? 2   DG  B N9    1 
ATOM   753  C  C8    . DG  B 2 2  ? -9.622  2.145   9.264   1.00   21.41 ? 2   DG  B C8    1 
ATOM   754  N  N7    . DG  B 2 2  ? -10.253 1.381   8.416   1.00   25.42 ? 2   DG  B N7    1 
ATOM   755  C  C5    . DG  B 2 2  ? -9.824  0.097   8.732   1.00   23.43 ? 2   DG  B C5    1 
ATOM   756  C  C6    . DG  B 2 2  ? -10.167 -1.147  8.151   1.00   22.76 ? 2   DG  B C6    1 
ATOM   757  O  O6    . DG  B 2 2  ? -10.943 -1.368  7.210   1.00   26.32 ? 2   DG  B O6    1 
ATOM   758  N  N1    . DG  B 2 2  ? -9.504  -2.203  8.771   1.00   20.37 ? 2   DG  B N1    1 
ATOM   759  C  C2    . DG  B 2 2  ? -8.625  -2.074  9.819   1.00   22.20 ? 2   DG  B C2    1 
ATOM   760  N  N2    . DG  B 2 2  ? -8.084  -3.208  10.286  1.00   29.22 ? 2   DG  B N2    1 
ATOM   761  N  N3    . DG  B 2 2  ? -8.296  -0.914  10.371  1.00   23.51 ? 2   DG  B N3    1 
ATOM   762  C  C4    . DG  B 2 2  ? -8.931  0.125   9.779   1.00   28.95 ? 2   DG  B C4    1 
ATOM   763  P  P     A DC  B 2 3  ? -4.504  4.103   12.019  0.52   38.20 ? 3   DC  B P     1 
ATOM   764  P  P     B DC  B 2 3  ? -4.477  4.018   12.122  0.48   37.83 ? 3   DC  B P     1 
ATOM   765  O  OP1   A DC  B 2 3  ? -3.483  4.248   13.079  0.52   40.27 ? 3   DC  B OP1   1 
ATOM   766  O  OP1   B DC  B 2 3  ? -3.486  4.099   13.218  0.48   40.22 ? 3   DC  B OP1   1 
ATOM   767  O  OP2   A DC  B 2 3  ? -4.829  5.258   11.150  0.52   34.88 ? 3   DC  B OP2   1 
ATOM   768  O  OP2   B DC  B 2 3  ? -4.752  5.209   11.287  0.48   35.28 ? 3   DC  B OP2   1 
ATOM   769  O  "O5'" A DC  B 2 3  ? -4.109  2.873   11.074  0.52   37.06 ? 3   DC  B "O5'" 1 
ATOM   770  O  "O5'" B DC  B 2 3  ? -4.073  2.816   11.149  0.48   37.04 ? 3   DC  B "O5'" 1 
ATOM   771  C  "C5'" A DC  B 2 3  ? -4.015  1.568   11.625  0.52   32.55 ? 3   DC  B "C5'" 1 
ATOM   772  C  "C5'" B DC  B 2 3  ? -4.016  1.492   11.660  0.48   32.57 ? 3   DC  B "C5'" 1 
ATOM   773  C  "C4'" A DC  B 2 3  ? -3.744  0.531   10.547  0.52   29.14 ? 3   DC  B "C4'" 1 
ATOM   774  C  "C4'" B DC  B 2 3  ? -3.745  0.487   10.555  0.48   29.14 ? 3   DC  B "C4'" 1 
ATOM   775  O  "O4'" A DC  B 2 3  ? -4.960  0.245   9.810   0.52   28.50 ? 3   DC  B "O4'" 1 
ATOM   776  O  "O4'" B DC  B 2 3  ? -4.963  0.219   9.812   0.48   28.50 ? 3   DC  B "O4'" 1 
ATOM   777  C  "C3'" A DC  B 2 3  ? -2.693  0.925   9.498   0.52   28.21 ? 3   DC  B "C3'" 1 
ATOM   778  C  "C3'" B DC  B 2 3  ? -2.697  0.911   9.516   0.48   28.23 ? 3   DC  B "C3'" 1 
ATOM   779  O  "O3'" A DC  B 2 3  ? -1.730  -0.109  9.382   0.52   31.33 ? 3   DC  B "O3'" 1 
ATOM   780  O  "O3'" B DC  B 2 3  ? -1.730  -0.117  9.378   0.48   31.32 ? 3   DC  B "O3'" 1 
ATOM   781  C  "C2'" A DC  B 2 3  ? -3.510  1.062   8.210   0.52   26.48 ? 3   DC  B "C2'" 1 
ATOM   782  C  "C2'" B DC  B 2 3  ? -3.515  1.074   8.230   0.48   26.49 ? 3   DC  B "C2'" 1 
ATOM   783  C  "C1'" . DC  B 2 3  ? -4.616  0.057   8.464   0.89   30.58 ? 3   DC  B "C1'" 1 
ATOM   784  N  N1    . DC  B 2 3  ? -5.824  0.254   7.610   1.00   28.55 ? 3   DC  B N1    1 
ATOM   785  C  C2    . DC  B 2 3  ? -6.525  -0.868  7.158   1.00   24.17 ? 3   DC  B C2    1 
ATOM   786  O  O2    . DC  B 2 3  ? -6.139  -1.989  7.494   1.00   26.90 ? 3   DC  B O2    1 
ATOM   787  N  N3    . DC  B 2 3  ? -7.613  -0.693  6.372   1.00   24.33 ? 3   DC  B N3    1 
ATOM   788  C  C4    . DC  B 2 3  ? -7.999  0.534   6.030   1.00   26.87 ? 3   DC  B C4    1 
ATOM   789  N  N4    . DC  B 2 3  ? -9.079  0.657   5.251   1.00   29.96 ? 3   DC  B N4    1 
ATOM   790  C  C5    . DC  B 2 3  ? -7.293  1.694   6.472   1.00   23.02 ? 3   DC  B C5    1 
ATOM   791  C  C6    . DC  B 2 3  ? -6.219  1.509   7.251   1.00   27.90 ? 3   DC  B C6    1 
ATOM   792  P  P     . DG  B 2 4  ? -0.219  0.224   8.951   1.00   24.29 ? 4   DG  B P     1 
ATOM   793  O  OP1   . DG  B 2 4  ? 0.487   0.730   10.148  1.00   25.50 ? 4   DG  B OP1   1 
ATOM   794  O  OP2   . DG  B 2 4  ? -0.256  1.040   7.718   1.00   22.85 ? 4   DG  B OP2   1 
ATOM   795  O  "O5'" . DG  B 2 4  ? 0.380   -1.203  8.555   1.00   27.12 ? 4   DG  B "O5'" 1 
ATOM   796  C  "C5'" . DG  B 2 4  ? 0.144   -2.327  9.399   1.00   32.10 ? 4   DG  B "C5'" 1 
ATOM   797  C  "C4'" . DG  B 2 4  ? -0.223  -3.550  8.578   1.00   29.24 ? 4   DG  B "C4'" 1 
ATOM   798  O  "O4'" . DG  B 2 4  ? -1.551  -3.382  8.015   1.00   29.38 ? 4   DG  B "O4'" 1 
ATOM   799  C  "C3'" . DG  B 2 4  ? 0.713   -3.834  7.403   1.00   29.86 ? 4   DG  B "C3'" 1 
ATOM   800  O  "O3'" . DG  B 2 4  ? 1.132   -5.192  7.421   1.00   31.80 ? 4   DG  B "O3'" 1 
ATOM   801  C  "C2'" . DG  B 2 4  ? -0.131  -3.512  6.167   1.00   25.08 ? 4   DG  B "C2'" 1 
ATOM   802  C  "C1'" . DG  B 2 4  ? -1.545  -3.767  6.663   1.00   28.36 ? 4   DG  B "C1'" 1 
ATOM   803  N  N9    . DG  B 2 4  ? -2.554  -2.980  5.955   1.00   25.16 ? 4   DG  B N9    1 
ATOM   804  C  C8    . DG  B 2 4  ? -2.764  -1.628  6.060   1.00   23.97 ? 4   DG  B C8    1 
ATOM   805  N  N7    . DG  B 2 4  ? -3.734  -1.192  5.305   1.00   28.06 ? 4   DG  B N7    1 
ATOM   806  C  C5    . DG  B 2 4  ? -4.196  -2.328  4.654   1.00   24.06 ? 4   DG  B C5    1 
ATOM   807  C  C6    . DG  B 2 4  ? -5.237  -2.475  3.706   1.00   21.63 ? 4   DG  B C6    1 
ATOM   808  O  O6    . DG  B 2 4  ? -5.983  -1.600  3.243   1.00   21.18 ? 4   DG  B O6    1 
ATOM   809  N  N1    . DG  B 2 4  ? -5.376  -3.799  3.296   1.00   27.00 ? 4   DG  B N1    1 
ATOM   810  C  C2    . DG  B 2 4  ? -4.607  -4.845  3.742   1.00   25.46 ? 4   DG  B C2    1 
ATOM   811  N  N2    . DG  B 2 4  ? -4.892  -6.052  3.230   1.00   30.07 ? 4   DG  B N2    1 
ATOM   812  N  N3    . DG  B 2 4  ? -3.627  -4.721  4.629   1.00   35.20 ? 4   DG  B N3    1 
ATOM   813  C  C4    . DG  B 2 4  ? -3.477  -3.438  5.039   1.00   29.18 ? 4   DG  B C4    1 
ATOM   814  P  P     . DT  B 2 5  ? 2.463   -5.631  6.635   1.00   30.15 ? 5   DT  B P     1 
ATOM   815  O  OP1   . DT  B 2 5  ? 2.888   -6.951  7.153   1.00   38.66 ? 5   DT  B OP1   1 
ATOM   816  O  OP2   . DT  B 2 5  ? 3.406   -4.493  6.682   1.00   30.44 ? 5   DT  B OP2   1 
ATOM   817  O  "O5'" . DT  B 2 5  ? 1.970   -5.798  5.126   1.00   29.86 ? 5   DT  B "O5'" 1 
ATOM   818  C  "C5'" . DT  B 2 5  ? 0.896   -6.675  4.830   1.00   25.91 ? 5   DT  B "C5'" 1 
ATOM   819  C  "C4'" . DT  B 2 5  ? 0.501   -6.577  3.368   1.00   29.65 ? 5   DT  B "C4'" 1 
ATOM   820  O  "O4'" . DT  B 2 5  ? -0.553  -5.592  3.199   1.00   37.10 ? 5   DT  B "O4'" 1 
ATOM   821  C  "C3'" . DT  B 2 5  ? 1.626   -6.160  2.410   1.00   35.44 ? 5   DT  B "C3'" 1 
ATOM   822  O  "O3'" . DT  B 2 5  ? 1.666   -7.052  1.316   1.00   42.73 ? 5   DT  B "O3'" 1 
ATOM   823  C  "C2'" . DT  B 2 5  ? 1.205   -4.759  1.962   1.00   32.01 ? 5   DT  B "C2'" 1 
ATOM   824  C  "C1'" . DT  B 2 5  ? -0.303  -4.892  2.010   1.00   26.46 ? 5   DT  B "C1'" 1 
ATOM   825  N  N1    . DT  B 2 5  ? -1.031  -3.592  2.041   1.00   29.34 ? 5   DT  B N1    1 
ATOM   826  C  C2    . DT  B 2 5  ? -2.198  -3.466  1.327   1.00   28.89 ? 5   DT  B C2    1 
ATOM   827  O  O2    . DT  B 2 5  ? -2.681  -4.374  0.673   1.00   36.66 ? 5   DT  B O2    1 
ATOM   828  N  N3    . DT  B 2 5  ? -2.790  -2.237  1.410   1.00   27.82 ? 5   DT  B N3    1 
ATOM   829  C  C4    . DT  B 2 5  ? -2.340  -1.138  2.118   1.00   27.47 ? 5   DT  B C4    1 
ATOM   830  O  O4    . DT  B 2 5  ? -2.946  -0.073  2.128   1.00   27.99 ? 5   DT  B O4    1 
ATOM   831  C  C5    . DT  B 2 5  ? -1.106  -1.333  2.843   1.00   26.20 ? 5   DT  B C5    1 
ATOM   832  C  C7    . DT  B 2 5  ? -0.518  -0.212  3.648   1.00   25.42 ? 5   DT  B C7    1 
ATOM   833  C  C6    . DT  B 2 5  ? -0.516  -2.538  2.768   1.00   27.61 ? 5   DT  B C6    1 
ATOM   834  P  P     . DG  B 2 6  ? 3.062   -7.445  0.629   1.00   43.52 ? 6   DG  B P     1 
ATOM   835  O  OP1   . DG  B 2 6  ? 3.762   -8.384  1.534   1.00   38.95 ? 6   DG  B OP1   1 
ATOM   836  O  OP2   . DG  B 2 6  ? 3.732   -6.193  0.207   1.00   34.83 ? 6   DG  B OP2   1 
ATOM   837  O  "O5'" . DG  B 2 6  ? 2.609   -8.225  -0.688  1.00   39.54 ? 6   DG  B "O5'" 1 
ATOM   838  C  "C5'" . DG  B 2 6  ? 1.558   -9.180  -0.615  1.00   38.61 ? 6   DG  B "C5'" 1 
ATOM   839  C  "C4'" A DG  B 2 6  ? 0.573   -8.975  -1.751  0.45   40.45 ? 6   DG  B "C4'" 1 
ATOM   840  C  "C4'" B DG  B 2 6  ? 0.559   -8.977  -1.742  0.55   40.41 ? 6   DG  B "C4'" 1 
ATOM   841  O  "O4'" A DG  B 2 6  ? -0.209  -7.778  -1.502  0.45   41.97 ? 6   DG  B "O4'" 1 
ATOM   842  O  "O4'" B DG  B 2 6  ? -0.216  -7.776  -1.496  0.55   42.00 ? 6   DG  B "O4'" 1 
ATOM   843  C  "C3'" A DG  B 2 6  ? 1.213   -8.797  -3.130  0.45   45.07 ? 6   DG  B "C3'" 1 
ATOM   844  C  "C3'" B DG  B 2 6  ? 1.179   -8.815  -3.133  0.55   45.08 ? 6   DG  B "C3'" 1 
ATOM   845  O  "O3'" A DG  B 2 6  ? 0.582   -9.654  -4.073  0.45   49.71 ? 6   DG  B "O3'" 1 
ATOM   846  O  "O3'" B DG  B 2 6  ? 0.501   -9.645  -4.067  0.55   49.72 ? 6   DG  B "O3'" 1 
ATOM   847  C  "C2'" A DG  B 2 6  ? 0.983   -7.321  -3.458  0.45   44.21 ? 6   DG  B "C2'" 1 
ATOM   848  C  "C2'" B DG  B 2 6  ? 0.982   -7.331  -3.448  0.55   44.21 ? 6   DG  B "C2'" 1 
ATOM   849  C  "C1'" A DG  B 2 6  ? -0.282  -7.008  -2.677  0.45   42.80 ? 6   DG  B "C1'" 1 
ATOM   850  C  "C1'" B DG  B 2 6  ? -0.285  -7.008  -2.674  0.55   42.82 ? 6   DG  B "C1'" 1 
ATOM   851  N  N9    . DG  B 2 6  ? -0.391  -5.601  -2.297  1.00   37.79 ? 6   DG  B N9    1 
ATOM   852  C  C8    . DG  B 2 6  ? 0.402   -4.923  -1.403  1.00   35.95 ? 6   DG  B C8    1 
ATOM   853  N  N7    . DG  B 2 6  ? 0.072   -3.670  -1.261  1.00   29.30 ? 6   DG  B N7    1 
ATOM   854  C  C5    . DG  B 2 6  ? -1.011  -3.505  -2.113  1.00   30.56 ? 6   DG  B C5    1 
ATOM   855  C  C6    . DG  B 2 6  ? -1.792  -2.355  -2.382  1.00   29.71 ? 6   DG  B C6    1 
ATOM   856  O  O6    . DG  B 2 6  ? -1.675  -1.220  -1.903  1.00   35.50 ? 6   DG  B O6    1 
ATOM   857  N  N1    . DG  B 2 6  ? -2.796  -2.621  -3.310  1.00   32.00 ? 6   DG  B N1    1 
ATOM   858  C  C2    . DG  B 2 6  ? -3.016  -3.840  -3.903  1.00   32.28 ? 6   DG  B C2    1 
ATOM   859  N  N2    . DG  B 2 6  ? -4.033  -3.901  -4.775  1.00   41.29 ? 6   DG  B N2    1 
ATOM   860  N  N3    . DG  B 2 6  ? -2.292  -4.925  -3.661  1.00   39.95 ? 6   DG  B N3    1 
ATOM   861  C  C4    . DG  B 2 6  ? -1.311  -4.685  -2.759  1.00   32.15 ? 6   DG  B C4    1 
ATOM   862  P  P     A DG  B 2 7  ? 1.181   -9.809  -5.556  0.0000 54.87 ? 7   DG  B P     1 
ATOM   863  P  P     B DG  B 2 7  ? 1.109   -9.876  -5.537  1.00   55.67 ? 7   DG  B P     1 
ATOM   864  O  OP1   A DG  B 2 7  ? 1.058   -11.233 -5.938  0.0000 55.81 ? 7   DG  B OP1   1 
ATOM   865  O  OP1   B DG  B 2 7  ? 0.936   -11.305 -5.874  1.00   56.74 ? 7   DG  B OP1   1 
ATOM   866  O  OP2   A DG  B 2 7  ? 2.508   -9.155  -5.589  0.0000 50.81 ? 7   DG  B OP2   1 
ATOM   867  O  OP2   B DG  B 2 7  ? 2.464   -9.281  -5.565  1.00   50.98 ? 7   DG  B OP2   1 
ATOM   868  O  "O5'" A DG  B 2 7  ? 0.178   -8.948  -6.456  0.0000 44.25 ? 7   DG  B "O5'" 1 
ATOM   869  O  "O5'" B DG  B 2 7  ? 0.160   -9.001  -6.480  1.00   43.87 ? 7   DG  B "O5'" 1 
ATOM   870  C  "C5'" A DG  B 2 7  ? -1.221  -9.181  -6.365  0.0000 44.39 ? 7   DG  B "C5'" 1 
ATOM   871  C  "C5'" B DG  B 2 7  ? -1.245  -9.232  -6.482  1.00   44.21 ? 7   DG  B "C5'" 1 
ATOM   872  C  "C4'" A DG  B 2 7  ? -1.996  -8.173  -7.193  0.0000 50.82 ? 7   DG  B "C4'" 1 
ATOM   873  C  "C4'" B DG  B 2 7  ? -1.965  -8.167  -7.289  1.00   51.00 ? 7   DG  B "C4'" 1 
ATOM   874  O  "O4'" A DG  B 2 7  ? -2.009  -6.885  -6.521  0.0000 51.09 ? 7   DG  B "O4'" 1 
ATOM   875  O  "O4'" B DG  B 2 7  ? -1.954  -6.912  -6.562  1.00   51.49 ? 7   DG  B "O4'" 1 
ATOM   876  C  "C3'" A DG  B 2 7  ? -1.438  -7.917  -8.594  0.0000 55.22 ? 7   DG  B "C3'" 1 
ATOM   877  C  "C3'" B DG  B 2 7  ? -1.354  -7.871  -8.665  1.00   56.02 ? 7   DG  B "C3'" 1 
ATOM   878  O  "O3'" A DG  B 2 7  ? -2.508  -7.907  -9.537  0.0000 55.58 ? 7   DG  B "O3'" 1 
ATOM   879  O  "O3'" B DG  B 2 7  ? -2.366  -7.882  -9.664  1.00   56.43 ? 7   DG  B "O3'" 1 
ATOM   880  C  "C2'" A DG  B 2 7  ? -0.777  -6.541  -8.465  0.0000 48.15 ? 7   DG  B "C2'" 1 
ATOM   881  C  "C2'" B DG  B 2 7  ? -0.748  -6.478  -8.502  1.00   48.15 ? 7   DG  B "C2'" 1 
ATOM   882  C  "C1'" A DG  B 2 7  ? -1.680  -5.874  -7.446  0.0000 50.26 ? 7   DG  B "C1'" 1 
ATOM   883  C  "C1'" B DG  B 2 7  ? -1.667  -5.868  -7.458  1.00   50.70 ? 7   DG  B "C1'" 1 
ATOM   884  N  N9    . DG  B 2 7  ? -1.050  -4.771  -6.720  1.00   40.80 ? 7   DG  B N9    1 
ATOM   885  C  C8    . DG  B 2 7  ? 0.000   -4.853  -5.840  1.00   38.77 ? 7   DG  B C8    1 
ATOM   886  N  N7    . DG  B 2 7  ? 0.343   -3.703  -5.332  1.00   36.16 ? 7   DG  B N7    1 
ATOM   887  C  C5    . DG  B 2 7  ? -0.537  -2.798  -5.913  1.00   33.96 ? 7   DG  B C5    1 
ATOM   888  C  C6    . DG  B 2 7  ? -0.648  -1.398  -5.744  1.00   38.31 ? 7   DG  B C6    1 
ATOM   889  O  O6    . DG  B 2 7  ? 0.034   -0.655  -5.025  1.00   32.76 ? 7   DG  B O6    1 
ATOM   890  N  N1    . DG  B 2 7  ? -1.675  -0.865  -6.519  1.00   34.89 ? 7   DG  B N1    1 
ATOM   891  C  C2    . DG  B 2 7  ? -2.491  -1.594  -7.352  1.00   32.85 ? 7   DG  B C2    1 
ATOM   892  N  N2    . DG  B 2 7  ? -3.427  -0.903  -8.020  1.00   31.60 ? 7   DG  B N2    1 
ATOM   893  N  N3    . DG  B 2 7  ? -2.399  -2.907  -7.517  1.00   32.83 ? 7   DG  B N3    1 
ATOM   894  C  C4    . DG  B 2 7  ? -1.402  -3.440  -6.770  1.00   34.70 ? 7   DG  B C4    1 
ATOM   895  P  P     A DG  B 2 8  ? -2.250  -7.477  -11.063 0.25   58.83 ? 8   DG  B P     1 
ATOM   896  P  P     B DG  B 2 8  ? -1.960  -7.899  -11.218 0.75   62.02 ? 8   DG  B P     1 
ATOM   897  O  OP1   A DG  B 2 8  ? -3.368  -8.013  -11.872 0.25   53.12 ? 8   DG  B OP1   1 
ATOM   898  O  OP1   B DG  B 2 8  ? -3.061  -8.561  -11.953 0.75   58.92 ? 8   DG  B OP1   1 
ATOM   899  O  OP2   A DG  B 2 8  ? -0.855  -7.820  -11.416 0.25   51.10 ? 8   DG  B OP2   1 
ATOM   900  O  OP2   B DG  B 2 8  ? -0.581  -8.428  -11.320 0.75   47.56 ? 8   DG  B OP2   1 
ATOM   901  O  "O5'" A DG  B 2 8  ? -2.365  -5.885  -11.031 0.25   51.69 ? 8   DG  B "O5'" 1 
ATOM   902  O  "O5'" B DG  B 2 8  ? -1.919  -6.351  -11.626 0.75   59.76 ? 8   DG  B "O5'" 1 
ATOM   903  C  "C5'" A DG  B 2 8  ? -3.493  -5.241  -11.590 0.25   47.18 ? 8   DG  B "C5'" 1 
ATOM   904  C  "C5'" B DG  B 2 8  ? -3.115  -5.573  -11.615 0.75   46.59 ? 8   DG  B "C5'" 1 
ATOM   905  C  "C4'" A DG  B 2 8  ? -3.072  -3.959  -12.274 0.25   48.28 ? 8   DG  B "C4'" 1 
ATOM   906  C  "C4'" B DG  B 2 8  ? -2.884  -4.215  -12.261 0.75   49.31 ? 8   DG  B "C4'" 1 
ATOM   907  O  "O4'" A DG  B 2 8  ? -2.447  -3.081  -11.300 0.25   42.67 ? 8   DG  B "O4'" 1 
ATOM   908  O  "O4'" B DG  B 2 8  ? -2.359  -3.285  -11.275 0.75   42.85 ? 8   DG  B "O4'" 1 
ATOM   909  C  "C3'" A DG  B 2 8  ? -2.048  -4.142  -13.399 0.25   43.66 ? 8   DG  B "C3'" 1 
ATOM   910  C  "C3'" B DG  B 2 8  ? -1.883  -4.215  -13.418 0.75   43.33 ? 8   DG  B "C3'" 1 
ATOM   911  O  "O3'" A DG  B 2 8  ? -2.368  -3.282  -14.489 0.25   45.13 ? 8   DG  B "O3'" 1 
ATOM   912  O  "O3'" B DG  B 2 8  ? -2.336  -3.367  -14.468 0.75   45.15 ? 8   DG  B "O3'" 1 
ATOM   913  C  "C2'" A DG  B 2 8  ? -0.732  -3.748  -12.733 0.25   40.52 ? 8   DG  B "C2'" 1 
ATOM   914  C  "C2'" B DG  B 2 8  ? -0.616  -3.670  -12.772 0.75   40.22 ? 8   DG  B "C2'" 1 
ATOM   915  C  "C1'" A DG  B 2 8  ? -1.201  -2.650  -11.797 0.25   43.70 ? 8   DG  B "C1'" 1 
ATOM   916  C  "C1'" B DG  B 2 8  ? -1.194  -2.675  -11.784 0.75   43.83 ? 8   DG  B "C1'" 1 
ATOM   917  N  N9    . DG  B 2 8  ? -0.298  -2.392  -10.674 1.00   36.97 ? 8   DG  B N9    1 
ATOM   918  C  C8    . DG  B 2 8  ? 0.586   -3.267  -10.090 1.00   37.04 ? 8   DG  B C8    1 
ATOM   919  N  N7    . DG  B 2 8  ? 1.269   -2.741  -9.110  1.00   36.52 ? 8   DG  B N7    1 
ATOM   920  C  C5    . DG  B 2 8  ? 0.811   -1.431  -9.043  1.00   30.56 ? 8   DG  B C5    1 
ATOM   921  C  C6    . DG  B 2 8  ? 1.183   -0.378  -8.175  1.00   34.75 ? 8   DG  B C6    1 
ATOM   922  O  O6    . DG  B 2 8  ? 2.020   -0.395  -7.262  1.00   28.80 ? 8   DG  B O6    1 
ATOM   923  N  N1    . DG  B 2 8  ? 0.472   0.789   -8.447  1.00   28.80 ? 8   DG  B N1    1 
ATOM   924  C  C2    . DG  B 2 8  ? -0.478  0.919   -9.432  1.00   28.40 ? 8   DG  B C2    1 
ATOM   925  N  N2    . DG  B 2 8  ? -1.057  2.124   -9.543  1.00   28.81 ? 8   DG  B N2    1 
ATOM   926  N  N3    . DG  B 2 8  ? -0.834  -0.058  -10.252 1.00   32.89 ? 8   DG  B N3    1 
ATOM   927  C  C4    . DG  B 2 8  ? -0.152  -1.201  -10.001 1.00   33.72 ? 8   DG  B C4    1 
HETATM 928  P  P     . 5FC B 2 9  ? -1.640  -3.453  -15.913 1.00   41.11 ? 9   5FC B P     1 
HETATM 929  O  OP2   . 5FC B 2 9  ? -1.455  -4.920  -16.215 1.00   59.48 ? 9   5FC B OP2   1 
HETATM 930  O  OP1   . 5FC B 2 9  ? -2.397  -2.579  -16.883 1.00   49.65 ? 9   5FC B OP1   1 
HETATM 931  O  "O5'" . 5FC B 2 9  ? -0.185  -2.801  -15.684 1.00   42.54 ? 9   5FC B "O5'" 1 
HETATM 932  N  N1    . 5FC B 2 9  ? 1.630   0.206   -12.485 1.00   31.07 ? 9   5FC B N1    1 
HETATM 933  C  C6    . 5FC B 2 9  ? 2.235   -0.985  -12.583 1.00   33.64 ? 9   5FC B C6    1 
HETATM 934  C  C2    . 5FC B 2 9  ? 2.039   1.144   -11.505 1.00   28.17 ? 9   5FC B C2    1 
HETATM 935  O  O2    . 5FC B 2 9  ? 1.462   2.252   -11.428 1.00   30.42 ? 9   5FC B O2    1 
HETATM 936  N  N3    . 5FC B 2 9  ? 3.047   0.871   -10.646 1.00   25.51 ? 9   5FC B N3    1 
HETATM 937  C  C4    . 5FC B 2 9  ? 3.691   -0.312  -10.702 1.00   28.60 ? 9   5FC B C4    1 
HETATM 938  N  N4    . 5FC B 2 9  ? 4.702   -0.583  -9.842  1.00   27.39 ? 9   5FC B N4    1 
HETATM 939  C  C5    . 5FC B 2 9  ? 3.275   -1.308  -11.721 1.00   29.86 ? 9   5FC B C5    1 
HETATM 940  C  "C2'" . 5FC B 2 9  ? 1.007   1.459   -14.505 1.00   34.45 ? 9   5FC B "C2'" 1 
HETATM 941  C  "C5'" . 5FC B 2 9  ? 0.176   -1.567  -16.296 1.00   45.83 ? 9   5FC B "C5'" 1 
HETATM 942  C  "C4'" . 5FC B 2 9  ? -0.257  -0.403  -15.410 1.00   47.10 ? 9   5FC B "C4'" 1 
HETATM 943  O  "O4'" . 5FC B 2 9  ? 0.022   -0.647  -14.028 1.00   43.59 ? 9   5FC B "O4'" 1 
HETATM 944  C  "C1'" . 5FC B 2 9  ? 0.528   0.535   -13.397 1.00   34.01 ? 9   5FC B "C1'" 1 
HETATM 945  C  "C3'" . 5FC B 2 9  ? 0.471   0.873   -15.799 1.00   40.09 ? 9   5FC B "C3'" 1 
HETATM 946  O  "O3'" . 5FC B 2 9  ? -0.432  1.781   -16.433 1.00   46.78 ? 9   5FC B "O3'" 1 
HETATM 947  C  C5A   . 5FC B 2 9  ? 3.949   -2.622  -11.826 1.00   41.08 ? 9   5FC B C5A   1 
HETATM 948  O  O5A   . 5FC B 2 9  ? 4.884   -2.900  -11.095 1.00   43.43 ? 9   5FC B O5A   1 
ATOM   949  P  P     . DG  B 2 10 ? 0.020   2.565   -17.761 1.00   45.58 ? 10  DG  B P     1 
ATOM   950  O  OP1   . DG  B 2 10 ? -1.202  2.909   -18.519 1.00   61.08 ? 10  DG  B OP1   1 
ATOM   951  O  OP2   . DG  B 2 10 ? 1.089   1.773   -18.408 1.00   37.56 ? 10  DG  B OP2   1 
ATOM   952  O  "O5'" . DG  B 2 10 ? 0.679   3.908   -17.201 1.00   37.43 ? 10  DG  B "O5'" 1 
ATOM   953  C  "C5'" . DG  B 2 10 ? -0.083  4.781   -16.380 1.00   29.99 ? 10  DG  B "C5'" 1 
ATOM   954  C  "C4'" . DG  B 2 10 ? 0.800   5.848   -15.762 1.00   30.98 ? 10  DG  B "C4'" 1 
ATOM   955  O  "O4'" . DG  B 2 10 ? 1.564   5.274   -14.671 1.00   26.44 ? 10  DG  B "O4'" 1 
ATOM   956  C  "C3'" . DG  B 2 10 ? 1.815   6.477   -16.716 1.00   29.83 ? 10  DG  B "C3'" 1 
ATOM   957  O  "O3'" . DG  B 2 10 ? 1.839   7.885   -16.538 1.00   31.92 ? 10  DG  B "O3'" 1 
ATOM   958  C  "C2'" . DG  B 2 10 ? 3.141   5.833   -16.308 1.00   33.64 ? 10  DG  B "C2'" 1 
ATOM   959  C  "C1'" . DG  B 2 10 ? 2.930   5.588   -14.822 1.00   31.22 ? 10  DG  B "C1'" 1 
ATOM   960  N  N9    . DG  B 2 10 ? 3.713   4.471   -14.300 1.00   23.30 ? 10  DG  B N9    1 
ATOM   961  C  C8    . DG  B 2 10 ? 3.820   3.214   -14.841 1.00   28.78 ? 10  DG  B C8    1 
ATOM   962  N  N7    . DG  B 2 10 ? 4.588   2.414   -14.154 1.00   26.47 ? 10  DG  B N7    1 
ATOM   963  C  C5    . DG  B 2 10 ? 5.018   3.190   -13.088 1.00   24.97 ? 10  DG  B C5    1 
ATOM   964  C  C6    . DG  B 2 10 ? 5.874   2.863   -12.011 1.00   24.78 ? 10  DG  B C6    1 
ATOM   965  O  O6    . DG  B 2 10 ? 6.438   1.784   -11.783 1.00   28.79 ? 10  DG  B O6    1 
ATOM   966  N  N1    . DG  B 2 10 ? 6.053   3.942   -11.149 1.00   22.19 ? 10  DG  B N1    1 
ATOM   967  C  C2    . DG  B 2 10 ? 5.477   5.179   -11.308 1.00   25.33 ? 10  DG  B C2    1 
ATOM   968  N  N2    . DG  B 2 10 ? 5.768   6.093   -10.371 1.00   22.61 ? 10  DG  B N2    1 
ATOM   969  N  N3    . DG  B 2 10 ? 4.671   5.500   -12.314 1.00   23.25 ? 10  DG  B N3    1 
ATOM   970  C  C4    . DG  B 2 10 ? 4.488   4.459   -13.162 1.00   24.23 ? 10  DG  B C4    1 
ATOM   971  P  P     . DT  B 2 11 ? 2.678   8.815   -17.544 1.00   29.52 ? 11  DT  B P     1 
ATOM   972  O  OP1   . DT  B 2 11 ? 1.978   10.117  -17.627 1.00   40.31 ? 11  DT  B OP1   1 
ATOM   973  O  OP2   . DT  B 2 11 ? 2.933   8.039   -18.778 1.00   31.29 ? 11  DT  B OP2   1 
ATOM   974  O  "O5'" . DT  B 2 11 ? 4.072   9.024   -16.789 1.00   30.12 ? 11  DT  B "O5'" 1 
ATOM   975  C  "C5'" . DT  B 2 11 ? 4.086   9.558   -15.470 1.00   29.13 ? 11  DT  B "C5'" 1 
ATOM   976  C  "C4'" . DT  B 2 11 ? 5.466   9.445   -14.848 1.00   27.18 ? 11  DT  B "C4'" 1 
ATOM   977  O  "O4'" . DT  B 2 11 ? 5.719   8.075   -14.452 1.00   26.88 ? 11  DT  B "O4'" 1 
ATOM   978  C  "C3'" . DT  B 2 11 ? 6.632   9.847   -15.762 1.00   27.58 ? 11  DT  B "C3'" 1 
ATOM   979  O  "O3'" . DT  B 2 11 ? 7.357   10.925  -15.181 1.00   21.64 ? 11  DT  B "O3'" 1 
ATOM   980  C  "C2'" . DT  B 2 11 ? 7.491   8.577   -15.858 1.00   27.62 ? 11  DT  B "C2'" 1 
ATOM   981  C  "C1'" . DT  B 2 11 ? 7.089   7.828   -14.598 1.00   24.93 ? 11  DT  B "C1'" 1 
ATOM   982  N  N1    . DT  B 2 11 ? 7.311   6.351   -14.674 1.00   21.75 ? 11  DT  B N1    1 
ATOM   983  C  C2    . DT  B 2 11 ? 7.997   5.724   -13.659 1.00   19.34 ? 11  DT  B C2    1 
ATOM   984  O  O2    . DT  B 2 11 ? 8.435   6.311   -12.687 1.00   31.30 ? 11  DT  B O2    1 
ATOM   985  N  N3    . DT  B 2 11 ? 8.150   4.374   -13.822 1.00   22.04 ? 11  DT  B N3    1 
ATOM   986  C  C4    . DT  B 2 11 ? 7.700   3.603   -14.876 1.00   22.38 ? 11  DT  B C4    1 
ATOM   987  O  O4    . DT  B 2 11 ? 7.889   2.391   -14.930 1.00   29.84 ? 11  DT  B O4    1 
ATOM   988  C  C5    . DT  B 2 11 ? 6.989   4.321   -15.909 1.00   27.37 ? 11  DT  B C5    1 
ATOM   989  C  C7    . DT  B 2 11 ? 6.451   3.590   -17.104 1.00   29.22 ? 11  DT  B C7    1 
ATOM   990  C  C6    . DT  B 2 11 ? 6.831   5.647   -15.759 1.00   26.32 ? 11  DT  B C6    1 
ATOM   991  O  "O5'" . DT  C 3 1  ? 14.515  -4.567  -10.816 1.00   39.65 ? 1   DT  C "O5'" 1 
ATOM   992  C  "C5'" . DT  C 3 1  ? 15.882  -4.431  -10.436 1.00   35.94 ? 1   DT  C "C5'" 1 
ATOM   993  C  "C4'" . DT  C 3 1  ? 16.279  -2.967  -10.369 1.00   39.84 ? 1   DT  C "C4'" 1 
ATOM   994  O  "O4'" . DT  C 3 1  ? 16.133  -2.373  -11.674 1.00   46.02 ? 1   DT  C "O4'" 1 
ATOM   995  C  "C3'" . DT  C 3 1  ? 15.424  -2.111  -9.450  1.00   36.18 ? 1   DT  C "C3'" 1 
ATOM   996  O  "O3'" . DT  C 3 1  ? 15.953  -2.149  -8.130  1.00   47.10 ? 1   DT  C "O3'" 1 
ATOM   997  C  "C2'" . DT  C 3 1  ? 15.559  -0.715  -10.061 1.00   36.01 ? 1   DT  C "C2'" 1 
ATOM   998  C  "C1'" . DT  C 3 1  ? 15.831  -0.998  -11.544 1.00   34.90 ? 1   DT  C "C1'" 1 
ATOM   999  N  N1    . DT  C 3 1  ? 14.684  -0.682  -12.442 1.00   34.04 ? 1   DT  C N1    1 
ATOM   1000 C  C2    . DT  C 3 1  ? 14.339  0.633   -12.664 1.00   33.26 ? 1   DT  C C2    1 
ATOM   1001 O  O2    . DT  C 3 1  ? 14.919  1.572   -12.149 1.00   33.25 ? 1   DT  C O2    1 
ATOM   1002 N  N3    . DT  C 3 1  ? 13.279  0.810   -13.513 1.00   27.72 ? 1   DT  C N3    1 
ATOM   1003 C  C4    . DT  C 3 1  ? 12.548  -0.174  -14.153 1.00   33.97 ? 1   DT  C C4    1 
ATOM   1004 O  O4    . DT  C 3 1  ? 11.610  0.086   -14.900 1.00   28.68 ? 1   DT  C O4    1 
ATOM   1005 C  C5    . DT  C 3 1  ? 12.965  -1.528  -13.881 1.00   34.27 ? 1   DT  C C5    1 
ATOM   1006 C  C7    . DT  C 3 1  ? 12.247  -2.680  -14.518 1.00   38.79 ? 1   DT  C C7    1 
ATOM   1007 C  C6    . DT  C 3 1  ? 14.002  -1.714  -13.051 1.00   27.24 ? 1   DT  C C6    1 
ATOM   1008 P  P     . DA  C 3 2  ? 15.001  -1.899  -6.860  1.00   43.94 ? 2   DA  C P     1 
ATOM   1009 O  OP1   . DA  C 3 2  ? 15.790  -2.212  -5.648  1.00   40.47 ? 2   DA  C OP1   1 
ATOM   1010 O  OP2   . DA  C 3 2  ? 13.717  -2.592  -7.111  1.00   49.61 ? 2   DA  C OP2   1 
ATOM   1011 O  "O5'" . DA  C 3 2  ? 14.721  -0.325  -6.893  1.00   39.17 ? 2   DA  C "O5'" 1 
ATOM   1012 C  "C5'" . DA  C 3 2  ? 15.802  0.595   -6.768  1.00   40.63 ? 2   DA  C "C5'" 1 
ATOM   1013 C  "C4'" . DA  C 3 2  ? 15.294  2.025   -6.775  1.00   35.36 ? 2   DA  C "C4'" 1 
ATOM   1014 O  "O4'" . DA  C 3 2  ? 14.656  2.305   -8.048  1.00   38.36 ? 2   DA  C "O4'" 1 
ATOM   1015 C  "C3'" . DA  C 3 2  ? 14.260  2.345   -5.698  1.00   32.46 ? 2   DA  C "C3'" 1 
ATOM   1016 O  "O3'" . DA  C 3 2  ? 14.478  3.648   -5.178  1.00   41.19 ? 2   DA  C "O3'" 1 
ATOM   1017 C  "C2'" . DA  C 3 2  ? 12.932  2.250   -6.444  1.00   35.56 ? 2   DA  C "C2'" 1 
ATOM   1018 C  "C1'" . DA  C 3 2  ? 13.315  2.701   -7.848  1.00   36.89 ? 2   DA  C "C1'" 1 
ATOM   1019 N  N9    . DA  C 3 2  ? 12.496  2.089   -8.892  1.00   33.72 ? 2   DA  C N9    1 
ATOM   1020 C  C8    . DA  C 3 2  ? 12.383  0.755   -9.172  1.00   29.85 ? 2   DA  C C8    1 
ATOM   1021 N  N7    . DA  C 3 2  ? 11.570  0.490   -10.168 1.00   30.32 ? 2   DA  C N7    1 
ATOM   1022 C  C5    . DA  C 3 2  ? 11.118  1.736   -10.569 1.00   31.77 ? 2   DA  C C5    1 
ATOM   1023 C  C6    . DA  C 3 2  ? 10.229  2.140   -11.584 1.00   26.92 ? 2   DA  C C6    1 
ATOM   1024 N  N6    . DA  C 3 2  ? 9.615   1.285   -12.409 1.00   29.17 ? 2   DA  C N6    1 
ATOM   1025 N  N1    . DA  C 3 2  ? 9.993   3.461   -11.719 1.00   26.72 ? 2   DA  C N1    1 
ATOM   1026 C  C2    . DA  C 3 2  ? 10.608  4.313   -10.891 1.00   21.78 ? 2   DA  C C2    1 
ATOM   1027 N  N3    . DA  C 3 2  ? 11.465  4.052   -9.905  1.00   34.95 ? 2   DA  C N3    1 
ATOM   1028 C  C4    . DA  C 3 2  ? 11.678  2.732   -9.794  1.00   30.81 ? 2   DA  C C4    1 
HETATM 1029 P  P     . 5FC C 3 3  ? 13.743  4.105   -3.825  1.00   44.59 ? 3   5FC C P     1 
HETATM 1030 O  OP2   . 5FC C 3 3  ? 13.236  2.864   -3.130  1.00   34.30 ? 3   5FC C OP2   1 
HETATM 1031 O  OP1   . 5FC C 3 3  ? 14.661  5.059   -3.096  1.00   41.91 ? 3   5FC C OP1   1 
HETATM 1032 O  "O5'" . 5FC C 3 3  ? 12.473  4.942   -4.348  1.00   38.38 ? 3   5FC C "O5'" 1 
HETATM 1033 N  N1    . 5FC C 3 3  ? 9.058   4.518   -7.164  1.00   32.65 ? 3   5FC C N1    1 
HETATM 1034 C  C6    . 5FC C 3 3  ? 9.524   3.357   -6.683  1.00   31.83 ? 3   5FC C C6    1 
HETATM 1035 C  C2    . 5FC C 3 3  ? 8.165   4.544   -8.259  1.00   27.40 ? 3   5FC C C2    1 
HETATM 1036 O  O2    . 5FC C 3 3  ? 7.753   5.646   -8.681  1.00   29.99 ? 3   5FC C O2    1 
HETATM 1037 N  N3    . 5FC C 3 3  ? 7.754   3.407   -8.864  1.00   32.59 ? 3   5FC C N3    1 
HETATM 1038 C  C4    . 5FC C 3 3  ? 8.190   2.210   -8.425  1.00   34.21 ? 3   5FC C C4    1 
HETATM 1039 N  N4    . 5FC C 3 3  ? 7.777   1.069   -9.029  1.00   29.43 ? 3   5FC C N4    1 
HETATM 1040 C  C5    . 5FC C 3 3  ? 9.125   2.164   -7.275  1.00   30.72 ? 3   5FC C C5    1 
HETATM 1041 C  "C2'" . 5FC C 3 3  ? 9.207   5.851   -5.071  1.00   28.07 ? 3   5FC C "C2'" 1 
HETATM 1042 C  "C5'" . 5FC C 3 3  ? 12.710  6.073   -5.180  1.00   41.41 ? 3   5FC C "C5'" 1 
HETATM 1043 C  "C4'" . 5FC C 3 3  ? 11.401  6.711   -5.625  1.00   39.73 ? 3   5FC C "C4'" 1 
HETATM 1044 O  "O4'" . 5FC C 3 3  ? 10.857  6.020   -6.754  1.00   37.34 ? 3   5FC C "O4'" 1 
HETATM 1045 C  "C1'" . 5FC C 3 3  ? 9.457   5.800   -6.573  1.00   35.29 ? 3   5FC C "C1'" 1 
HETATM 1046 C  "C3'" . 5FC C 3 3  ? 10.347  6.693   -4.529  1.00   33.09 ? 3   5FC C "C3'" 1 
HETATM 1047 O  "O3'" . 5FC C 3 3  ? 9.917   8.040   -4.325  1.00   36.46 ? 3   5FC C "O3'" 1 
HETATM 1048 C  C5A   . 5FC C 3 3  ? 9.619   0.862   -6.771  1.00   34.01 ? 3   5FC C C5A   1 
HETATM 1049 O  O5A   . 5FC C 3 3  ? 9.234   -0.173  -7.289  1.00   38.18 ? 3   5FC C O5A   1 
ATOM   1050 P  P     . DG  C 3 4  ? 9.051   8.439   -3.033  1.00   38.85 ? 4   DG  C P     1 
ATOM   1051 O  OP1   . DG  C 3 4  ? 9.380   9.845   -2.711  1.00   36.78 ? 4   DG  C OP1   1 
ATOM   1052 O  OP2   . DG  C 3 4  ? 9.232   7.388   -2.008  1.00   40.22 ? 4   DG  C OP2   1 
ATOM   1053 O  "O5'" . DG  C 3 4  ? 7.543   8.375   -3.557  1.00   30.24 ? 4   DG  C "O5'" 1 
ATOM   1054 C  "C5'" . DG  C 3 4  ? 7.156   9.155   -4.674  1.00   28.48 ? 4   DG  C "C5'" 1 
ATOM   1055 C  "C4'" . DG  C 3 4  ? 5.795   8.729   -5.193  1.00   35.19 ? 4   DG  C "C4'" 1 
ATOM   1056 O  "O4'" . DG  C 3 4  ? 5.904   7.465   -5.902  1.00   35.44 ? 4   DG  C "O4'" 1 
ATOM   1057 C  "C3'" . DG  C 3 4  ? 4.721   8.517   -4.117  1.00   45.27 ? 4   DG  C "C3'" 1 
ATOM   1058 O  "O3'" . DG  C 3 4  ? 3.508   9.103   -4.544  1.00   41.72 ? 4   DG  C "O3'" 1 
ATOM   1059 C  "C2'" . DG  C 3 4  ? 4.596   6.997   -4.060  1.00   36.82 ? 4   DG  C "C2'" 1 
ATOM   1060 C  "C1'" . DG  C 3 4  ? 4.818   6.661   -5.521  1.00   27.30 ? 4   DG  C "C1'" 1 
ATOM   1061 N  N9    . DG  C 3 4  ? 5.136   5.258   -5.776  1.00   28.00 ? 4   DG  C N9    1 
ATOM   1062 C  C8    . DG  C 3 4  ? 5.928   4.430   -5.017  1.00   25.42 ? 4   DG  C C8    1 
ATOM   1063 N  N7    . DG  C 3 4  ? 6.018   3.219   -5.497  1.00   27.92 ? 4   DG  C N7    1 
ATOM   1064 C  C5    . DG  C 3 4  ? 5.236   3.247   -6.644  1.00   23.33 ? 4   DG  C C5    1 
ATOM   1065 C  C6    . DG  C 3 4  ? 4.951   2.226   -7.583  1.00   28.29 ? 4   DG  C C6    1 
ATOM   1066 O  O6    . DG  C 3 4  ? 5.350   1.052   -7.587  1.00   26.41 ? 4   DG  C O6    1 
ATOM   1067 N  N1    . DG  C 3 4  ? 4.111   2.679   -8.598  1.00   27.29 ? 4   DG  C N1    1 
ATOM   1068 C  C2    . DG  C 3 4  ? 3.611   3.955   -8.694  1.00   28.78 ? 4   DG  C C2    1 
ATOM   1069 N  N2    . DG  C 3 4  ? 2.814   4.207   -9.743  1.00   19.68 ? 4   DG  C N2    1 
ATOM   1070 N  N3    . DG  C 3 4  ? 3.869   4.919   -7.821  1.00   27.98 ? 4   DG  C N3    1 
ATOM   1071 C  C4    . DG  C 3 4  ? 4.685   4.495   -6.827  1.00   21.55 ? 4   DG  C C4    1 
ATOM   1072 P  P     . DC  C 3 5  ? 2.919   10.400  -3.805  1.00   33.29 ? 5   DC  C P     1 
ATOM   1073 O  OP1   . DC  C 3 5  ? 3.743   11.561  -4.208  1.00   40.49 ? 5   DC  C OP1   1 
ATOM   1074 O  OP2   . DC  C 3 5  ? 2.751   10.077  -2.371  1.00   31.64 ? 5   DC  C OP2   1 
ATOM   1075 O  "O5'" . DC  C 3 5  ? 1.463   10.558  -4.445  1.00   34.32 ? 5   DC  C "O5'" 1 
ATOM   1076 C  "C5'" . DC  C 3 5  ? 0.514   9.507   -4.314  1.00   41.17 ? 5   DC  C "C5'" 1 
ATOM   1077 C  "C4'" A DC  C 3 5  ? 0.055   8.942   -5.642  0.35   39.28 ? 5   DC  C "C4'" 1 
ATOM   1078 C  "C4'" B DC  C 3 5  ? 0.171   8.988   -5.705  0.65   39.47 ? 5   DC  C "C4'" 1 
ATOM   1079 O  "O4'" A DC  C 3 5  ? 1.015   7.971   -6.118  0.35   33.71 ? 5   DC  C "O4'" 1 
ATOM   1080 O  "O4'" B DC  C 3 5  ? 1.008   7.862   -6.012  0.65   33.84 ? 5   DC  C "O4'" 1 
ATOM   1081 C  "C3'" A DC  C 3 5  ? -1.233  8.148   -5.553  0.35   30.98 ? 5   DC  C "C3'" 1 
ATOM   1082 C  "C3'" B DC  C 3 5  ? -1.268  8.531   -5.906  0.65   32.02 ? 5   DC  C "C3'" 1 
ATOM   1083 O  "O3'" A DC  C 3 5  ? -2.355  9.021   -5.569  0.35   41.51 ? 5   DC  C "O3'" 1 
ATOM   1084 O  "O3'" B DC  C 3 5  ? -1.980  9.518   -6.649  0.65   37.34 ? 5   DC  C "O3'" 1 
ATOM   1085 C  "C2'" A DC  C 3 5  ? -1.162  7.279   -6.805  0.35   35.21 ? 5   DC  C "C2'" 1 
ATOM   1086 C  "C2'" B DC  C 3 5  ? -1.159  7.214   -6.696  0.65   35.20 ? 5   DC  C "C2'" 1 
ATOM   1087 C  "C1'" A DC  C 3 5  ? 0.344   7.020   -6.937  0.35   30.09 ? 5   DC  C "C1'" 1 
ATOM   1088 C  "C1'" B DC  C 3 5  ? 0.344   6.996   -6.890  0.65   30.03 ? 5   DC  C "C1'" 1 
ATOM   1089 N  N1    . DC  C 3 5  ? 0.771   5.624   -6.549  1.00   30.48 ? 5   DC  C N1    1 
ATOM   1090 C  C2    . DC  C 3 5  ? 0.504   4.560   -7.421  1.00   31.39 ? 5   DC  C C2    1 
ATOM   1091 O  O2    . DC  C 3 5  ? -0.087  4.782   -8.486  1.00   30.73 ? 5   DC  C O2    1 
ATOM   1092 N  N3    . DC  C 3 5  ? 0.902   3.312   -7.072  1.00   29.81 ? 5   DC  C N3    1 
ATOM   1093 C  C4    . DC  C 3 5  ? 1.536   3.110   -5.917  1.00   26.02 ? 5   DC  C C4    1 
ATOM   1094 N  N4    . DC  C 3 5  ? 1.909   1.861   -5.618  1.00   29.32 ? 5   DC  C N4    1 
ATOM   1095 C  C5    . DC  C 3 5  ? 1.818   4.180   -5.018  1.00   25.54 ? 5   DC  C C5    1 
ATOM   1096 C  C6    . DC  C 3 5  ? 1.422   5.407   -5.370  1.00   28.55 ? 5   DC  C C6    1 
ATOM   1097 P  P     A DC  C 3 6  ? -3.656  8.667   -4.696  0.55   34.93 ? 6   DC  C P     1 
ATOM   1098 P  P     B DC  C 3 6  ? -3.527  9.815   -6.336  0.45   32.86 ? 6   DC  C P     1 
ATOM   1099 O  OP1   A DC  C 3 6  ? -4.410  9.917   -4.460  0.55   41.62 ? 6   DC  C OP1   1 
ATOM   1100 O  OP1   B DC  C 3 6  ? -3.960  10.918  -7.222  0.45   35.56 ? 6   DC  C OP1   1 
ATOM   1101 O  OP2   A DC  C 3 6  ? -3.216  7.844   -3.548  0.55   28.30 ? 6   DC  C OP2   1 
ATOM   1102 O  OP2   B DC  C 3 6  ? -3.670  9.944   -4.870  0.45   35.05 ? 6   DC  C OP2   1 
ATOM   1103 O  "O5'" A DC  C 3 6  ? -4.511  7.726   -5.660  0.55   35.32 ? 6   DC  C "O5'" 1 
ATOM   1104 O  "O5'" B DC  C 3 6  ? -4.273  8.475   -6.791  0.45   33.53 ? 6   DC  C "O5'" 1 
ATOM   1105 C  "C5'" A DC  C 3 6  ? -4.733  8.115   -7.007  0.55   38.27 ? 6   DC  C "C5'" 1 
ATOM   1106 C  "C5'" B DC  C 3 6  ? -4.311  8.114   -8.167  0.45   34.01 ? 6   DC  C "C5'" 1 
ATOM   1107 C  "C4'" A DC  C 3 6  ? -5.094  6.915   -7.858  0.55   40.30 ? 6   DC  C "C4'" 1 
ATOM   1108 C  "C4'" B DC  C 3 6  ? -4.925  6.739   -8.342  0.45   39.30 ? 6   DC  C "C4'" 1 
ATOM   1109 O  "O4'" A DC  C 3 6  ? -4.060  5.904   -7.730  0.55   41.90 ? 6   DC  C "O4'" 1 
ATOM   1110 O  "O4'" B DC  C 3 6  ? -3.962  5.724   -7.968  0.45   42.20 ? 6   DC  C "O4'" 1 
ATOM   1111 C  "C3'" A DC  C 3 6  ? -6.407  6.233   -7.482  0.55   41.56 ? 6   DC  C "C3'" 1 
ATOM   1112 C  "C3'" B DC  C 3 6  ? -6.176  6.481   -7.495  0.45   41.79 ? 6   DC  C "C3'" 1 
ATOM   1113 O  "O3'" A DC  C 3 6  ? -7.102  5.844   -8.657  0.55   44.65 ? 6   DC  C "O3'" 1 
ATOM   1114 O  "O3'" B DC  C 3 6  ? -7.265  6.117   -8.333  0.45   44.10 ? 6   DC  C "O3'" 1 
ATOM   1115 C  "C2'" A DC  C 3 6  ? -5.953  5.025   -6.664  0.55   44.43 ? 6   DC  C "C2'" 1 
ATOM   1116 C  "C2'" B DC  C 3 6  ? -5.771  5.335   -6.559  0.45   44.15 ? 6   DC  C "C2'" 1 
ATOM   1117 C  "C1'" A DC  C 3 6  ? -4.634  4.677   -7.335  0.55   40.36 ? 6   DC  C "C1'" 1 
ATOM   1118 C  "C1'" B DC  C 3 6  ? -4.635  4.675   -7.322  0.45   40.36 ? 6   DC  C "C1'" 1 
ATOM   1119 N  N1    . DC  C 3 6  ? -3.671  3.973   -6.436  1.00   32.78 ? 6   DC  C N1    1 
ATOM   1120 C  C2    . DC  C 3 6  ? -3.333  2.640   -6.693  1.00   34.15 ? 6   DC  C C2    1 
ATOM   1121 O  O2    . DC  C 3 6  ? -3.840  2.067   -7.665  1.00   42.21 ? 6   DC  C O2    1 
ATOM   1122 N  N3    . DC  C 3 6  ? -2.457  2.015   -5.870  1.00   31.09 ? 6   DC  C N3    1 
ATOM   1123 C  C4    . DC  C 3 6  ? -1.931  2.668   -4.833  1.00   29.63 ? 6   DC  C C4    1 
ATOM   1124 N  N4    . DC  C 3 6  ? -1.071  2.010   -4.050  1.00   26.38 ? 6   DC  C N4    1 
ATOM   1125 C  C5    . DC  C 3 6  ? -2.264  4.026   -4.553  1.00   33.10 ? 6   DC  C C5    1 
ATOM   1126 C  C6    . DC  C 3 6  ? -3.130  4.632   -5.371  1.00   31.45 ? 6   DC  C C6    1 
ATOM   1127 P  P     A DC  C 3 7  ? -8.666  5.486   -8.589  0.34   49.30 ? 7   DC  C P     1 
ATOM   1128 P  P     B DC  C 3 7  ? -8.680  5.711   -7.692  0.66   55.29 ? 7   DC  C P     1 
ATOM   1129 O  OP1   A DC  C 3 7  ? -9.214  5.615   -9.957  0.34   48.41 ? 7   DC  C OP1   1 
ATOM   1130 O  OP1   B DC  C 3 7  ? -9.723  5.986   -8.704  0.66   49.47 ? 7   DC  C OP1   1 
ATOM   1131 O  OP2   A DC  C 3 7  ? -9.261  6.257   -7.474  0.34   45.54 ? 7   DC  C OP2   1 
ATOM   1132 O  OP2   B DC  C 3 7  ? -8.772  6.346   -6.357  0.66   39.15 ? 7   DC  C OP2   1 
ATOM   1133 O  "O5'" A DC  C 3 7  ? -8.675  3.943   -8.182  0.34   46.32 ? 7   DC  C "O5'" 1 
ATOM   1134 O  "O5'" B DC  C 3 7  ? -8.564  4.128   -7.495  0.66   50.67 ? 7   DC  C "O5'" 1 
ATOM   1135 C  "C5'" A DC  C 3 7  ? -7.967  3.010   -8.977  0.34   48.41 ? 7   DC  C "C5'" 1 
ATOM   1136 C  "C5'" B DC  C 3 7  ? -8.104  3.316   -8.570  0.66   47.65 ? 7   DC  C "C5'" 1 
ATOM   1137 C  "C4'" A DC  C 3 7  ? -7.851  1.673   -8.273  0.34   47.46 ? 7   DC  C "C4'" 1 
ATOM   1138 C  "C4'" B DC  C 3 7  ? -7.924  1.876   -8.126  0.66   47.56 ? 7   DC  C "C4'" 1 
ATOM   1139 O  "O4'" A DC  C 3 7  ? -6.673  1.646   -7.455  0.34   47.02 ? 7   DC  C "O4'" 1 
ATOM   1140 O  "O4'" B DC  C 3 7  ? -6.707  1.746   -7.374  0.66   47.05 ? 7   DC  C "O4'" 1 
ATOM   1141 C  "C3'" A DC  C 3 7  ? -8.972  1.345   -7.303  0.34   53.47 ? 7   DC  C "C3'" 1 
ATOM   1142 C  "C3'" B DC  C 3 7  ? -9.004  1.352   -7.198  0.66   53.61 ? 7   DC  C "C3'" 1 
ATOM   1143 O  "O3'" A DC  C 3 7  ? -10.078 0.777   -8.019  0.34   60.90 ? 7   DC  C "O3'" 1 
ATOM   1144 O  "O3'" B DC  C 3 7  ? -10.062 0.789   -7.971  0.66   61.15 ? 7   DC  C "O3'" 1 
ATOM   1145 C  "C2'" A DC  C 3 7  ? -8.306  0.333   -6.350  0.34   47.63 ? 7   DC  C "C2'" 1 
ATOM   1146 C  "C2'" B DC  C 3 7  ? -8.275  0.284   -6.360  0.66   47.57 ? 7   DC  C "C2'" 1 
ATOM   1147 C  "C1'" A DC  C 3 7  ? -6.798  0.551   -6.583  0.34   46.77 ? 7   DC  C "C1'" 1 
ATOM   1148 C  "C1'" B DC  C 3 7  ? -6.787  0.581   -6.587  0.66   46.82 ? 7   DC  C "C1'" 1 
ATOM   1149 N  N1    . DC  C 3 7  ? -6.021  0.815   -5.331  1.00   44.76 ? 7   DC  C N1    1 
ATOM   1150 C  C2    . DC  C 3 7  ? -5.266  -0.221  -4.766  1.00   38.79 ? 7   DC  C C2    1 
ATOM   1151 O  O2    . DC  C 3 7  ? -5.255  -1.330  -5.317  1.00   40.69 ? 7   DC  C O2    1 
ATOM   1152 N  N3    . DC  C 3 7  ? -4.568  0.020   -3.629  1.00   35.89 ? 7   DC  C N3    1 
ATOM   1153 C  C4    . DC  C 3 7  ? -4.604  1.228   -3.066  1.00   31.54 ? 7   DC  C C4    1 
ATOM   1154 N  N4    . DC  C 3 7  ? -3.898  1.417   -1.947  1.00   32.54 ? 7   DC  C N4    1 
ATOM   1155 C  C5    . DC  C 3 7  ? -5.365  2.297   -3.626  1.00   33.23 ? 7   DC  C C5    1 
ATOM   1156 C  C6    . DC  C 3 7  ? -6.051  2.049   -4.748  1.00   45.49 ? 7   DC  C C6    1 
ATOM   1157 P  P     . DA  C 3 8  ? -11.190 -0.122  -7.280  1.00   78.18 ? 8   DA  C P     1 
ATOM   1158 O  OP1   . DA  C 3 8  ? -12.389 -0.088  -8.144  1.00   79.52 ? 8   DA  C OP1   1 
ATOM   1159 O  OP2   . DA  C 3 8  ? -11.329 0.297   -5.866  1.00   51.99 ? 8   DA  C OP2   1 
ATOM   1160 O  "O5'" . DA  C 3 8  ? -10.581 -1.599  -7.349  1.00   47.28 ? 8   DA  C "O5'" 1 
ATOM   1161 C  "C5'" . DA  C 3 8  ? -11.086 -2.626  -6.519  1.00   53.68 ? 8   DA  C "C5'" 1 
ATOM   1162 C  "C4'" . DA  C 3 8  ? -9.946  -3.482  -5.999  1.00   50.25 ? 8   DA  C "C4'" 1 
ATOM   1163 O  "O4'" . DA  C 3 8  ? -8.960  -2.630  -5.397  1.00   46.70 ? 8   DA  C "O4'" 1 
ATOM   1164 C  "C3'" . DA  C 3 8  ? -10.335 -4.476  -4.921  1.00   43.26 ? 8   DA  C "C3'" 1 
ATOM   1165 O  "O3'" . DA  C 3 8  ? -10.607 -5.736  -5.521  1.00   50.64 ? 8   DA  C "O3'" 1 
ATOM   1166 C  "C2'" . DA  C 3 8  ? -9.100  -4.540  -4.002  1.00   40.63 ? 8   DA  C "C2'" 1 
ATOM   1167 C  "C1'" . DA  C 3 8  ? -8.228  -3.359  -4.448  1.00   47.18 ? 8   DA  C "C1'" 1 
ATOM   1168 N  N9    . DA  C 3 8  ? -7.858  -2.447  -3.365  1.00   34.41 ? 8   DA  C N9    1 
ATOM   1169 C  C8    . DA  C 3 8  ? -8.415  -1.230  -3.092  1.00   35.02 ? 8   DA  C C8    1 
ATOM   1170 N  N7    . DA  C 3 8  ? -7.878  -0.618  -2.061  1.00   34.21 ? 8   DA  C N7    1 
ATOM   1171 C  C5    . DA  C 3 8  ? -6.897  -1.492  -1.630  1.00   33.70 ? 8   DA  C C5    1 
ATOM   1172 C  C6    . DA  C 3 8  ? -5.966  -1.428  -0.573  1.00   31.71 ? 8   DA  C C6    1 
ATOM   1173 N  N6    . DA  C 3 8  ? -5.880  -0.394  0.272   1.00   29.93 ? 8   DA  C N6    1 
ATOM   1174 N  N1    . DA  C 3 8  ? -5.124  -2.469  -0.418  1.00   29.27 ? 8   DA  C N1    1 
ATOM   1175 C  C2    . DA  C 3 8  ? -5.214  -3.501  -1.264  1.00   27.90 ? 8   DA  C C2    1 
ATOM   1176 N  N3    . DA  C 3 8  ? -6.043  -3.675  -2.292  1.00   31.68 ? 8   DA  C N3    1 
ATOM   1177 C  C4    . DA  C 3 8  ? -6.867  -2.624  -2.423  1.00   33.14 ? 8   DA  C C4    1 
ATOM   1178 P  P     . DC  C 3 9  ? -11.828 -6.641  -5.001  1.00   56.77 ? 9   DC  C P     1 
ATOM   1179 O  OP1   . DC  C 3 9  ? -12.158 -7.602  -6.078  1.00   51.52 ? 9   DC  C OP1   1 
ATOM   1180 O  OP2   . DC  C 3 9  ? -12.877 -5.739  -4.477  1.00   52.40 ? 9   DC  C OP2   1 
ATOM   1181 O  "O5'" . DC  C 3 9  ? -11.202 -7.440  -3.767  1.00   61.65 ? 9   DC  C "O5'" 1 
ATOM   1182 C  "C5'" . DC  C 3 9  ? -9.939  -8.075  -3.907  1.00   53.27 ? 9   DC  C "C5'" 1 
ATOM   1183 C  "C4'" . DC  C 3 9  ? -9.296  -8.298  -2.550  1.00   47.69 ? 9   DC  C "C4'" 1 
ATOM   1184 O  "O4'" . DC  C 3 9  ? -8.763  -7.055  -2.050  1.00   51.73 ? 9   DC  C "O4'" 1 
ATOM   1185 C  "C3'" . DC  C 3 9  ? -10.247 -8.810  -1.464  1.00   45.56 ? 9   DC  C "C3'" 1 
ATOM   1186 O  "O3'" . DC  C 3 9  ? -9.920  -10.150 -1.132  1.00   50.48 ? 9   DC  C "O3'" 1 
ATOM   1187 C  "C2'" . DC  C 3 9  ? -10.029 -7.858  -0.272  1.00   48.11 ? 9   DC  C "C2'" 1 
ATOM   1188 C  "C1'" . DC  C 3 9  ? -8.750  -7.122  -0.652  1.00   40.75 ? 9   DC  C "C1'" 1 
ATOM   1189 N  N1    . DC  C 3 9  ? -8.670  -5.731  -0.106  1.00   36.74 ? 9   DC  C N1    1 
ATOM   1190 C  C2    . DC  C 3 9  ? -7.689  -5.415  0.841   1.00   36.12 ? 9   DC  C C2    1 
ATOM   1191 O  O2    . DC  C 3 9  ? -6.899  -6.293  1.207   1.00   35.69 ? 9   DC  C O2    1 
ATOM   1192 N  N3    . DC  C 3 9  ? -7.628  -4.151  1.328   1.00   30.78 ? 9   DC  C N3    1 
ATOM   1193 C  C4    . DC  C 3 9  ? -8.496  -3.230  0.907   1.00   28.24 ? 9   DC  C C4    1 
ATOM   1194 N  N4    . DC  C 3 9  ? -8.397  -1.997  1.417   1.00   25.36 ? 9   DC  C N4    1 
ATOM   1195 C  C5    . DC  C 3 9  ? -9.504  -3.533  -0.055  1.00   34.20 ? 9   DC  C C5    1 
ATOM   1196 C  C6    . DC  C 3 9  ? -9.555  -4.784  -0.529  1.00   38.99 ? 9   DC  C C6    1 
ATOM   1197 P  P     . DG  C 3 10 ? -10.902 -11.016 -0.202  1.00   69.61 ? 10  DG  C P     1 
ATOM   1198 O  OP1   . DG  C 3 10 ? -10.679 -12.441 -0.526  1.00   63.40 ? 10  DG  C OP1   1 
ATOM   1199 O  OP2   . DG  C 3 10 ? -12.258 -10.433 -0.313  1.00   60.96 ? 10  DG  C OP2   1 
ATOM   1200 O  "O5'" . DG  C 3 10 ? -10.361 -10.740 1.276   1.00   51.61 ? 10  DG  C "O5'" 1 
ATOM   1201 C  "C5'" . DG  C 3 10 ? -8.985  -10.937 1.572   1.00   44.74 ? 10  DG  C "C5'" 1 
ATOM   1202 C  "C4'" . DG  C 3 10 ? -8.622  -10.302 2.901   1.00   47.91 ? 10  DG  C "C4'" 1 
ATOM   1203 O  "O4'" . DG  C 3 10 ? -8.525  -8.879  2.746   1.00   39.51 ? 10  DG  C "O4'" 1 
ATOM   1204 C  "C3'" . DG  C 3 10 ? -9.647  -10.504 4.008   1.00   44.93 ? 10  DG  C "C3'" 1 
ATOM   1205 O  "O3'" . DG  C 3 10 ? -9.295  -11.634 4.794   1.00   51.57 ? 10  DG  C "O3'" 1 
ATOM   1206 C  "C2'" . DG  C 3 10 ? -9.577  -9.204  4.830   1.00   43.76 ? 10  DG  C "C2'" 1 
ATOM   1207 C  "C1'" . DG  C 3 10 ? -8.651  -8.295  4.016   1.00   37.12 ? 10  DG  C "C1'" 1 
ATOM   1208 N  N9    . DG  C 3 10 ? -9.158  -6.935  3.853   1.00   34.90 ? 10  DG  C N9    1 
ATOM   1209 C  C8    . DG  C 3 10 ? -10.175 -6.524  3.026   1.00   33.70 ? 10  DG  C C8    1 
ATOM   1210 N  N7    . DG  C 3 10 ? -10.408 -5.242  3.087   1.00   37.58 ? 10  DG  C N7    1 
ATOM   1211 C  C5    . DG  C 3 10 ? -9.486  -4.772  4.015   1.00   26.25 ? 10  DG  C C5    1 
ATOM   1212 C  C6    . DG  C 3 10 ? -9.261  -3.460  4.492   1.00   23.32 ? 10  DG  C C6    1 
ATOM   1213 O  O6    . DG  C 3 10 ? -9.854  -2.419  4.180   1.00   24.71 ? 10  DG  C O6    1 
ATOM   1214 N  N1    . DG  C 3 10 ? -8.228  -3.421  5.427   1.00   25.90 ? 10  DG  C N1    1 
ATOM   1215 C  C2    . DG  C 3 10 ? -7.506  -4.513  5.844   1.00   23.45 ? 10  DG  C C2    1 
ATOM   1216 N  N2    . DG  C 3 10 ? -6.547  -4.280  6.752   1.00   23.07 ? 10  DG  C N2    1 
ATOM   1217 N  N3    . DG  C 3 10 ? -7.707  -5.748  5.403   1.00   25.99 ? 10  DG  C N3    1 
ATOM   1218 C  C4    . DG  C 3 10 ? -8.709  -5.802  4.494   1.00   27.49 ? 10  DG  C C4    1 
ATOM   1219 P  P     . DC  C 3 11 ? -10.296 -12.178 5.925   1.00   63.44 ? 11  DC  C P     1 
ATOM   1220 O  OP1   . DC  C 3 11 ? -9.972  -13.603 6.153   1.00   68.07 ? 11  DC  C OP1   1 
ATOM   1221 O  OP2   . DC  C 3 11 ? -11.669 -11.789 5.531   1.00   49.94 ? 11  DC  C OP2   1 
ATOM   1222 O  "O5'" . DC  C 3 11 ? -9.896  -11.336 7.228   1.00   44.84 ? 11  DC  C "O5'" 1 
ATOM   1223 C  "C5'" . DC  C 3 11 ? -8.543  -11.323 7.676   1.00   50.17 ? 11  DC  C "C5'" 1 
ATOM   1224 C  "C4'" . DC  C 3 11 ? -8.311  -10.211 8.687   1.00   53.57 ? 11  DC  C "C4'" 1 
ATOM   1225 O  "O4'" . DC  C 3 11 ? -8.550  -8.925  8.067   1.00   49.24 ? 11  DC  C "O4'" 1 
ATOM   1226 C  "C3'" . DC  C 3 11 ? -9.209  -10.262 9.931   1.00   46.24 ? 11  DC  C "C3'" 1 
ATOM   1227 O  "O3'" . DC  C 3 11 ? -8.408  -10.334 11.105  1.00   55.32 ? 11  DC  C "O3'" 1 
ATOM   1228 C  "C2'" . DC  C 3 11 ? -10.010 -8.954  9.871   1.00   49.14 ? 11  DC  C "C2'" 1 
ATOM   1229 C  "C1'" . DC  C 3 11 ? -9.112  -8.067  9.023   1.00   40.79 ? 11  DC  C "C1'" 1 
ATOM   1230 N  N1    . DC  C 3 11 ? -9.845  -6.978  8.312   1.00   30.63 ? 11  DC  C N1    1 
ATOM   1231 C  C2    . DC  C 3 11 ? -9.525  -5.641  8.578   1.00   27.11 ? 11  DC  C C2    1 
ATOM   1232 O  O2    . DC  C 3 11 ? -8.638  -5.385  9.399   1.00   28.44 ? 11  DC  C O2    1 
ATOM   1233 N  N3    . DC  C 3 11 ? -10.202 -4.663  7.925   1.00   25.62 ? 11  DC  C N3    1 
ATOM   1234 C  C4    . DC  C 3 11 ? -11.152 -4.981  7.044   1.00   25.19 ? 11  DC  C C4    1 
ATOM   1235 N  N4    . DC  C 3 11 ? -11.791 -3.985  6.424   1.00   23.98 ? 11  DC  C N4    1 
ATOM   1236 C  C5    . DC  C 3 11 ? -11.488 -6.337  6.760   1.00   28.01 ? 11  DC  C C5    1 
ATOM   1237 C  C6    . DC  C 3 11 ? -10.818 -7.292  7.412   1.00   28.98 ? 11  DC  C C6    1 
HETATM 1238 ZN ZN    . ZN  D 4 .  ? 6.002   -16.148 -6.051  1.00   38.52 ? 501 ZN  A ZN    1 
HETATM 1239 ZN ZN    . ZN  E 4 .  ? 5.915   3.128   12.873  1.00   25.32 ? 502 ZN  A ZN    1 
HETATM 1240 ZN ZN    . ZN  F 4 .  ? -17.831 13.244  3.900   1.00   19.63 ? 503 ZN  A ZN    1 
HETATM 1241 O  O     . HOH G 5 .  ? -13.012 5.126   5.095   1.00   19.90 ? 601 HOH A O     1 
HETATM 1242 O  O     . HOH G 5 .  ? -3.188  9.891   10.389  1.00   27.13 ? 602 HOH A O     1 
HETATM 1243 O  O     . HOH G 5 .  ? -12.186 5.413   7.621   1.00   31.32 ? 603 HOH A O     1 
HETATM 1244 O  O     . HOH G 5 .  ? -4.935  4.917   7.897   1.00   27.61 ? 604 HOH A O     1 
HETATM 1245 O  O     . HOH G 5 .  ? 5.025   -2.684  2.907   1.00   29.09 ? 605 HOH A O     1 
HETATM 1246 O  O     . HOH G 5 .  ? 0.557   3.409   -1.757  1.00   28.90 ? 606 HOH A O     1 
HETATM 1247 O  O     . HOH G 5 .  ? 4.403   9.771   6.107   1.00   29.38 ? 607 HOH A O     1 
HETATM 1248 O  O     . HOH G 5 .  ? -14.802 13.289  -1.367  1.00   26.11 ? 608 HOH A O     1 
HETATM 1249 O  O     . HOH G 5 .  ? 3.206   12.077  8.352   1.00   28.18 ? 609 HOH A O     1 
HETATM 1250 O  O     . HOH G 5 .  ? -7.346  8.278   8.375   1.00   25.48 ? 610 HOH A O     1 
HETATM 1251 O  O     . HOH G 5 .  ? -27.954 11.921  -0.898  1.00   37.85 ? 611 HOH A O     1 
HETATM 1252 O  O     . HOH G 5 .  ? 7.293   -21.418 -9.931  1.00   45.72 ? 612 HOH A O     1 
HETATM 1253 O  O     . HOH G 5 .  ? -3.372  7.493   -0.143  1.00   30.93 ? 613 HOH A O     1 
HETATM 1254 O  O     . HOH G 5 .  ? 3.843   -6.704  -14.612 1.00   44.89 ? 614 HOH A O     1 
HETATM 1255 O  O     . HOH G 5 .  ? -7.586  17.016  0.435   1.00   29.76 ? 615 HOH A O     1 
HETATM 1256 O  O     . HOH G 5 .  ? -9.814  10.021  9.350   1.00   31.05 ? 616 HOH A O     1 
HETATM 1257 O  O     . HOH G 5 .  ? 5.758   7.296   -0.443  1.00   26.63 ? 617 HOH A O     1 
HETATM 1258 O  O     . HOH G 5 .  ? 1.953   0.023   5.862   1.00   26.05 ? 618 HOH A O     1 
HETATM 1259 O  O     . HOH G 5 .  ? -2.265  4.872   6.983   1.00   26.63 ? 619 HOH A O     1 
HETATM 1260 O  O     . HOH G 5 .  ? -11.244 15.712  9.773   1.00   28.19 ? 620 HOH A O     1 
HETATM 1261 O  O     . HOH G 5 .  ? -18.118 11.325  9.129   1.00   35.21 ? 621 HOH A O     1 
HETATM 1262 O  O     . HOH G 5 .  ? 14.366  -10.048 -1.897  1.00   40.98 ? 622 HOH A O     1 
HETATM 1263 O  O     . HOH G 5 .  ? 9.004   -8.906  2.509   1.00   38.77 ? 623 HOH A O     1 
HETATM 1264 O  O     . HOH G 5 .  ? 5.710   -5.171  4.591   1.00   35.45 ? 624 HOH A O     1 
HETATM 1265 O  O     . HOH G 5 .  ? -5.259  13.783  13.077  1.00   42.65 ? 625 HOH A O     1 
HETATM 1266 O  O     . HOH G 5 .  ? -12.076 18.120  -0.696  1.00   33.20 ? 626 HOH A O     1 
HETATM 1267 O  O     . HOH G 5 .  ? 9.099   -5.089  11.927  1.00   41.42 ? 627 HOH A O     1 
HETATM 1268 O  O     . HOH G 5 .  ? -24.431 12.258  4.816   1.00   38.32 ? 628 HOH A O     1 
HETATM 1269 O  O     . HOH G 5 .  ? 0.371   2.790   1.231   1.00   28.37 ? 629 HOH A O     1 
HETATM 1270 O  O     . HOH G 5 .  ? -5.605  17.491  4.843   1.00   39.25 ? 630 HOH A O     1 
HETATM 1271 O  O     . HOH G 5 .  ? 6.076   9.662   -0.364  1.00   43.23 ? 631 HOH A O     1 
HETATM 1272 O  O     . HOH G 5 .  ? -8.955  12.724  13.460  1.00   46.03 ? 632 HOH A O     1 
HETATM 1273 O  O     . HOH G 5 .  ? 3.362   11.863  4.258   1.00   33.54 ? 633 HOH A O     1 
HETATM 1274 O  O     . HOH G 5 .  ? -12.267 2.662   -1.196  1.00   41.26 ? 634 HOH A O     1 
HETATM 1275 O  O     . HOH G 5 .  ? 6.862   1.008   -3.389  1.00   35.99 ? 635 HOH A O     1 
HETATM 1276 O  O     . HOH G 5 .  ? -12.160 13.355  -3.567  0.50   37.00 ? 636 HOH A O     1 
HETATM 1277 O  O     . HOH G 5 .  ? 3.325   0.824   14.717  1.00   43.86 ? 637 HOH A O     1 
HETATM 1278 O  O     . HOH G 5 .  ? 6.934   -21.373 -12.333 1.00   50.45 ? 638 HOH A O     1 
HETATM 1279 O  O     . HOH G 5 .  ? -0.439  -14.251 -11.618 1.00   55.72 ? 639 HOH A O     1 
HETATM 1280 O  O     . HOH G 5 .  ? -11.364 19.991  5.500   1.00   33.93 ? 640 HOH A O     1 
HETATM 1281 O  O     . HOH G 5 .  ? 2.394   -1.408  13.299  1.00   41.50 ? 641 HOH A O     1 
HETATM 1282 O  O     . HOH G 5 .  ? 4.416   15.186  4.837   1.00   46.34 ? 642 HOH A O     1 
HETATM 1283 O  O     . HOH G 5 .  ? 0.500   6.321   -2.209  1.00   37.01 ? 643 HOH A O     1 
HETATM 1284 O  O     . HOH G 5 .  ? 0.195   -19.537 -8.076  1.00   51.29 ? 644 HOH A O     1 
HETATM 1285 O  O     . HOH G 5 .  ? 9.733   -7.856  -21.991 1.00   47.32 ? 645 HOH A O     1 
HETATM 1286 O  O     . HOH G 5 .  ? 9.416   5.475   2.125   1.00   40.22 ? 646 HOH A O     1 
HETATM 1287 O  O     . HOH G 5 .  ? -3.489  16.950  8.726   1.00   40.76 ? 647 HOH A O     1 
HETATM 1288 O  O     . HOH G 5 .  ? -1.426  2.571   5.892   1.00   25.74 ? 648 HOH A O     1 
HETATM 1289 O  O     . HOH G 5 .  ? 5.250   -4.663  8.432   1.00   33.59 ? 649 HOH A O     1 
HETATM 1290 O  O     . HOH H 5 .  ? 9.345   11.422  -16.777 1.00   24.87 ? 101 HOH B O     1 
HETATM 1291 O  O     . HOH H 5 .  ? 9.767   9.149   -18.471 1.00   27.58 ? 102 HOH B O     1 
HETATM 1292 O  O     . HOH H 5 .  ? 0.115   4.485   -12.358 1.00   32.26 ? 103 HOH B O     1 
HETATM 1293 O  O     . HOH H 5 .  ? 5.362   6.656   -18.874 1.00   30.88 ? 104 HOH B O     1 
HETATM 1294 O  O     . HOH H 5 .  ? 7.841   0.557   -16.630 1.00   25.77 ? 105 HOH B O     1 
HETATM 1295 O  O     . HOH H 5 .  ? 3.444   7.839   -12.228 1.00   29.44 ? 106 HOH B O     1 
HETATM 1296 O  O     . HOH H 5 .  ? -0.275  -0.053  12.531  1.00   31.37 ? 107 HOH B O     1 
HETATM 1297 O  O     . HOH H 5 .  ? -9.731  2.228   3.104   1.00   30.03 ? 108 HOH B O     1 
HETATM 1298 O  O     . HOH H 5 .  ? 2.543   -2.616  4.486   1.00   28.31 ? 109 HOH B O     1 
HETATM 1299 O  O     . HOH H 5 .  ? 5.251   -7.439  3.759   1.00   44.09 ? 110 HOH B O     1 
HETATM 1300 O  O     . HOH H 5 .  ? -12.105 8.233   9.802   1.00   37.91 ? 111 HOH B O     1 
HETATM 1301 O  O     . HOH H 5 .  ? -5.274  -2.482  -15.890 1.00   47.82 ? 112 HOH B O     1 
HETATM 1302 O  O     . HOH H 5 .  ? 8.334   7.953   -10.746 1.00   47.79 ? 113 HOH B O     1 
HETATM 1303 O  O     . HOH H 5 .  ? 5.649   12.984  -14.694 1.00   31.08 ? 114 HOH B O     1 
HETATM 1304 O  O     . HOH H 5 .  ? -2.570  -7.145  5.528   1.00   35.62 ? 115 HOH B O     1 
HETATM 1305 O  O     . HOH H 5 .  ? 0.486   -8.427  8.283   1.00   40.06 ? 116 HOH B O     1 
HETATM 1306 O  O     . HOH H 5 .  ? -10.551 0.412   13.608  1.00   36.56 ? 117 HOH B O     1 
HETATM 1307 O  O     . HOH H 5 .  ? 6.758   -8.496  0.326   1.00   49.28 ? 118 HOH B O     1 
HETATM 1308 O  O     . HOH H 5 .  ? -2.375  1.885   0.956   1.00   36.56 ? 119 HOH B O     1 
HETATM 1309 O  O     . HOH H 5 .  ? 7.812   7.260   -19.659 1.00   39.96 ? 120 HOH B O     1 
HETATM 1310 O  O     . HOH H 5 .  ? -17.085 1.135   4.997   1.00   36.30 ? 121 HOH B O     1 
HETATM 1311 O  O     . HOH H 5 .  ? 4.413   4.298   -20.020 1.00   38.77 ? 122 HOH B O     1 
HETATM 1312 O  O     . HOH H 5 .  ? -2.271  -8.355  3.447   1.00   46.08 ? 123 HOH B O     1 
HETATM 1313 O  O     . HOH I 5 .  ? 7.623   5.571   -1.942  1.00   27.74 ? 101 HOH C O     1 
HETATM 1314 O  O     . HOH I 5 .  ? 6.172   -0.685  -6.107  1.00   30.62 ? 102 HOH C O     1 
HETATM 1315 O  O     . HOH I 5 .  ? -7.915  5.737   -3.832  1.00   37.15 ? 103 HOH C O     1 
HETATM 1316 O  O     . HOH I 5 .  ? -4.389  2.768   -10.428 1.00   42.41 ? 104 HOH C O     1 
HETATM 1317 O  O     . HOH I 5 .  ? 7.221   8.559   -8.306  1.00   37.55 ? 105 HOH C O     1 
HETATM 1318 O  O     . HOH I 5 .  ? 3.139   7.511   -0.511  1.00   39.79 ? 106 HOH C O     1 
HETATM 1319 O  O     . HOH I 5 .  ? -12.034 -1.539  3.397   1.00   35.76 ? 107 HOH C O     1 
HETATM 1320 O  O     . HOH I 5 .  ? 5.304   10.428  -8.005  1.00   47.28 ? 108 HOH C O     1 
HETATM 1321 O  O     . HOH I 5 .  ? -13.674 -4.347  4.746   1.00   40.53 ? 109 HOH C O     1 
HETATM 1322 O  O     . HOH I 5 .  ? -6.323  -6.346  -3.468  1.00   51.89 ? 110 HOH C O     1 
HETATM 1323 O  O     . HOH I 5 .  ? -13.248 -9.796  5.714   1.00   44.10 ? 111 HOH C O     1 
# 
loop_
_pdbx_poly_seq_scheme.asym_id 
_pdbx_poly_seq_scheme.entity_id 
_pdbx_poly_seq_scheme.seq_id 
_pdbx_poly_seq_scheme.mon_id 
_pdbx_poly_seq_scheme.ndb_seq_num 
_pdbx_poly_seq_scheme.pdb_seq_num 
_pdbx_poly_seq_scheme.auth_seq_num 
_pdbx_poly_seq_scheme.pdb_mon_id 
_pdbx_poly_seq_scheme.auth_mon_id 
_pdbx_poly_seq_scheme.pdb_strand_id 
_pdbx_poly_seq_scheme.pdb_ins_code 
_pdbx_poly_seq_scheme.hetero 
A 1 1  GLY 1  330 ?   ?   ?   A . n 
A 1 2  PRO 2  331 ?   ?   ?   A . n 
A 1 3  LEU 3  332 ?   ?   ?   A . n 
A 1 4  GLY 4  333 ?   ?   ?   A . n 
A 1 5  SER 5  334 ?   ?   ?   A . n 
A 1 6  GLU 6  335 335 GLU SER A . n 
A 1 7  ARG 7  336 336 ARG ARG A . n 
A 1 8  PRO 8  337 337 PRO PRO A . n 
A 1 9  TYR 9  338 338 TYR TYR A . n 
A 1 10 ALA 10 339 339 ALA ALA A . n 
A 1 11 CYS 11 340 340 CYS CYS A . n 
A 1 12 PRO 12 341 341 PRO PRO A . n 
A 1 13 VAL 13 342 342 VAL VAL A . n 
A 1 14 GLU 14 343 343 GLU GLU A . n 
A 1 15 SER 15 344 344 SER SER A . n 
A 1 16 CYS 16 345 345 CYS CYS A . n 
A 1 17 ASP 17 346 346 ASP ASP A . n 
A 1 18 ARG 18 347 347 ARG ARG A . n 
A 1 19 ARG 19 348 348 ARG ARG A . n 
A 1 20 PHE 20 349 349 PHE PHE A . n 
A 1 21 SER 21 350 350 SER SER A . n 
A 1 22 ARG 22 351 351 ARG ARG A . n 
A 1 23 SER 23 352 352 SER SER A . n 
A 1 24 ASP 24 353 353 ASP ASP A . n 
A 1 25 GLU 25 354 354 GLU GLU A . n 
A 1 26 LEU 26 355 355 LEU LEU A . n 
A 1 27 THR 27 356 356 THR THR A . n 
A 1 28 ARG 28 357 357 ARG ARG A . n 
A 1 29 HIS 29 358 358 HIS HIS A . n 
A 1 30 ILE 30 359 359 ILE ILE A . n 
A 1 31 ARG 31 360 360 ARG ARG A . n 
A 1 32 ILE 32 361 361 ILE ILE A . n 
A 1 33 HIS 33 362 362 HIS HIS A . n 
A 1 34 THR 34 363 363 THR THR A . n 
A 1 35 GLY 35 364 364 GLY GLY A . n 
A 1 36 GLN 36 365 365 GLN GLN A . n 
A 1 37 LYS 37 366 366 LYS LYS A . n 
A 1 38 PRO 38 367 367 PRO PRO A . n 
A 1 39 PHE 39 368 368 PHE PHE A . n 
A 1 40 GLN 40 369 369 GLN GLN A . n 
A 1 41 CYS 41 370 370 CYS CYS A . n 
A 1 42 ARG 42 371 371 ARG ARG A . n 
A 1 43 ILE 43 372 372 ILE ILE A . n 
A 1 44 CYS 44 373 373 CYS CYS A . n 
A 1 45 MET 45 374 374 MET MET A . n 
A 1 46 ARG 46 375 375 ARG ARG A . n 
A 1 47 ASN 47 376 376 ASN ASN A . n 
A 1 48 PHE 48 377 377 PHE PHE A . n 
A 1 49 SER 49 378 378 SER SER A . n 
A 1 50 ARG 50 379 379 ARG ARG A . n 
A 1 51 SER 51 380 380 SER SER A . n 
A 1 52 ASP 52 381 381 ASP ASP A . n 
A 1 53 HIS 53 382 382 HIS HIS A . n 
A 1 54 LEU 54 383 383 LEU LEU A . n 
A 1 55 THR 55 384 384 THR THR A . n 
A 1 56 THR 56 385 385 THR THR A . n 
A 1 57 HIS 57 386 386 HIS HIS A . n 
A 1 58 ILE 58 387 387 ILE ILE A . n 
A 1 59 ARG 59 388 388 ARG ARG A . n 
A 1 60 THR 60 389 389 THR THR A . n 
A 1 61 HIS 61 390 390 HIS HIS A . n 
A 1 62 THR 62 391 391 THR THR A . n 
A 1 63 GLY 63 392 392 GLY GLY A . n 
A 1 64 GLU 64 393 393 GLU GLU A . n 
A 1 65 LYS 65 394 394 LYS LYS A . n 
A 1 66 PRO 66 395 395 PRO PRO A . n 
A 1 67 PHE 67 396 396 PHE PHE A . n 
A 1 68 ALA 68 397 397 ALA ALA A . n 
A 1 69 CYS 69 398 398 CYS CYS A . n 
A 1 70 ASP 70 399 399 ASP ASP A . n 
A 1 71 ILE 71 400 400 ILE ILE A . n 
A 1 72 CYS 72 401 401 CYS CYS A . n 
A 1 73 GLY 73 402 402 GLY GLY A . n 
A 1 74 ARG 74 403 403 ARG ARG A . n 
A 1 75 LYS 75 404 404 LYS LYS A . n 
A 1 76 PHE 76 405 405 PHE PHE A . n 
A 1 77 ALA 77 406 406 ALA ALA A . n 
A 1 78 ARG 78 407 407 ARG ARG A . n 
A 1 79 SER 79 408 408 SER SER A . n 
A 1 80 ASP 80 409 409 ASP ASP A . n 
A 1 81 GLU 81 410 410 GLU GLU A . n 
A 1 82 ARG 82 411 411 ARG ARG A . n 
A 1 83 LYS 83 412 412 LYS LYS A . n 
A 1 84 ARG 84 413 413 ARG ARG A . n 
A 1 85 HIS 85 414 414 HIS HIS A . n 
A 1 86 THR 86 415 415 THR THR A . n 
A 1 87 LYS 87 416 416 LYS LYS A . n 
A 1 88 ILE 88 417 417 ILE ILE A . n 
A 1 89 HIS 89 418 418 HIS HIS A . n 
A 1 90 LEU 90 419 419 LEU LEU A . n 
A 1 91 ARG 91 420 420 ARG ARG A . n 
A 1 92 GLN 92 421 421 GLN GLN A . n 
A 1 93 LYS 93 422 ?   ?   ?   A . n 
A 1 94 ASP 94 423 ?   ?   ?   A . n 
B 2 1  DA  1  1   1   DA  DA  B . n 
B 2 2  DG  2  2   2   DG  DG  B . n 
B 2 3  DC  3  3   3   DC  DC  B . n 
B 2 4  DG  4  4   4   DG  DG  B . n 
B 2 5  DT  5  5   5   DT  DT  B . n 
B 2 6  DG  6  6   6   DG  DG  B . n 
B 2 7  DG  7  7   7   DG  DG  B . n 
B 2 8  DG  8  8   8   DG  DG  B . n 
B 2 9  5FC 9  9   9   5FC 5FC B . n 
B 2 10 DG  10 10  10  DG  DG  B . n 
B 2 11 DT  11 11  11  DT  DT  B . n 
C 3 1  DT  1  1   1   DT  DT  C . n 
C 3 2  DA  2  2   2   DA  DA  C . n 
C 3 3  5FC 3  3   3   5FC 5FC C . n 
C 3 4  DG  4  4   4   DG  DG  C . n 
C 3 5  DC  5  5   5   DC  DC  C . n 
C 3 6  DC  6  6   6   DC  DC  C . n 
C 3 7  DC  7  7   7   DC  DC  C . n 
C 3 8  DA  8  8   8   DA  DA  C . n 
C 3 9  DC  9  9   9   DC  DC  C . n 
C 3 10 DG  10 10  10  DG  DG  C . n 
C 3 11 DC  11 11  11  DC  DC  C . n 
# 
loop_
_pdbx_nonpoly_scheme.asym_id 
_pdbx_nonpoly_scheme.entity_id 
_pdbx_nonpoly_scheme.mon_id 
_pdbx_nonpoly_scheme.ndb_seq_num 
_pdbx_nonpoly_scheme.pdb_seq_num 
_pdbx_nonpoly_scheme.auth_seq_num 
_pdbx_nonpoly_scheme.pdb_mon_id 
_pdbx_nonpoly_scheme.auth_mon_id 
_pdbx_nonpoly_scheme.pdb_strand_id 
_pdbx_nonpoly_scheme.pdb_ins_code 
D 4 ZN  1  501 1  ZN  ZN  A . 
E 4 ZN  1  502 2  ZN  ZN  A . 
F 4 ZN  1  503 3  ZN  ZN  A . 
G 5 HOH 1  601 1  HOH HOH A . 
G 5 HOH 2  602 2  HOH HOH A . 
G 5 HOH 3  603 3  HOH HOH A . 
G 5 HOH 4  604 4  HOH HOH A . 
G 5 HOH 5  605 6  HOH HOH A . 
G 5 HOH 6  606 10 HOH HOH A . 
G 5 HOH 7  607 11 HOH HOH A . 
G 5 HOH 8  608 12 HOH HOH A . 
G 5 HOH 9  609 13 HOH HOH A . 
G 5 HOH 10 610 15 HOH HOH A . 
G 5 HOH 11 611 16 HOH HOH A . 
G 5 HOH 12 612 18 HOH HOH A . 
G 5 HOH 13 613 19 HOH HOH A . 
G 5 HOH 14 614 20 HOH HOH A . 
G 5 HOH 15 615 23 HOH HOH A . 
G 5 HOH 16 616 24 HOH HOH A . 
G 5 HOH 17 617 26 HOH HOH A . 
G 5 HOH 18 618 28 HOH HOH A . 
G 5 HOH 19 619 31 HOH HOH A . 
G 5 HOH 20 620 32 HOH HOH A . 
G 5 HOH 21 621 33 HOH HOH A . 
G 5 HOH 22 622 37 HOH HOH A . 
G 5 HOH 23 623 38 HOH HOH A . 
G 5 HOH 24 624 39 HOH HOH A . 
G 5 HOH 25 625 41 HOH HOH A . 
G 5 HOH 26 626 42 HOH HOH A . 
G 5 HOH 27 627 45 HOH HOH A . 
G 5 HOH 28 628 46 HOH HOH A . 
G 5 HOH 29 629 47 HOH HOH A . 
G 5 HOH 30 630 53 HOH HOH A . 
G 5 HOH 31 631 55 HOH HOH A . 
G 5 HOH 32 632 60 HOH HOH A . 
G 5 HOH 33 633 61 HOH HOH A . 
G 5 HOH 34 634 62 HOH HOH A . 
G 5 HOH 35 635 67 HOH HOH A . 
G 5 HOH 36 636 68 HOH HOH A . 
G 5 HOH 37 637 69 HOH HOH A . 
G 5 HOH 38 638 71 HOH HOH A . 
G 5 HOH 39 639 74 HOH HOH A . 
G 5 HOH 40 640 75 HOH HOH A . 
G 5 HOH 41 641 76 HOH HOH A . 
G 5 HOH 42 642 78 HOH HOH A . 
G 5 HOH 43 643 80 HOH HOH A . 
G 5 HOH 44 644 82 HOH HOH A . 
G 5 HOH 45 645 83 HOH HOH A . 
G 5 HOH 46 646 84 HOH HOH A . 
G 5 HOH 47 647 85 HOH HOH A . 
G 5 HOH 48 648 14 HOH HOH A . 
G 5 HOH 49 649 17 HOH HOH A . 
H 5 HOH 1  101 5  HOH HOH B . 
H 5 HOH 2  102 8  HOH HOH B . 
H 5 HOH 3  103 9  HOH HOH B . 
H 5 HOH 4  104 21 HOH HOH B . 
H 5 HOH 5  105 25 HOH HOH B . 
H 5 HOH 6  106 27 HOH HOH B . 
H 5 HOH 7  107 29 HOH HOH B . 
H 5 HOH 8  108 34 HOH HOH B . 
H 5 HOH 9  109 36 HOH HOH B . 
H 5 HOH 10 110 40 HOH HOH B . 
H 5 HOH 11 111 43 HOH HOH B . 
H 5 HOH 12 112 44 HOH HOH B . 
H 5 HOH 13 113 48 HOH HOH B . 
H 5 HOH 14 114 49 HOH HOH B . 
H 5 HOH 15 115 51 HOH HOH B . 
H 5 HOH 16 116 52 HOH HOH B . 
H 5 HOH 17 117 54 HOH HOH B . 
H 5 HOH 18 118 57 HOH HOH B . 
H 5 HOH 19 119 59 HOH HOH B . 
H 5 HOH 20 120 64 HOH HOH B . 
H 5 HOH 21 121 66 HOH HOH B . 
H 5 HOH 22 122 72 HOH HOH B . 
H 5 HOH 23 123 77 HOH HOH B . 
I 5 HOH 1  101 7  HOH HOH C . 
I 5 HOH 2  102 22 HOH HOH C . 
I 5 HOH 3  103 30 HOH HOH C . 
I 5 HOH 4  104 35 HOH HOH C . 
I 5 HOH 5  105 50 HOH HOH C . 
I 5 HOH 6  106 56 HOH HOH C . 
I 5 HOH 7  107 58 HOH HOH C . 
I 5 HOH 8  108 63 HOH HOH C . 
I 5 HOH 9  109 65 HOH HOH C . 
I 5 HOH 10 110 70 HOH HOH C . 
I 5 HOH 11 111 73 HOH HOH C . 
# 
loop_
_pdbx_struct_mod_residue.id 
_pdbx_struct_mod_residue.label_asym_id 
_pdbx_struct_mod_residue.label_comp_id 
_pdbx_struct_mod_residue.label_seq_id 
_pdbx_struct_mod_residue.auth_asym_id 
_pdbx_struct_mod_residue.auth_comp_id 
_pdbx_struct_mod_residue.auth_seq_id 
_pdbx_struct_mod_residue.PDB_ins_code 
_pdbx_struct_mod_residue.parent_comp_id 
_pdbx_struct_mod_residue.details 
1 B 5FC 9 B 5FC 9 ? DC ? 
2 C 5FC 3 C 5FC 3 ? DC ? 
# 
_pdbx_struct_assembly.id                   1 
_pdbx_struct_assembly.details              author_and_software_defined_assembly 
_pdbx_struct_assembly.method_details       PISA 
_pdbx_struct_assembly.oligomeric_details   trimeric 
_pdbx_struct_assembly.oligomeric_count     3 
# 
_pdbx_struct_assembly_gen.assembly_id       1 
_pdbx_struct_assembly_gen.oper_expression   1 
_pdbx_struct_assembly_gen.asym_id_list      A,B,C,D,E,F,G,H,I 
# 
loop_
_pdbx_struct_assembly_prop.biol_id 
_pdbx_struct_assembly_prop.type 
_pdbx_struct_assembly_prop.value 
_pdbx_struct_assembly_prop.details 
1 'ABSA (A^2)' 5330 ? 
1 MORE         -3   ? 
1 'SSA (A^2)'  7800 ? 
# 
_pdbx_struct_oper_list.id                   1 
_pdbx_struct_oper_list.type                 'identity operation' 
_pdbx_struct_oper_list.name                 1_555 
_pdbx_struct_oper_list.symmetry_operation   x,y,z 
_pdbx_struct_oper_list.matrix[1][1]         1.0000000000 
_pdbx_struct_oper_list.matrix[1][2]         0.0000000000 
_pdbx_struct_oper_list.matrix[1][3]         0.0000000000 
_pdbx_struct_oper_list.vector[1]            0.0000000000 
_pdbx_struct_oper_list.matrix[2][1]         0.0000000000 
_pdbx_struct_oper_list.matrix[2][2]         1.0000000000 
_pdbx_struct_oper_list.matrix[2][3]         0.0000000000 
_pdbx_struct_oper_list.vector[2]            0.0000000000 
_pdbx_struct_oper_list.matrix[3][1]         0.0000000000 
_pdbx_struct_oper_list.matrix[3][2]         0.0000000000 
_pdbx_struct_oper_list.matrix[3][3]         1.0000000000 
_pdbx_struct_oper_list.vector[3]            0.0000000000 
# 
_pdbx_struct_special_symmetry.id              1 
_pdbx_struct_special_symmetry.PDB_model_num   1 
_pdbx_struct_special_symmetry.auth_asym_id    A 
_pdbx_struct_special_symmetry.auth_comp_id    HOH 
_pdbx_struct_special_symmetry.auth_seq_id     636 
_pdbx_struct_special_symmetry.PDB_ins_code    ? 
_pdbx_struct_special_symmetry.label_asym_id   G 
_pdbx_struct_special_symmetry.label_comp_id   HOH 
_pdbx_struct_special_symmetry.label_seq_id    . 
# 
loop_
_pdbx_struct_conn_angle.id 
_pdbx_struct_conn_angle.ptnr1_label_atom_id 
_pdbx_struct_conn_angle.ptnr1_label_alt_id 
_pdbx_struct_conn_angle.ptnr1_label_asym_id 
_pdbx_struct_conn_angle.ptnr1_label_comp_id 
_pdbx_struct_conn_angle.ptnr1_label_seq_id 
_pdbx_struct_conn_angle.ptnr1_auth_atom_id 
_pdbx_struct_conn_angle.ptnr1_auth_asym_id 
_pdbx_struct_conn_angle.ptnr1_auth_comp_id 
_pdbx_struct_conn_angle.ptnr1_auth_seq_id 
_pdbx_struct_conn_angle.ptnr1_PDB_ins_code 
_pdbx_struct_conn_angle.ptnr1_symmetry 
_pdbx_struct_conn_angle.ptnr2_label_atom_id 
_pdbx_struct_conn_angle.ptnr2_label_alt_id 
_pdbx_struct_conn_angle.ptnr2_label_asym_id 
_pdbx_struct_conn_angle.ptnr2_label_comp_id 
_pdbx_struct_conn_angle.ptnr2_label_seq_id 
_pdbx_struct_conn_angle.ptnr2_auth_atom_id 
_pdbx_struct_conn_angle.ptnr2_auth_asym_id 
_pdbx_struct_conn_angle.ptnr2_auth_comp_id 
_pdbx_struct_conn_angle.ptnr2_auth_seq_id 
_pdbx_struct_conn_angle.ptnr2_PDB_ins_code 
_pdbx_struct_conn_angle.ptnr2_symmetry 
_pdbx_struct_conn_angle.ptnr3_label_atom_id 
_pdbx_struct_conn_angle.ptnr3_label_alt_id 
_pdbx_struct_conn_angle.ptnr3_label_asym_id 
_pdbx_struct_conn_angle.ptnr3_label_comp_id 
_pdbx_struct_conn_angle.ptnr3_label_seq_id 
_pdbx_struct_conn_angle.ptnr3_auth_atom_id 
_pdbx_struct_conn_angle.ptnr3_auth_asym_id 
_pdbx_struct_conn_angle.ptnr3_auth_comp_id 
_pdbx_struct_conn_angle.ptnr3_auth_seq_id 
_pdbx_struct_conn_angle.ptnr3_PDB_ins_code 
_pdbx_struct_conn_angle.ptnr3_symmetry 
_pdbx_struct_conn_angle.value 
_pdbx_struct_conn_angle.value_esd 
1  SG  ? A CYS 11 ? A CYS 340 ? 1_555 ZN ? D ZN . ? A ZN 501 ? 1_555 SG  ? A CYS 16 ? A CYS 345 ? 1_555 108.9 ? 
2  SG  ? A CYS 11 ? A CYS 340 ? 1_555 ZN ? D ZN . ? A ZN 501 ? 1_555 NE2 ? A HIS 29 ? A HIS 358 ? 1_555 109.8 ? 
3  SG  ? A CYS 16 ? A CYS 345 ? 1_555 ZN ? D ZN . ? A ZN 501 ? 1_555 NE2 ? A HIS 29 ? A HIS 358 ? 1_555 100.8 ? 
4  SG  ? A CYS 11 ? A CYS 340 ? 1_555 ZN ? D ZN . ? A ZN 501 ? 1_555 NE2 ? A HIS 33 ? A HIS 362 ? 1_555 105.7 ? 
5  SG  ? A CYS 16 ? A CYS 345 ? 1_555 ZN ? D ZN . ? A ZN 501 ? 1_555 NE2 ? A HIS 33 ? A HIS 362 ? 1_555 122.3 ? 
6  NE2 ? A HIS 29 ? A HIS 358 ? 1_555 ZN ? D ZN . ? A ZN 501 ? 1_555 NE2 ? A HIS 33 ? A HIS 362 ? 1_555 109.1 ? 
7  SG  ? A CYS 41 ? A CYS 370 ? 1_555 ZN ? E ZN . ? A ZN 502 ? 1_555 SG  ? A CYS 44 ? A CYS 373 ? 1_555 114.5 ? 
8  SG  ? A CYS 41 ? A CYS 370 ? 1_555 ZN ? E ZN . ? A ZN 502 ? 1_555 NE2 ? A HIS 57 ? A HIS 386 ? 1_555 109.4 ? 
9  SG  ? A CYS 44 ? A CYS 373 ? 1_555 ZN ? E ZN . ? A ZN 502 ? 1_555 NE2 ? A HIS 57 ? A HIS 386 ? 1_555 105.5 ? 
10 SG  ? A CYS 41 ? A CYS 370 ? 1_555 ZN ? E ZN . ? A ZN 502 ? 1_555 NE2 ? A HIS 61 ? A HIS 390 ? 1_555 116.1 ? 
11 SG  ? A CYS 44 ? A CYS 373 ? 1_555 ZN ? E ZN . ? A ZN 502 ? 1_555 NE2 ? A HIS 61 ? A HIS 390 ? 1_555 111.7 ? 
12 NE2 ? A HIS 57 ? A HIS 386 ? 1_555 ZN ? E ZN . ? A ZN 502 ? 1_555 NE2 ? A HIS 61 ? A HIS 390 ? 1_555 97.7  ? 
13 SG  ? A CYS 69 ? A CYS 398 ? 1_555 ZN ? F ZN . ? A ZN 503 ? 1_555 SG  ? A CYS 72 ? A CYS 401 ? 1_555 114.6 ? 
14 SG  ? A CYS 69 ? A CYS 398 ? 1_555 ZN ? F ZN . ? A ZN 503 ? 1_555 NE2 ? A HIS 85 ? A HIS 414 ? 1_555 105.3 ? 
15 SG  ? A CYS 72 ? A CYS 401 ? 1_555 ZN ? F ZN . ? A ZN 503 ? 1_555 NE2 ? A HIS 85 ? A HIS 414 ? 1_555 102.9 ? 
16 SG  ? A CYS 69 ? A CYS 398 ? 1_555 ZN ? F ZN . ? A ZN 503 ? 1_555 NE2 ? A HIS 89 ? A HIS 418 ? 1_555 108.3 ? 
17 SG  ? A CYS 72 ? A CYS 401 ? 1_555 ZN ? F ZN . ? A ZN 503 ? 1_555 NE2 ? A HIS 89 ? A HIS 418 ? 1_555 117.3 ? 
18 NE2 ? A HIS 85 ? A HIS 414 ? 1_555 ZN ? F ZN . ? A ZN 503 ? 1_555 NE2 ? A HIS 89 ? A HIS 418 ? 1_555 107.4 ? 
# 
loop_
_pdbx_audit_revision_history.ordinal 
_pdbx_audit_revision_history.data_content_type 
_pdbx_audit_revision_history.major_revision 
_pdbx_audit_revision_history.minor_revision 
_pdbx_audit_revision_history.revision_date 
1 'Structure model' 1 0 2014-10-08 
2 'Structure model' 1 1 2014-11-19 
3 'Structure model' 1 2 2023-09-20 
# 
_pdbx_audit_revision_details.ordinal             1 
_pdbx_audit_revision_details.revision_ordinal    1 
_pdbx_audit_revision_details.data_content_type   'Structure model' 
_pdbx_audit_revision_details.provider            repository 
_pdbx_audit_revision_details.type                'Initial release' 
_pdbx_audit_revision_details.description         ? 
_pdbx_audit_revision_details.details             ? 
# 
loop_
_pdbx_audit_revision_group.ordinal 
_pdbx_audit_revision_group.revision_ordinal 
_pdbx_audit_revision_group.data_content_type 
_pdbx_audit_revision_group.group 
1 2 'Structure model' 'Database references'    
2 3 'Structure model' 'Data collection'        
3 3 'Structure model' 'Database references'    
4 3 'Structure model' 'Derived calculations'   
5 3 'Structure model' 'Refinement description' 
# 
loop_
_pdbx_audit_revision_category.ordinal 
_pdbx_audit_revision_category.revision_ordinal 
_pdbx_audit_revision_category.data_content_type 
_pdbx_audit_revision_category.category 
1 3 'Structure model' chem_comp_atom                
2 3 'Structure model' chem_comp_bond                
3 3 'Structure model' database_2                    
4 3 'Structure model' pdbx_initial_refinement_model 
5 3 'Structure model' pdbx_struct_conn_angle        
6 3 'Structure model' struct_conn                   
7 3 'Structure model' struct_ref_seq_dif            
8 3 'Structure model' struct_site                   
# 
loop_
_pdbx_audit_revision_item.ordinal 
_pdbx_audit_revision_item.revision_ordinal 
_pdbx_audit_revision_item.data_content_type 
_pdbx_audit_revision_item.item 
1  3 'Structure model' '_database_2.pdbx_DOI'                        
2  3 'Structure model' '_database_2.pdbx_database_accession'         
3  3 'Structure model' '_pdbx_struct_conn_angle.ptnr1_auth_comp_id'  
4  3 'Structure model' '_pdbx_struct_conn_angle.ptnr1_auth_seq_id'   
5  3 'Structure model' '_pdbx_struct_conn_angle.ptnr1_label_atom_id' 
6  3 'Structure model' '_pdbx_struct_conn_angle.ptnr1_label_comp_id' 
7  3 'Structure model' '_pdbx_struct_conn_angle.ptnr1_label_seq_id'  
8  3 'Structure model' '_pdbx_struct_conn_angle.ptnr2_auth_seq_id'   
9  3 'Structure model' '_pdbx_struct_conn_angle.ptnr2_label_asym_id' 
10 3 'Structure model' '_pdbx_struct_conn_angle.ptnr3_auth_comp_id'  
11 3 'Structure model' '_pdbx_struct_conn_angle.ptnr3_auth_seq_id'   
12 3 'Structure model' '_pdbx_struct_conn_angle.ptnr3_label_atom_id' 
13 3 'Structure model' '_pdbx_struct_conn_angle.ptnr3_label_comp_id' 
14 3 'Structure model' '_pdbx_struct_conn_angle.ptnr3_label_seq_id'  
15 3 'Structure model' '_pdbx_struct_conn_angle.value'               
16 3 'Structure model' '_struct_conn.pdbx_dist_value'                
17 3 'Structure model' '_struct_conn.pdbx_leaving_atom_flag'         
18 3 'Structure model' '_struct_conn.ptnr1_auth_comp_id'             
19 3 'Structure model' '_struct_conn.ptnr1_auth_seq_id'              
20 3 'Structure model' '_struct_conn.ptnr1_label_atom_id'            
21 3 'Structure model' '_struct_conn.ptnr1_label_comp_id'            
22 3 'Structure model' '_struct_conn.ptnr1_label_seq_id'             
23 3 'Structure model' '_struct_conn.ptnr2_auth_seq_id'              
24 3 'Structure model' '_struct_conn.ptnr2_label_asym_id'            
25 3 'Structure model' '_struct_ref_seq_dif.details'                 
26 3 'Structure model' '_struct_site.pdbx_auth_asym_id'              
27 3 'Structure model' '_struct_site.pdbx_auth_comp_id'              
28 3 'Structure model' '_struct_site.pdbx_auth_seq_id'               
# 
_software.name             PHENIX 
_software.classification   refinement 
_software.version          '(phenix.refine: 1.8.4_1496)' 
_software.citation_id      ? 
_software.pdbx_ordinal     1 
# 
loop_
_pdbx_unobs_or_zero_occ_atoms.id 
_pdbx_unobs_or_zero_occ_atoms.PDB_model_num 
_pdbx_unobs_or_zero_occ_atoms.polymer_flag 
_pdbx_unobs_or_zero_occ_atoms.occupancy_flag 
_pdbx_unobs_or_zero_occ_atoms.auth_asym_id 
_pdbx_unobs_or_zero_occ_atoms.auth_comp_id 
_pdbx_unobs_or_zero_occ_atoms.auth_seq_id 
_pdbx_unobs_or_zero_occ_atoms.PDB_ins_code 
_pdbx_unobs_or_zero_occ_atoms.auth_atom_id 
_pdbx_unobs_or_zero_occ_atoms.label_alt_id 
_pdbx_unobs_or_zero_occ_atoms.label_asym_id 
_pdbx_unobs_or_zero_occ_atoms.label_comp_id 
_pdbx_unobs_or_zero_occ_atoms.label_seq_id 
_pdbx_unobs_or_zero_occ_atoms.label_atom_id 
1  1 Y 1 A GLU 335 ? CG    ? A GLU 6  CG    
2  1 Y 1 A GLU 335 ? CD    ? A GLU 6  CD    
3  1 Y 1 A GLU 335 ? OE1   ? A GLU 6  OE1   
4  1 Y 1 A GLU 335 ? OE2   ? A GLU 6  OE2   
5  1 Y 1 A ASP 346 ? CG    ? A ASP 17 CG    
6  1 Y 1 A ASP 346 ? OD1   ? A ASP 17 OD1   
7  1 Y 1 A ASP 346 ? OD2   ? A ASP 17 OD2   
8  1 Y 1 A ARG 347 ? NE    ? A ARG 18 NE    
9  1 Y 1 A ARG 347 ? CZ    ? A ARG 18 CZ    
10 1 Y 1 A ARG 347 ? NH1   ? A ARG 18 NH1   
11 1 Y 1 A ARG 347 ? NH2   ? A ARG 18 NH2   
12 1 Y 1 A ARG 420 ? CG    ? A ARG 91 CG    
13 1 Y 1 A ARG 420 ? CD    ? A ARG 91 CD    
14 1 Y 1 A ARG 420 ? NE    ? A ARG 91 NE    
15 1 Y 1 A ARG 420 ? CZ    ? A ARG 91 CZ    
16 1 Y 1 A ARG 420 ? NH1   ? A ARG 91 NH1   
17 1 Y 1 A ARG 420 ? NH2   ? A ARG 91 NH2   
18 1 Y 1 A GLN 421 ? CG    ? A GLN 92 CG    
19 1 Y 1 A GLN 421 ? CD    ? A GLN 92 CD    
20 1 Y 1 A GLN 421 ? OE1   ? A GLN 92 OE1   
21 1 Y 1 A GLN 421 ? NE2   ? A GLN 92 NE2   
22 1 Y 0 B DG  7   ? P     A B DG  7  P     
23 1 Y 0 B DG  7   ? OP1   A B DG  7  OP1   
24 1 Y 0 B DG  7   ? OP2   A B DG  7  OP2   
25 1 Y 0 B DG  7   ? "O5'" A B DG  7  "O5'" 
26 1 Y 0 B DG  7   ? "C5'" A B DG  7  "C5'" 
27 1 Y 0 B DG  7   ? "C4'" A B DG  7  "C4'" 
28 1 Y 0 B DG  7   ? "O4'" A B DG  7  "O4'" 
29 1 Y 0 B DG  7   ? "C3'" A B DG  7  "C3'" 
30 1 Y 0 B DG  7   ? "O3'" A B DG  7  "O3'" 
31 1 Y 0 B DG  7   ? "C2'" A B DG  7  "C2'" 
32 1 Y 0 B DG  7   ? "C1'" A B DG  7  "C1'" 
# 
loop_
_pdbx_unobs_or_zero_occ_residues.id 
_pdbx_unobs_or_zero_occ_residues.PDB_model_num 
_pdbx_unobs_or_zero_occ_residues.polymer_flag 
_pdbx_unobs_or_zero_occ_residues.occupancy_flag 
_pdbx_unobs_or_zero_occ_residues.auth_asym_id 
_pdbx_unobs_or_zero_occ_residues.auth_comp_id 
_pdbx_unobs_or_zero_occ_residues.auth_seq_id 
_pdbx_unobs_or_zero_occ_residues.PDB_ins_code 
_pdbx_unobs_or_zero_occ_residues.label_asym_id 
_pdbx_unobs_or_zero_occ_residues.label_comp_id 
_pdbx_unobs_or_zero_occ_residues.label_seq_id 
1 1 Y 1 A GLY 330 ? A GLY 1  
2 1 Y 1 A PRO 331 ? A PRO 2  
3 1 Y 1 A LEU 332 ? A LEU 3  
4 1 Y 1 A GLY 333 ? A GLY 4  
5 1 Y 1 A SER 334 ? A SER 5  
6 1 Y 1 A LYS 422 ? A LYS 93 
7 1 Y 1 A ASP 423 ? A ASP 94 
# 
loop_
_chem_comp_atom.comp_id 
_chem_comp_atom.atom_id 
_chem_comp_atom.type_symbol 
_chem_comp_atom.pdbx_aromatic_flag 
_chem_comp_atom.pdbx_stereo_config 
_chem_comp_atom.pdbx_ordinal 
5FC P      P  N N 1   
5FC OP2    O  N N 2   
5FC OP1    O  N N 3   
5FC "O5'"  O  N N 4   
5FC N1     N  N N 5   
5FC C6     C  N N 6   
5FC C2     C  N N 7   
5FC O2     O  N N 8   
5FC N3     N  N N 9   
5FC C4     C  N N 10  
5FC N4     N  N N 11  
5FC C5     C  N N 12  
5FC "C2'"  C  N N 13  
5FC "C5'"  C  N N 14  
5FC "C4'"  C  N R 15  
5FC "O4'"  O  N N 16  
5FC "C1'"  C  N R 17  
5FC "C3'"  C  N S 18  
5FC "O3'"  O  N N 19  
5FC C5A    C  N N 20  
5FC O5A    O  N N 21  
5FC OP3    O  N N 22  
5FC HOP2   H  N N 23  
5FC H6     H  N N 24  
5FC HN41   H  N N 25  
5FC HN42   H  N N 26  
5FC "H2'"  H  N N 27  
5FC "H2''" H  N N 28  
5FC "H5'"  H  N N 29  
5FC "H5''" H  N N 30  
5FC "H4'"  H  N N 31  
5FC "H1'"  H  N N 32  
5FC "H3'"  H  N N 33  
5FC "HO3'" H  N N 34  
5FC H5A    H  N N 35  
5FC HOP3   H  N N 36  
ALA N      N  N N 37  
ALA CA     C  N S 38  
ALA C      C  N N 39  
ALA O      O  N N 40  
ALA CB     C  N N 41  
ALA OXT    O  N N 42  
ALA H      H  N N 43  
ALA H2     H  N N 44  
ALA HA     H  N N 45  
ALA HB1    H  N N 46  
ALA HB2    H  N N 47  
ALA HB3    H  N N 48  
ALA HXT    H  N N 49  
ARG N      N  N N 50  
ARG CA     C  N S 51  
ARG C      C  N N 52  
ARG O      O  N N 53  
ARG CB     C  N N 54  
ARG CG     C  N N 55  
ARG CD     C  N N 56  
ARG NE     N  N N 57  
ARG CZ     C  N N 58  
ARG NH1    N  N N 59  
ARG NH2    N  N N 60  
ARG OXT    O  N N 61  
ARG H      H  N N 62  
ARG H2     H  N N 63  
ARG HA     H  N N 64  
ARG HB2    H  N N 65  
ARG HB3    H  N N 66  
ARG HG2    H  N N 67  
ARG HG3    H  N N 68  
ARG HD2    H  N N 69  
ARG HD3    H  N N 70  
ARG HE     H  N N 71  
ARG HH11   H  N N 72  
ARG HH12   H  N N 73  
ARG HH21   H  N N 74  
ARG HH22   H  N N 75  
ARG HXT    H  N N 76  
ASN N      N  N N 77  
ASN CA     C  N S 78  
ASN C      C  N N 79  
ASN O      O  N N 80  
ASN CB     C  N N 81  
ASN CG     C  N N 82  
ASN OD1    O  N N 83  
ASN ND2    N  N N 84  
ASN OXT    O  N N 85  
ASN H      H  N N 86  
ASN H2     H  N N 87  
ASN HA     H  N N 88  
ASN HB2    H  N N 89  
ASN HB3    H  N N 90  
ASN HD21   H  N N 91  
ASN HD22   H  N N 92  
ASN HXT    H  N N 93  
ASP N      N  N N 94  
ASP CA     C  N S 95  
ASP C      C  N N 96  
ASP O      O  N N 97  
ASP CB     C  N N 98  
ASP CG     C  N N 99  
ASP OD1    O  N N 100 
ASP OD2    O  N N 101 
ASP OXT    O  N N 102 
ASP H      H  N N 103 
ASP H2     H  N N 104 
ASP HA     H  N N 105 
ASP HB2    H  N N 106 
ASP HB3    H  N N 107 
ASP HD2    H  N N 108 
ASP HXT    H  N N 109 
CYS N      N  N N 110 
CYS CA     C  N R 111 
CYS C      C  N N 112 
CYS O      O  N N 113 
CYS CB     C  N N 114 
CYS SG     S  N N 115 
CYS OXT    O  N N 116 
CYS H      H  N N 117 
CYS H2     H  N N 118 
CYS HA     H  N N 119 
CYS HB2    H  N N 120 
CYS HB3    H  N N 121 
CYS HG     H  N N 122 
CYS HXT    H  N N 123 
DA  OP3    O  N N 124 
DA  P      P  N N 125 
DA  OP1    O  N N 126 
DA  OP2    O  N N 127 
DA  "O5'"  O  N N 128 
DA  "C5'"  C  N N 129 
DA  "C4'"  C  N R 130 
DA  "O4'"  O  N N 131 
DA  "C3'"  C  N S 132 
DA  "O3'"  O  N N 133 
DA  "C2'"  C  N N 134 
DA  "C1'"  C  N R 135 
DA  N9     N  Y N 136 
DA  C8     C  Y N 137 
DA  N7     N  Y N 138 
DA  C5     C  Y N 139 
DA  C6     C  Y N 140 
DA  N6     N  N N 141 
DA  N1     N  Y N 142 
DA  C2     C  Y N 143 
DA  N3     N  Y N 144 
DA  C4     C  Y N 145 
DA  HOP3   H  N N 146 
DA  HOP2   H  N N 147 
DA  "H5'"  H  N N 148 
DA  "H5''" H  N N 149 
DA  "H4'"  H  N N 150 
DA  "H3'"  H  N N 151 
DA  "HO3'" H  N N 152 
DA  "H2'"  H  N N 153 
DA  "H2''" H  N N 154 
DA  "H1'"  H  N N 155 
DA  H8     H  N N 156 
DA  H61    H  N N 157 
DA  H62    H  N N 158 
DA  H2     H  N N 159 
DC  OP3    O  N N 160 
DC  P      P  N N 161 
DC  OP1    O  N N 162 
DC  OP2    O  N N 163 
DC  "O5'"  O  N N 164 
DC  "C5'"  C  N N 165 
DC  "C4'"  C  N R 166 
DC  "O4'"  O  N N 167 
DC  "C3'"  C  N S 168 
DC  "O3'"  O  N N 169 
DC  "C2'"  C  N N 170 
DC  "C1'"  C  N R 171 
DC  N1     N  N N 172 
DC  C2     C  N N 173 
DC  O2     O  N N 174 
DC  N3     N  N N 175 
DC  C4     C  N N 176 
DC  N4     N  N N 177 
DC  C5     C  N N 178 
DC  C6     C  N N 179 
DC  HOP3   H  N N 180 
DC  HOP2   H  N N 181 
DC  "H5'"  H  N N 182 
DC  "H5''" H  N N 183 
DC  "H4'"  H  N N 184 
DC  "H3'"  H  N N 185 
DC  "HO3'" H  N N 186 
DC  "H2'"  H  N N 187 
DC  "H2''" H  N N 188 
DC  "H1'"  H  N N 189 
DC  H41    H  N N 190 
DC  H42    H  N N 191 
DC  H5     H  N N 192 
DC  H6     H  N N 193 
DG  OP3    O  N N 194 
DG  P      P  N N 195 
DG  OP1    O  N N 196 
DG  OP2    O  N N 197 
DG  "O5'"  O  N N 198 
DG  "C5'"  C  N N 199 
DG  "C4'"  C  N R 200 
DG  "O4'"  O  N N 201 
DG  "C3'"  C  N S 202 
DG  "O3'"  O  N N 203 
DG  "C2'"  C  N N 204 
DG  "C1'"  C  N R 205 
DG  N9     N  Y N 206 
DG  C8     C  Y N 207 
DG  N7     N  Y N 208 
DG  C5     C  Y N 209 
DG  C6     C  N N 210 
DG  O6     O  N N 211 
DG  N1     N  N N 212 
DG  C2     C  N N 213 
DG  N2     N  N N 214 
DG  N3     N  N N 215 
DG  C4     C  Y N 216 
DG  HOP3   H  N N 217 
DG  HOP2   H  N N 218 
DG  "H5'"  H  N N 219 
DG  "H5''" H  N N 220 
DG  "H4'"  H  N N 221 
DG  "H3'"  H  N N 222 
DG  "HO3'" H  N N 223 
DG  "H2'"  H  N N 224 
DG  "H2''" H  N N 225 
DG  "H1'"  H  N N 226 
DG  H8     H  N N 227 
DG  H1     H  N N 228 
DG  H21    H  N N 229 
DG  H22    H  N N 230 
DT  OP3    O  N N 231 
DT  P      P  N N 232 
DT  OP1    O  N N 233 
DT  OP2    O  N N 234 
DT  "O5'"  O  N N 235 
DT  "C5'"  C  N N 236 
DT  "C4'"  C  N R 237 
DT  "O4'"  O  N N 238 
DT  "C3'"  C  N S 239 
DT  "O3'"  O  N N 240 
DT  "C2'"  C  N N 241 
DT  "C1'"  C  N R 242 
DT  N1     N  N N 243 
DT  C2     C  N N 244 
DT  O2     O  N N 245 
DT  N3     N  N N 246 
DT  C4     C  N N 247 
DT  O4     O  N N 248 
DT  C5     C  N N 249 
DT  C7     C  N N 250 
DT  C6     C  N N 251 
DT  HOP3   H  N N 252 
DT  HOP2   H  N N 253 
DT  "H5'"  H  N N 254 
DT  "H5''" H  N N 255 
DT  "H4'"  H  N N 256 
DT  "H3'"  H  N N 257 
DT  "HO3'" H  N N 258 
DT  "H2'"  H  N N 259 
DT  "H2''" H  N N 260 
DT  "H1'"  H  N N 261 
DT  H3     H  N N 262 
DT  H71    H  N N 263 
DT  H72    H  N N 264 
DT  H73    H  N N 265 
DT  H6     H  N N 266 
GLN N      N  N N 267 
GLN CA     C  N S 268 
GLN C      C  N N 269 
GLN O      O  N N 270 
GLN CB     C  N N 271 
GLN CG     C  N N 272 
GLN CD     C  N N 273 
GLN OE1    O  N N 274 
GLN NE2    N  N N 275 
GLN OXT    O  N N 276 
GLN H      H  N N 277 
GLN H2     H  N N 278 
GLN HA     H  N N 279 
GLN HB2    H  N N 280 
GLN HB3    H  N N 281 
GLN HG2    H  N N 282 
GLN HG3    H  N N 283 
GLN HE21   H  N N 284 
GLN HE22   H  N N 285 
GLN HXT    H  N N 286 
GLU N      N  N N 287 
GLU CA     C  N S 288 
GLU C      C  N N 289 
GLU O      O  N N 290 
GLU CB     C  N N 291 
GLU CG     C  N N 292 
GLU CD     C  N N 293 
GLU OE1    O  N N 294 
GLU OE2    O  N N 295 
GLU OXT    O  N N 296 
GLU H      H  N N 297 
GLU H2     H  N N 298 
GLU HA     H  N N 299 
GLU HB2    H  N N 300 
GLU HB3    H  N N 301 
GLU HG2    H  N N 302 
GLU HG3    H  N N 303 
GLU HE2    H  N N 304 
GLU HXT    H  N N 305 
GLY N      N  N N 306 
GLY CA     C  N N 307 
GLY C      C  N N 308 
GLY O      O  N N 309 
GLY OXT    O  N N 310 
GLY H      H  N N 311 
GLY H2     H  N N 312 
GLY HA2    H  N N 313 
GLY HA3    H  N N 314 
GLY HXT    H  N N 315 
HIS N      N  N N 316 
HIS CA     C  N S 317 
HIS C      C  N N 318 
HIS O      O  N N 319 
HIS CB     C  N N 320 
HIS CG     C  Y N 321 
HIS ND1    N  Y N 322 
HIS CD2    C  Y N 323 
HIS CE1    C  Y N 324 
HIS NE2    N  Y N 325 
HIS OXT    O  N N 326 
HIS H      H  N N 327 
HIS H2     H  N N 328 
HIS HA     H  N N 329 
HIS HB2    H  N N 330 
HIS HB3    H  N N 331 
HIS HD1    H  N N 332 
HIS HD2    H  N N 333 
HIS HE1    H  N N 334 
HIS HE2    H  N N 335 
HIS HXT    H  N N 336 
HOH O      O  N N 337 
HOH H1     H  N N 338 
HOH H2     H  N N 339 
ILE N      N  N N 340 
ILE CA     C  N S 341 
ILE C      C  N N 342 
ILE O      O  N N 343 
ILE CB     C  N S 344 
ILE CG1    C  N N 345 
ILE CG2    C  N N 346 
ILE CD1    C  N N 347 
ILE OXT    O  N N 348 
ILE H      H  N N 349 
ILE H2     H  N N 350 
ILE HA     H  N N 351 
ILE HB     H  N N 352 
ILE HG12   H  N N 353 
ILE HG13   H  N N 354 
ILE HG21   H  N N 355 
ILE HG22   H  N N 356 
ILE HG23   H  N N 357 
ILE HD11   H  N N 358 
ILE HD12   H  N N 359 
ILE HD13   H  N N 360 
ILE HXT    H  N N 361 
LEU N      N  N N 362 
LEU CA     C  N S 363 
LEU C      C  N N 364 
LEU O      O  N N 365 
LEU CB     C  N N 366 
LEU CG     C  N N 367 
LEU CD1    C  N N 368 
LEU CD2    C  N N 369 
LEU OXT    O  N N 370 
LEU H      H  N N 371 
LEU H2     H  N N 372 
LEU HA     H  N N 373 
LEU HB2    H  N N 374 
LEU HB3    H  N N 375 
LEU HG     H  N N 376 
LEU HD11   H  N N 377 
LEU HD12   H  N N 378 
LEU HD13   H  N N 379 
LEU HD21   H  N N 380 
LEU HD22   H  N N 381 
LEU HD23   H  N N 382 
LEU HXT    H  N N 383 
LYS N      N  N N 384 
LYS CA     C  N S 385 
LYS C      C  N N 386 
LYS O      O  N N 387 
LYS CB     C  N N 388 
LYS CG     C  N N 389 
LYS CD     C  N N 390 
LYS CE     C  N N 391 
LYS NZ     N  N N 392 
LYS OXT    O  N N 393 
LYS H      H  N N 394 
LYS H2     H  N N 395 
LYS HA     H  N N 396 
LYS HB2    H  N N 397 
LYS HB3    H  N N 398 
LYS HG2    H  N N 399 
LYS HG3    H  N N 400 
LYS HD2    H  N N 401 
LYS HD3    H  N N 402 
LYS HE2    H  N N 403 
LYS HE3    H  N N 404 
LYS HZ1    H  N N 405 
LYS HZ2    H  N N 406 
LYS HZ3    H  N N 407 
LYS HXT    H  N N 408 
MET N      N  N N 409 
MET CA     C  N S 410 
MET C      C  N N 411 
MET O      O  N N 412 
MET CB     C  N N 413 
MET CG     C  N N 414 
MET SD     S  N N 415 
MET CE     C  N N 416 
MET OXT    O  N N 417 
MET H      H  N N 418 
MET H2     H  N N 419 
MET HA     H  N N 420 
MET HB2    H  N N 421 
MET HB3    H  N N 422 
MET HG2    H  N N 423 
MET HG3    H  N N 424 
MET HE1    H  N N 425 
MET HE2    H  N N 426 
MET HE3    H  N N 427 
MET HXT    H  N N 428 
PHE N      N  N N 429 
PHE CA     C  N S 430 
PHE C      C  N N 431 
PHE O      O  N N 432 
PHE CB     C  N N 433 
PHE CG     C  Y N 434 
PHE CD1    C  Y N 435 
PHE CD2    C  Y N 436 
PHE CE1    C  Y N 437 
PHE CE2    C  Y N 438 
PHE CZ     C  Y N 439 
PHE OXT    O  N N 440 
PHE H      H  N N 441 
PHE H2     H  N N 442 
PHE HA     H  N N 443 
PHE HB2    H  N N 444 
PHE HB3    H  N N 445 
PHE HD1    H  N N 446 
PHE HD2    H  N N 447 
PHE HE1    H  N N 448 
PHE HE2    H  N N 449 
PHE HZ     H  N N 450 
PHE HXT    H  N N 451 
PRO N      N  N N 452 
PRO CA     C  N S 453 
PRO C      C  N N 454 
PRO O      O  N N 455 
PRO CB     C  N N 456 
PRO CG     C  N N 457 
PRO CD     C  N N 458 
PRO OXT    O  N N 459 
PRO H      H  N N 460 
PRO HA     H  N N 461 
PRO HB2    H  N N 462 
PRO HB3    H  N N 463 
PRO HG2    H  N N 464 
PRO HG3    H  N N 465 
PRO HD2    H  N N 466 
PRO HD3    H  N N 467 
PRO HXT    H  N N 468 
SER N      N  N N 469 
SER CA     C  N S 470 
SER C      C  N N 471 
SER O      O  N N 472 
SER CB     C  N N 473 
SER OG     O  N N 474 
SER OXT    O  N N 475 
SER H      H  N N 476 
SER H2     H  N N 477 
SER HA     H  N N 478 
SER HB2    H  N N 479 
SER HB3    H  N N 480 
SER HG     H  N N 481 
SER HXT    H  N N 482 
THR N      N  N N 483 
THR CA     C  N S 484 
THR C      C  N N 485 
THR O      O  N N 486 
THR CB     C  N R 487 
THR OG1    O  N N 488 
THR CG2    C  N N 489 
THR OXT    O  N N 490 
THR H      H  N N 491 
THR H2     H  N N 492 
THR HA     H  N N 493 
THR HB     H  N N 494 
THR HG1    H  N N 495 
THR HG21   H  N N 496 
THR HG22   H  N N 497 
THR HG23   H  N N 498 
THR HXT    H  N N 499 
TYR N      N  N N 500 
TYR CA     C  N S 501 
TYR C      C  N N 502 
TYR O      O  N N 503 
TYR CB     C  N N 504 
TYR CG     C  Y N 505 
TYR CD1    C  Y N 506 
TYR CD2    C  Y N 507 
TYR CE1    C  Y N 508 
TYR CE2    C  Y N 509 
TYR CZ     C  Y N 510 
TYR OH     O  N N 511 
TYR OXT    O  N N 512 
TYR H      H  N N 513 
TYR H2     H  N N 514 
TYR HA     H  N N 515 
TYR HB2    H  N N 516 
TYR HB3    H  N N 517 
TYR HD1    H  N N 518 
TYR HD2    H  N N 519 
TYR HE1    H  N N 520 
TYR HE2    H  N N 521 
TYR HH     H  N N 522 
TYR HXT    H  N N 523 
VAL N      N  N N 524 
VAL CA     C  N S 525 
VAL C      C  N N 526 
VAL O      O  N N 527 
VAL CB     C  N N 528 
VAL CG1    C  N N 529 
VAL CG2    C  N N 530 
VAL OXT    O  N N 531 
VAL H      H  N N 532 
VAL H2     H  N N 533 
VAL HA     H  N N 534 
VAL HB     H  N N 535 
VAL HG11   H  N N 536 
VAL HG12   H  N N 537 
VAL HG13   H  N N 538 
VAL HG21   H  N N 539 
VAL HG22   H  N N 540 
VAL HG23   H  N N 541 
VAL HXT    H  N N 542 
ZN  ZN     ZN N N 543 
# 
loop_
_chem_comp_bond.comp_id 
_chem_comp_bond.atom_id_1 
_chem_comp_bond.atom_id_2 
_chem_comp_bond.value_order 
_chem_comp_bond.pdbx_aromatic_flag 
_chem_comp_bond.pdbx_stereo_config 
_chem_comp_bond.pdbx_ordinal 
5FC P     OP2    sing N N 1   
5FC P     OP1    doub N N 2   
5FC P     "O5'"  sing N N 3   
5FC P     OP3    sing N N 4   
5FC OP2   HOP2   sing N N 5   
5FC "O5'" "C5'"  sing N N 6   
5FC N1    C6     sing N N 7   
5FC N1    C2     sing N N 8   
5FC N1    "C1'"  sing N N 9   
5FC C6    C5     doub N N 10  
5FC C6    H6     sing N N 11  
5FC C2    O2     doub N N 12  
5FC C2    N3     sing N N 13  
5FC N3    C4     doub N N 14  
5FC C4    N4     sing N N 15  
5FC C4    C5     sing N N 16  
5FC N4    HN41   sing N N 17  
5FC N4    HN42   sing N N 18  
5FC C5    C5A    sing N N 19  
5FC "C2'" "C1'"  sing N N 20  
5FC "C2'" "C3'"  sing N N 21  
5FC "C2'" "H2'"  sing N N 22  
5FC "C2'" "H2''" sing N N 23  
5FC "C5'" "C4'"  sing N N 24  
5FC "C5'" "H5'"  sing N N 25  
5FC "C5'" "H5''" sing N N 26  
5FC "C4'" "O4'"  sing N N 27  
5FC "C4'" "C3'"  sing N N 28  
5FC "C4'" "H4'"  sing N N 29  
5FC "O4'" "C1'"  sing N N 30  
5FC "C1'" "H1'"  sing N N 31  
5FC "C3'" "O3'"  sing N N 32  
5FC "C3'" "H3'"  sing N N 33  
5FC "O3'" "HO3'" sing N N 34  
5FC C5A   O5A    doub N N 35  
5FC C5A   H5A    sing N N 36  
5FC OP3   HOP3   sing N N 37  
ALA N     CA     sing N N 38  
ALA N     H      sing N N 39  
ALA N     H2     sing N N 40  
ALA CA    C      sing N N 41  
ALA CA    CB     sing N N 42  
ALA CA    HA     sing N N 43  
ALA C     O      doub N N 44  
ALA C     OXT    sing N N 45  
ALA CB    HB1    sing N N 46  
ALA CB    HB2    sing N N 47  
ALA CB    HB3    sing N N 48  
ALA OXT   HXT    sing N N 49  
ARG N     CA     sing N N 50  
ARG N     H      sing N N 51  
ARG N     H2     sing N N 52  
ARG CA    C      sing N N 53  
ARG CA    CB     sing N N 54  
ARG CA    HA     sing N N 55  
ARG C     O      doub N N 56  
ARG C     OXT    sing N N 57  
ARG CB    CG     sing N N 58  
ARG CB    HB2    sing N N 59  
ARG CB    HB3    sing N N 60  
ARG CG    CD     sing N N 61  
ARG CG    HG2    sing N N 62  
ARG CG    HG3    sing N N 63  
ARG CD    NE     sing N N 64  
ARG CD    HD2    sing N N 65  
ARG CD    HD3    sing N N 66  
ARG NE    CZ     sing N N 67  
ARG NE    HE     sing N N 68  
ARG CZ    NH1    sing N N 69  
ARG CZ    NH2    doub N N 70  
ARG NH1   HH11   sing N N 71  
ARG NH1   HH12   sing N N 72  
ARG NH2   HH21   sing N N 73  
ARG NH2   HH22   sing N N 74  
ARG OXT   HXT    sing N N 75  
ASN N     CA     sing N N 76  
ASN N     H      sing N N 77  
ASN N     H2     sing N N 78  
ASN CA    C      sing N N 79  
ASN CA    CB     sing N N 80  
ASN CA    HA     sing N N 81  
ASN C     O      doub N N 82  
ASN C     OXT    sing N N 83  
ASN CB    CG     sing N N 84  
ASN CB    HB2    sing N N 85  
ASN CB    HB3    sing N N 86  
ASN CG    OD1    doub N N 87  
ASN CG    ND2    sing N N 88  
ASN ND2   HD21   sing N N 89  
ASN ND2   HD22   sing N N 90  
ASN OXT   HXT    sing N N 91  
ASP N     CA     sing N N 92  
ASP N     H      sing N N 93  
ASP N     H2     sing N N 94  
ASP CA    C      sing N N 95  
ASP CA    CB     sing N N 96  
ASP CA    HA     sing N N 97  
ASP C     O      doub N N 98  
ASP C     OXT    sing N N 99  
ASP CB    CG     sing N N 100 
ASP CB    HB2    sing N N 101 
ASP CB    HB3    sing N N 102 
ASP CG    OD1    doub N N 103 
ASP CG    OD2    sing N N 104 
ASP OD2   HD2    sing N N 105 
ASP OXT   HXT    sing N N 106 
CYS N     CA     sing N N 107 
CYS N     H      sing N N 108 
CYS N     H2     sing N N 109 
CYS CA    C      sing N N 110 
CYS CA    CB     sing N N 111 
CYS CA    HA     sing N N 112 
CYS C     O      doub N N 113 
CYS C     OXT    sing N N 114 
CYS CB    SG     sing N N 115 
CYS CB    HB2    sing N N 116 
CYS CB    HB3    sing N N 117 
CYS SG    HG     sing N N 118 
CYS OXT   HXT    sing N N 119 
DA  OP3   P      sing N N 120 
DA  OP3   HOP3   sing N N 121 
DA  P     OP1    doub N N 122 
DA  P     OP2    sing N N 123 
DA  P     "O5'"  sing N N 124 
DA  OP2   HOP2   sing N N 125 
DA  "O5'" "C5'"  sing N N 126 
DA  "C5'" "C4'"  sing N N 127 
DA  "C5'" "H5'"  sing N N 128 
DA  "C5'" "H5''" sing N N 129 
DA  "C4'" "O4'"  sing N N 130 
DA  "C4'" "C3'"  sing N N 131 
DA  "C4'" "H4'"  sing N N 132 
DA  "O4'" "C1'"  sing N N 133 
DA  "C3'" "O3'"  sing N N 134 
DA  "C3'" "C2'"  sing N N 135 
DA  "C3'" "H3'"  sing N N 136 
DA  "O3'" "HO3'" sing N N 137 
DA  "C2'" "C1'"  sing N N 138 
DA  "C2'" "H2'"  sing N N 139 
DA  "C2'" "H2''" sing N N 140 
DA  "C1'" N9     sing N N 141 
DA  "C1'" "H1'"  sing N N 142 
DA  N9    C8     sing Y N 143 
DA  N9    C4     sing Y N 144 
DA  C8    N7     doub Y N 145 
DA  C8    H8     sing N N 146 
DA  N7    C5     sing Y N 147 
DA  C5    C6     sing Y N 148 
DA  C5    C4     doub Y N 149 
DA  C6    N6     sing N N 150 
DA  C6    N1     doub Y N 151 
DA  N6    H61    sing N N 152 
DA  N6    H62    sing N N 153 
DA  N1    C2     sing Y N 154 
DA  C2    N3     doub Y N 155 
DA  C2    H2     sing N N 156 
DA  N3    C4     sing Y N 157 
DC  OP3   P      sing N N 158 
DC  OP3   HOP3   sing N N 159 
DC  P     OP1    doub N N 160 
DC  P     OP2    sing N N 161 
DC  P     "O5'"  sing N N 162 
DC  OP2   HOP2   sing N N 163 
DC  "O5'" "C5'"  sing N N 164 
DC  "C5'" "C4'"  sing N N 165 
DC  "C5'" "H5'"  sing N N 166 
DC  "C5'" "H5''" sing N N 167 
DC  "C4'" "O4'"  sing N N 168 
DC  "C4'" "C3'"  sing N N 169 
DC  "C4'" "H4'"  sing N N 170 
DC  "O4'" "C1'"  sing N N 171 
DC  "C3'" "O3'"  sing N N 172 
DC  "C3'" "C2'"  sing N N 173 
DC  "C3'" "H3'"  sing N N 174 
DC  "O3'" "HO3'" sing N N 175 
DC  "C2'" "C1'"  sing N N 176 
DC  "C2'" "H2'"  sing N N 177 
DC  "C2'" "H2''" sing N N 178 
DC  "C1'" N1     sing N N 179 
DC  "C1'" "H1'"  sing N N 180 
DC  N1    C2     sing N N 181 
DC  N1    C6     sing N N 182 
DC  C2    O2     doub N N 183 
DC  C2    N3     sing N N 184 
DC  N3    C4     doub N N 185 
DC  C4    N4     sing N N 186 
DC  C4    C5     sing N N 187 
DC  N4    H41    sing N N 188 
DC  N4    H42    sing N N 189 
DC  C5    C6     doub N N 190 
DC  C5    H5     sing N N 191 
DC  C6    H6     sing N N 192 
DG  OP3   P      sing N N 193 
DG  OP3   HOP3   sing N N 194 
DG  P     OP1    doub N N 195 
DG  P     OP2    sing N N 196 
DG  P     "O5'"  sing N N 197 
DG  OP2   HOP2   sing N N 198 
DG  "O5'" "C5'"  sing N N 199 
DG  "C5'" "C4'"  sing N N 200 
DG  "C5'" "H5'"  sing N N 201 
DG  "C5'" "H5''" sing N N 202 
DG  "C4'" "O4'"  sing N N 203 
DG  "C4'" "C3'"  sing N N 204 
DG  "C4'" "H4'"  sing N N 205 
DG  "O4'" "C1'"  sing N N 206 
DG  "C3'" "O3'"  sing N N 207 
DG  "C3'" "C2'"  sing N N 208 
DG  "C3'" "H3'"  sing N N 209 
DG  "O3'" "HO3'" sing N N 210 
DG  "C2'" "C1'"  sing N N 211 
DG  "C2'" "H2'"  sing N N 212 
DG  "C2'" "H2''" sing N N 213 
DG  "C1'" N9     sing N N 214 
DG  "C1'" "H1'"  sing N N 215 
DG  N9    C8     sing Y N 216 
DG  N9    C4     sing Y N 217 
DG  C8    N7     doub Y N 218 
DG  C8    H8     sing N N 219 
DG  N7    C5     sing Y N 220 
DG  C5    C6     sing N N 221 
DG  C5    C4     doub Y N 222 
DG  C6    O6     doub N N 223 
DG  C6    N1     sing N N 224 
DG  N1    C2     sing N N 225 
DG  N1    H1     sing N N 226 
DG  C2    N2     sing N N 227 
DG  C2    N3     doub N N 228 
DG  N2    H21    sing N N 229 
DG  N2    H22    sing N N 230 
DG  N3    C4     sing N N 231 
DT  OP3   P      sing N N 232 
DT  OP3   HOP3   sing N N 233 
DT  P     OP1    doub N N 234 
DT  P     OP2    sing N N 235 
DT  P     "O5'"  sing N N 236 
DT  OP2   HOP2   sing N N 237 
DT  "O5'" "C5'"  sing N N 238 
DT  "C5'" "C4'"  sing N N 239 
DT  "C5'" "H5'"  sing N N 240 
DT  "C5'" "H5''" sing N N 241 
DT  "C4'" "O4'"  sing N N 242 
DT  "C4'" "C3'"  sing N N 243 
DT  "C4'" "H4'"  sing N N 244 
DT  "O4'" "C1'"  sing N N 245 
DT  "C3'" "O3'"  sing N N 246 
DT  "C3'" "C2'"  sing N N 247 
DT  "C3'" "H3'"  sing N N 248 
DT  "O3'" "HO3'" sing N N 249 
DT  "C2'" "C1'"  sing N N 250 
DT  "C2'" "H2'"  sing N N 251 
DT  "C2'" "H2''" sing N N 252 
DT  "C1'" N1     sing N N 253 
DT  "C1'" "H1'"  sing N N 254 
DT  N1    C2     sing N N 255 
DT  N1    C6     sing N N 256 
DT  C2    O2     doub N N 257 
DT  C2    N3     sing N N 258 
DT  N3    C4     sing N N 259 
DT  N3    H3     sing N N 260 
DT  C4    O4     doub N N 261 
DT  C4    C5     sing N N 262 
DT  C5    C7     sing N N 263 
DT  C5    C6     doub N N 264 
DT  C7    H71    sing N N 265 
DT  C7    H72    sing N N 266 
DT  C7    H73    sing N N 267 
DT  C6    H6     sing N N 268 
GLN N     CA     sing N N 269 
GLN N     H      sing N N 270 
GLN N     H2     sing N N 271 
GLN CA    C      sing N N 272 
GLN CA    CB     sing N N 273 
GLN CA    HA     sing N N 274 
GLN C     O      doub N N 275 
GLN C     OXT    sing N N 276 
GLN CB    CG     sing N N 277 
GLN CB    HB2    sing N N 278 
GLN CB    HB3    sing N N 279 
GLN CG    CD     sing N N 280 
GLN CG    HG2    sing N N 281 
GLN CG    HG3    sing N N 282 
GLN CD    OE1    doub N N 283 
GLN CD    NE2    sing N N 284 
GLN NE2   HE21   sing N N 285 
GLN NE2   HE22   sing N N 286 
GLN OXT   HXT    sing N N 287 
GLU N     CA     sing N N 288 
GLU N     H      sing N N 289 
GLU N     H2     sing N N 290 
GLU CA    C      sing N N 291 
GLU CA    CB     sing N N 292 
GLU CA    HA     sing N N 293 
GLU C     O      doub N N 294 
GLU C     OXT    sing N N 295 
GLU CB    CG     sing N N 296 
GLU CB    HB2    sing N N 297 
GLU CB    HB3    sing N N 298 
GLU CG    CD     sing N N 299 
GLU CG    HG2    sing N N 300 
GLU CG    HG3    sing N N 301 
GLU CD    OE1    doub N N 302 
GLU CD    OE2    sing N N 303 
GLU OE2   HE2    sing N N 304 
GLU OXT   HXT    sing N N 305 
GLY N     CA     sing N N 306 
GLY N     H      sing N N 307 
GLY N     H2     sing N N 308 
GLY CA    C      sing N N 309 
GLY CA    HA2    sing N N 310 
GLY CA    HA3    sing N N 311 
GLY C     O      doub N N 312 
GLY C     OXT    sing N N 313 
GLY OXT   HXT    sing N N 314 
HIS N     CA     sing N N 315 
HIS N     H      sing N N 316 
HIS N     H2     sing N N 317 
HIS CA    C      sing N N 318 
HIS CA    CB     sing N N 319 
HIS CA    HA     sing N N 320 
HIS C     O      doub N N 321 
HIS C     OXT    sing N N 322 
HIS CB    CG     sing N N 323 
HIS CB    HB2    sing N N 324 
HIS CB    HB3    sing N N 325 
HIS CG    ND1    sing Y N 326 
HIS CG    CD2    doub Y N 327 
HIS ND1   CE1    doub Y N 328 
HIS ND1   HD1    sing N N 329 
HIS CD2   NE2    sing Y N 330 
HIS CD2   HD2    sing N N 331 
HIS CE1   NE2    sing Y N 332 
HIS CE1   HE1    sing N N 333 
HIS NE2   HE2    sing N N 334 
HIS OXT   HXT    sing N N 335 
HOH O     H1     sing N N 336 
HOH O     H2     sing N N 337 
ILE N     CA     sing N N 338 
ILE N     H      sing N N 339 
ILE N     H2     sing N N 340 
ILE CA    C      sing N N 341 
ILE CA    CB     sing N N 342 
ILE CA    HA     sing N N 343 
ILE C     O      doub N N 344 
ILE C     OXT    sing N N 345 
ILE CB    CG1    sing N N 346 
ILE CB    CG2    sing N N 347 
ILE CB    HB     sing N N 348 
ILE CG1   CD1    sing N N 349 
ILE CG1   HG12   sing N N 350 
ILE CG1   HG13   sing N N 351 
ILE CG2   HG21   sing N N 352 
ILE CG2   HG22   sing N N 353 
ILE CG2   HG23   sing N N 354 
ILE CD1   HD11   sing N N 355 
ILE CD1   HD12   sing N N 356 
ILE CD1   HD13   sing N N 357 
ILE OXT   HXT    sing N N 358 
LEU N     CA     sing N N 359 
LEU N     H      sing N N 360 
LEU N     H2     sing N N 361 
LEU CA    C      sing N N 362 
LEU CA    CB     sing N N 363 
LEU CA    HA     sing N N 364 
LEU C     O      doub N N 365 
LEU C     OXT    sing N N 366 
LEU CB    CG     sing N N 367 
LEU CB    HB2    sing N N 368 
LEU CB    HB3    sing N N 369 
LEU CG    CD1    sing N N 370 
LEU CG    CD2    sing N N 371 
LEU CG    HG     sing N N 372 
LEU CD1   HD11   sing N N 373 
LEU CD1   HD12   sing N N 374 
LEU CD1   HD13   sing N N 375 
LEU CD2   HD21   sing N N 376 
LEU CD2   HD22   sing N N 377 
LEU CD2   HD23   sing N N 378 
LEU OXT   HXT    sing N N 379 
LYS N     CA     sing N N 380 
LYS N     H      sing N N 381 
LYS N     H2     sing N N 382 
LYS CA    C      sing N N 383 
LYS CA    CB     sing N N 384 
LYS CA    HA     sing N N 385 
LYS C     O      doub N N 386 
LYS C     OXT    sing N N 387 
LYS CB    CG     sing N N 388 
LYS CB    HB2    sing N N 389 
LYS CB    HB3    sing N N 390 
LYS CG    CD     sing N N 391 
LYS CG    HG2    sing N N 392 
LYS CG    HG3    sing N N 393 
LYS CD    CE     sing N N 394 
LYS CD    HD2    sing N N 395 
LYS CD    HD3    sing N N 396 
LYS CE    NZ     sing N N 397 
LYS CE    HE2    sing N N 398 
LYS CE    HE3    sing N N 399 
LYS NZ    HZ1    sing N N 400 
LYS NZ    HZ2    sing N N 401 
LYS NZ    HZ3    sing N N 402 
LYS OXT   HXT    sing N N 403 
MET N     CA     sing N N 404 
MET N     H      sing N N 405 
MET N     H2     sing N N 406 
MET CA    C      sing N N 407 
MET CA    CB     sing N N 408 
MET CA    HA     sing N N 409 
MET C     O      doub N N 410 
MET C     OXT    sing N N 411 
MET CB    CG     sing N N 412 
MET CB    HB2    sing N N 413 
MET CB    HB3    sing N N 414 
MET CG    SD     sing N N 415 
MET CG    HG2    sing N N 416 
MET CG    HG3    sing N N 417 
MET SD    CE     sing N N 418 
MET CE    HE1    sing N N 419 
MET CE    HE2    sing N N 420 
MET CE    HE3    sing N N 421 
MET OXT   HXT    sing N N 422 
PHE N     CA     sing N N 423 
PHE N     H      sing N N 424 
PHE N     H2     sing N N 425 
PHE CA    C      sing N N 426 
PHE CA    CB     sing N N 427 
PHE CA    HA     sing N N 428 
PHE C     O      doub N N 429 
PHE C     OXT    sing N N 430 
PHE CB    CG     sing N N 431 
PHE CB    HB2    sing N N 432 
PHE CB    HB3    sing N N 433 
PHE CG    CD1    doub Y N 434 
PHE CG    CD2    sing Y N 435 
PHE CD1   CE1    sing Y N 436 
PHE CD1   HD1    sing N N 437 
PHE CD2   CE2    doub Y N 438 
PHE CD2   HD2    sing N N 439 
PHE CE1   CZ     doub Y N 440 
PHE CE1   HE1    sing N N 441 
PHE CE2   CZ     sing Y N 442 
PHE CE2   HE2    sing N N 443 
PHE CZ    HZ     sing N N 444 
PHE OXT   HXT    sing N N 445 
PRO N     CA     sing N N 446 
PRO N     CD     sing N N 447 
PRO N     H      sing N N 448 
PRO CA    C      sing N N 449 
PRO CA    CB     sing N N 450 
PRO CA    HA     sing N N 451 
PRO C     O      doub N N 452 
PRO C     OXT    sing N N 453 
PRO CB    CG     sing N N 454 
PRO CB    HB2    sing N N 455 
PRO CB    HB3    sing N N 456 
PRO CG    CD     sing N N 457 
PRO CG    HG2    sing N N 458 
PRO CG    HG3    sing N N 459 
PRO CD    HD2    sing N N 460 
PRO CD    HD3    sing N N 461 
PRO OXT   HXT    sing N N 462 
SER N     CA     sing N N 463 
SER N     H      sing N N 464 
SER N     H2     sing N N 465 
SER CA    C      sing N N 466 
SER CA    CB     sing N N 467 
SER CA    HA     sing N N 468 
SER C     O      doub N N 469 
SER C     OXT    sing N N 470 
SER CB    OG     sing N N 471 
SER CB    HB2    sing N N 472 
SER CB    HB3    sing N N 473 
SER OG    HG     sing N N 474 
SER OXT   HXT    sing N N 475 
THR N     CA     sing N N 476 
THR N     H      sing N N 477 
THR N     H2     sing N N 478 
THR CA    C      sing N N 479 
THR CA    CB     sing N N 480 
THR CA    HA     sing N N 481 
THR C     O      doub N N 482 
THR C     OXT    sing N N 483 
THR CB    OG1    sing N N 484 
THR CB    CG2    sing N N 485 
THR CB    HB     sing N N 486 
THR OG1   HG1    sing N N 487 
THR CG2   HG21   sing N N 488 
THR CG2   HG22   sing N N 489 
THR CG2   HG23   sing N N 490 
THR OXT   HXT    sing N N 491 
TYR N     CA     sing N N 492 
TYR N     H      sing N N 493 
TYR N     H2     sing N N 494 
TYR CA    C      sing N N 495 
TYR CA    CB     sing N N 496 
TYR CA    HA     sing N N 497 
TYR C     O      doub N N 498 
TYR C     OXT    sing N N 499 
TYR CB    CG     sing N N 500 
TYR CB    HB2    sing N N 501 
TYR CB    HB3    sing N N 502 
TYR CG    CD1    doub Y N 503 
TYR CG    CD2    sing Y N 504 
TYR CD1   CE1    sing Y N 505 
TYR CD1   HD1    sing N N 506 
TYR CD2   CE2    doub Y N 507 
TYR CD2   HD2    sing N N 508 
TYR CE1   CZ     doub Y N 509 
TYR CE1   HE1    sing N N 510 
TYR CE2   CZ     sing Y N 511 
TYR CE2   HE2    sing N N 512 
TYR CZ    OH     sing N N 513 
TYR OH    HH     sing N N 514 
TYR OXT   HXT    sing N N 515 
VAL N     CA     sing N N 516 
VAL N     H      sing N N 517 
VAL N     H2     sing N N 518 
VAL CA    C      sing N N 519 
VAL CA    CB     sing N N 520 
VAL CA    HA     sing N N 521 
VAL C     O      doub N N 522 
VAL C     OXT    sing N N 523 
VAL CB    CG1    sing N N 524 
VAL CB    CG2    sing N N 525 
VAL CB    HB     sing N N 526 
VAL CG1   HG11   sing N N 527 
VAL CG1   HG12   sing N N 528 
VAL CG1   HG13   sing N N 529 
VAL CG2   HG21   sing N N 530 
VAL CG2   HG22   sing N N 531 
VAL CG2   HG23   sing N N 532 
VAL OXT   HXT    sing N N 533 
# 
loop_
_ndb_struct_conf_na.entry_id 
_ndb_struct_conf_na.feature 
4R2D 'double helix'        
4R2D 'b-form double helix' 
# 
loop_
_ndb_struct_na_base_pair.model_number 
_ndb_struct_na_base_pair.i_label_asym_id 
_ndb_struct_na_base_pair.i_label_comp_id 
_ndb_struct_na_base_pair.i_label_seq_id 
_ndb_struct_na_base_pair.i_symmetry 
_ndb_struct_na_base_pair.j_label_asym_id 
_ndb_struct_na_base_pair.j_label_comp_id 
_ndb_struct_na_base_pair.j_label_seq_id 
_ndb_struct_na_base_pair.j_symmetry 
_ndb_struct_na_base_pair.shear 
_ndb_struct_na_base_pair.stretch 
_ndb_struct_na_base_pair.stagger 
_ndb_struct_na_base_pair.buckle 
_ndb_struct_na_base_pair.propeller 
_ndb_struct_na_base_pair.opening 
_ndb_struct_na_base_pair.pair_number 
_ndb_struct_na_base_pair.pair_name 
_ndb_struct_na_base_pair.i_auth_asym_id 
_ndb_struct_na_base_pair.i_auth_seq_id 
_ndb_struct_na_base_pair.i_PDB_ins_code 
_ndb_struct_na_base_pair.j_auth_asym_id 
_ndb_struct_na_base_pair.j_auth_seq_id 
_ndb_struct_na_base_pair.j_PDB_ins_code 
_ndb_struct_na_base_pair.hbond_type_28 
_ndb_struct_na_base_pair.hbond_type_12 
1 B DG  2  1_555 C DC  11 1_555 -0.344 -0.312 -0.049 -7.480 -5.017  3.860  1  B_DG2:DC11_C  B 2  ? C 11 ? 19 1 
1 B DC  3  1_555 C DG  10 1_555 0.756  -0.059 -0.360 12.750 -2.468  10.012 2  B_DC3:DG10_C  B 3  ? C 10 ? 19 1 
1 B DG  4  1_555 C DC  9  1_555 -0.447 -0.062 0.127  1.139  -5.406  0.554  3  B_DG4:DC9_C   B 4  ? C 9  ? 19 1 
1 B DT  5  1_555 C DA  8  1_555 0.520  0.037  0.101  11.497 -10.963 8.914  4  B_DT5:DA8_C   B 5  ? C 8  ? 20 1 
1 B DG  6  1_555 C DC  7  1_555 -0.873 0.034  0.619  9.854  -11.342 3.998  5  B_DG6:DC7_C   B 6  ? C 7  ? 19 1 
1 B DG  7  1_555 C DC  6  1_555 -0.175 -0.012 0.354  -7.173 -13.646 -2.919 6  B_DG7:DC6_C   B 7  ? C 6  ? 19 1 
1 B DG  8  1_555 C DC  5  1_555 0.377  -0.119 0.005  -0.238 -16.398 -4.072 7  B_DG8:DC5_C   B 8  ? C 5  ? 19 1 
1 B 5FC 9  1_555 C DG  4  1_555 -0.170 -0.053 0.004  -3.853 -11.555 -1.488 8  B_5FC9:DG4_C  B 9  ? C 4  ? 19 1 
1 B DG  10 1_555 C 5FC 3  1_555 -0.449 -0.102 0.325  5.576  -14.074 4.431  9  B_DG10:5FC3_C B 10 ? C 3  ? 19 1 
1 B DT  11 1_555 C DA  2  1_555 0.377  -0.034 -0.222 6.418  -9.879  4.683  10 B_DT11:DA2_C  B 11 ? C 2  ? 20 1 
# 
loop_
_ndb_struct_na_base_pair_step.model_number 
_ndb_struct_na_base_pair_step.i_label_asym_id_1 
_ndb_struct_na_base_pair_step.i_label_comp_id_1 
_ndb_struct_na_base_pair_step.i_label_seq_id_1 
_ndb_struct_na_base_pair_step.i_symmetry_1 
_ndb_struct_na_base_pair_step.j_label_asym_id_1 
_ndb_struct_na_base_pair_step.j_label_comp_id_1 
_ndb_struct_na_base_pair_step.j_label_seq_id_1 
_ndb_struct_na_base_pair_step.j_symmetry_1 
_ndb_struct_na_base_pair_step.i_label_asym_id_2 
_ndb_struct_na_base_pair_step.i_label_comp_id_2 
_ndb_struct_na_base_pair_step.i_label_seq_id_2 
_ndb_struct_na_base_pair_step.i_symmetry_2 
_ndb_struct_na_base_pair_step.j_label_asym_id_2 
_ndb_struct_na_base_pair_step.j_label_comp_id_2 
_ndb_struct_na_base_pair_step.j_label_seq_id_2 
_ndb_struct_na_base_pair_step.j_symmetry_2 
_ndb_struct_na_base_pair_step.shift 
_ndb_struct_na_base_pair_step.slide 
_ndb_struct_na_base_pair_step.rise 
_ndb_struct_na_base_pair_step.tilt 
_ndb_struct_na_base_pair_step.roll 
_ndb_struct_na_base_pair_step.twist 
_ndb_struct_na_base_pair_step.x_displacement 
_ndb_struct_na_base_pair_step.y_displacement 
_ndb_struct_na_base_pair_step.helical_rise 
_ndb_struct_na_base_pair_step.inclination 
_ndb_struct_na_base_pair_step.tip 
_ndb_struct_na_base_pair_step.helical_twist 
_ndb_struct_na_base_pair_step.step_number 
_ndb_struct_na_base_pair_step.step_name 
_ndb_struct_na_base_pair_step.i_auth_asym_id_1 
_ndb_struct_na_base_pair_step.i_auth_seq_id_1 
_ndb_struct_na_base_pair_step.i_PDB_ins_code_1 
_ndb_struct_na_base_pair_step.j_auth_asym_id_1 
_ndb_struct_na_base_pair_step.j_auth_seq_id_1 
_ndb_struct_na_base_pair_step.j_PDB_ins_code_1 
_ndb_struct_na_base_pair_step.i_auth_asym_id_2 
_ndb_struct_na_base_pair_step.i_auth_seq_id_2 
_ndb_struct_na_base_pair_step.i_PDB_ins_code_2 
_ndb_struct_na_base_pair_step.j_auth_asym_id_2 
_ndb_struct_na_base_pair_step.j_auth_seq_id_2 
_ndb_struct_na_base_pair_step.j_PDB_ins_code_2 
1 B DG  2  1_555 C DC  11 1_555 B DC  3  1_555 C DG  10 1_555 0.805  -0.337 2.808 2.264  7.185  28.454 -1.982 -1.170 2.698 14.302  
-4.506 29.415 1 BB_DG2DC3:DG10DC11_CC  B 2  ? C 11 ? B 3  ? C 10 ? 
1 B DC  3  1_555 C DG  10 1_555 B DG  4  1_555 C DC  9  1_555 -1.356 -0.424 3.494 -6.815 5.925  29.350 -2.088 1.084  3.561 11.359  
13.066 30.679 2 BB_DC3DG4:DC9DG10_CC   B 3  ? C 10 ? B 4  ? C 9  ? 
1 B DG  4  1_555 C DC  9  1_555 B DT  5  1_555 C DA  8  1_555 0.650  -0.597 3.088 -0.033 10.089 31.965 -2.564 -1.133 2.777 17.776  
0.057  33.480 3 BB_DG4DT5:DA8DC9_CC    B 4  ? C 9  ? B 5  ? C 8  ? 
1 B DT  5  1_555 C DA  8  1_555 B DG  6  1_555 C DC  7  1_555 -1.107 -0.275 3.291 -9.514 -2.691 29.204 0.042  0.108  3.482 -5.155  
18.222 30.798 4 BB_DT5DG6:DC7DA8_CC    B 5  ? C 8  ? B 6  ? C 7  ? 
1 B DG  6  1_555 C DC  7  1_555 B DG  7  1_555 C DC  6  1_555 -0.871 -1.029 3.633 -1.532 -2.155 36.909 -1.295 1.141  3.717 -3.399  
2.416  37.000 5 BB_DG6DG7:DC6DC7_CC    B 6  ? C 7  ? B 7  ? C 6  ? 
1 B DG  7  1_555 C DC  6  1_555 B DG  8  1_555 C DC  5  1_555 -0.146 -0.499 3.232 0.950  8.470  37.549 -1.780 0.337  3.048 12.955  
-1.453 38.470 6 BB_DG7DG8:DC5DC6_CC    B 7  ? C 6  ? B 8  ? C 5  ? 
1 B DG  8  1_555 C DC  5  1_555 B 5FC 9  1_555 C DG  4  1_555 1.018  -0.662 3.316 2.304  -7.595 26.377 0.575  -1.543 3.444 -16.184 
-4.909 27.525 7 BB_DG85FC9:DG4DC5_CC   B 8  ? C 5  ? B 9  ? C 4  ? 
1 B 5FC 9  1_555 C DG  4  1_555 B DG  10 1_555 C 5FC 3  1_555 -0.387 -0.084 3.109 -0.850 9.462  32.345 -1.609 0.536  2.976 16.545  
1.487  33.675 8 BB_5FC9DG10:5FC3DG4_CC B 9  ? C 4  ? B 10 ? C 3  ? 
1 B DG  10 1_555 C 5FC 3  1_555 B DT  11 1_555 C DA  2  1_555 0.460  -0.472 3.291 2.770  3.037  34.826 -1.241 -0.346 3.265 5.052   
-4.608 35.060 9 BB_DG10DT11:DA25FC3_CC B 10 ? C 3  ? B 11 ? C 2  ? 
# 
loop_
_pdbx_entity_nonpoly.entity_id 
_pdbx_entity_nonpoly.name 
_pdbx_entity_nonpoly.comp_id 
4 'ZINC ION' ZN  
5 water      HOH 
# 
_pdbx_initial_refinement_model.id               1 
_pdbx_initial_refinement_model.entity_id_list   ? 
_pdbx_initial_refinement_model.type             'experimental model' 
_pdbx_initial_refinement_model.source_name      PDB 
_pdbx_initial_refinement_model.accession_code   4R2A 
_pdbx_initial_refinement_model.details          'PDB ENTRY 4R2A' 
# 
